data_3WCC
#
_entry.id   3WCC
#
_cell.length_a   79.073
_cell.length_b   131.597
_cell.length_c   143.117
_cell.angle_alpha   90.00
_cell.angle_beta   90.00
_cell.angle_gamma   90.00
#
_symmetry.space_group_name_H-M   'P 21 21 21'
#
loop_
_entity.id
_entity.type
_entity.pdbx_description
1 polymer 'Farnesyltransferase, putative'
2 non-polymer (3R)-3-({2-benzyl-6-[(3R,4S)-3-hydroxy-4-methoxypyrrolidin-1-yl]pyridin-3-yl}ethynyl)-1-azabicyclo[2.2.2]octan-3-ol
3 water water
#
_entity_poly.entity_id   1
_entity_poly.type   'polypeptide(L)'
_entity_poly.pdbx_seq_one_letter_code
;MGSSHHHHHHSSGLVPRGSHMACNDEDLRFCYDILQAVSRSFAVVIMELDEEMRDAVCIFYLVLRALDTVEDDMSIPVEF
KLRELPKFHEHLHDTTWCMSGVGVGRERELLERYTHVTRAYSRLGKAYQDVISGICERMANGMCDFLTRKVETKADYDLY
CHYVAGLVGHGLTLLYVSSGLEDVRLADDLTNANHMGLFLQKTNIIRDFYEDICEVPPRVFWPREIWEKYTDDLHAFKDE
LHEAKAVECLNAMVADALVHVPHVVEYLASLRDPSVFAFSAIPQVMAMATLSLVFNNKDVFHTKVKTTRGATARIFHYST
ELQATLQMLKTYTLRLAARMNAQDACYDRIEHLVNDAIRAMESHQ
;
_entity_poly.pdbx_strand_id   A,B,C,D
#
loop_
_chem_comp.id
_chem_comp.type
_chem_comp.name
_chem_comp.formula
E5S non-polymer (3R)-3-({2-benzyl-6-[(3R,4S)-3-hydroxy-4-methoxypyrrolidin-1-yl]pyridin-3-yl}ethynyl)-1-azabicyclo[2.2.2]octan-3-ol 'C26 H31 N3 O3'
#
# COMPACT_ATOMS: atom_id res chain seq x y z
N ASP A 25 -4.50 -51.88 5.49
CA ASP A 25 -3.83 -50.55 5.45
C ASP A 25 -3.25 -50.26 4.07
N GLU A 26 -2.77 -51.31 3.40
CA GLU A 26 -2.21 -51.19 2.05
C GLU A 26 -3.25 -50.56 1.12
N ASP A 27 -4.50 -50.90 1.35
CA ASP A 27 -5.59 -50.38 0.56
C ASP A 27 -5.67 -48.88 0.74
N LEU A 28 -5.69 -48.44 1.98
CA LEU A 28 -5.75 -47.01 2.28
C LEU A 28 -4.58 -46.29 1.63
N ARG A 29 -3.44 -46.98 1.54
CA ARG A 29 -2.26 -46.40 0.94
C ARG A 29 -2.43 -46.28 -0.58
N PHE A 30 -3.20 -47.19 -1.18
CA PHE A 30 -3.46 -47.12 -2.62
C PHE A 30 -4.33 -45.90 -2.90
N CYS A 31 -5.32 -45.69 -2.04
CA CYS A 31 -6.25 -44.58 -2.18
C CYS A 31 -5.51 -43.26 -2.29
N TYR A 32 -4.65 -42.97 -1.31
CA TYR A 32 -3.88 -41.74 -1.34
C TYR A 32 -3.02 -41.67 -2.60
N ASP A 33 -2.46 -42.80 -3.00
CA ASP A 33 -1.63 -42.85 -4.20
C ASP A 33 -2.45 -42.53 -5.45
N ILE A 34 -3.61 -43.18 -5.60
CA ILE A 34 -4.44 -42.94 -6.77
C ILE A 34 -4.91 -41.48 -6.73
N LEU A 35 -5.16 -40.99 -5.53
CA LEU A 35 -5.63 -39.63 -5.30
C LEU A 35 -4.68 -38.59 -5.92
N GLN A 36 -3.41 -38.73 -5.57
CA GLN A 36 -2.35 -37.85 -6.05
C GLN A 36 -2.20 -37.95 -7.56
N ALA A 37 -2.43 -39.14 -8.10
CA ALA A 37 -2.31 -39.37 -9.53
C ALA A 37 -3.47 -38.73 -10.29
N VAL A 38 -4.65 -38.83 -9.72
CA VAL A 38 -5.87 -38.30 -10.33
C VAL A 38 -6.08 -36.79 -10.12
N SER A 39 -5.60 -36.25 -8.99
CA SER A 39 -5.77 -34.82 -8.74
C SER A 39 -4.68 -34.25 -7.84
N ARG A 40 -3.58 -33.82 -8.46
CA ARG A 40 -2.44 -33.25 -7.76
C ARG A 40 -2.86 -32.23 -6.70
N SER A 41 -3.65 -31.26 -7.13
CA SER A 41 -4.11 -30.18 -6.26
C SER A 41 -4.90 -30.60 -5.03
N PHE A 42 -6.07 -31.20 -5.24
CA PHE A 42 -6.89 -31.63 -4.11
C PHE A 42 -6.11 -32.50 -3.13
N ALA A 43 -5.12 -33.22 -3.65
CA ALA A 43 -4.28 -34.12 -2.86
C ALA A 43 -3.28 -33.39 -1.97
N VAL A 44 -3.17 -32.08 -2.16
CA VAL A 44 -2.29 -31.29 -1.31
C VAL A 44 -3.24 -30.64 -0.30
N VAL A 45 -4.40 -30.21 -0.79
CA VAL A 45 -5.40 -29.57 0.08
C VAL A 45 -5.92 -30.53 1.14
N ILE A 46 -6.13 -31.79 0.75
CA ILE A 46 -6.64 -32.80 1.67
C ILE A 46 -5.70 -33.01 2.85
N MET A 47 -4.40 -32.81 2.62
CA MET A 47 -3.40 -32.98 3.67
C MET A 47 -3.56 -32.01 4.85
N GLU A 48 -4.49 -31.08 4.72
CA GLU A 48 -4.73 -30.12 5.80
C GLU A 48 -5.63 -30.78 6.88
N LEU A 49 -6.34 -31.84 6.50
CA LEU A 49 -7.23 -32.53 7.43
C LEU A 49 -6.47 -33.54 8.30
N ASP A 50 -6.95 -33.73 9.54
CA ASP A 50 -6.37 -34.69 10.48
C ASP A 50 -6.61 -36.09 9.91
N GLU A 51 -5.64 -36.98 10.10
CA GLU A 51 -5.72 -38.34 9.59
C GLU A 51 -7.09 -39.01 9.47
N GLU A 52 -7.85 -39.08 10.55
CA GLU A 52 -9.16 -39.74 10.53
C GLU A 52 -10.15 -39.16 9.53
N MET A 53 -10.35 -37.86 9.61
CA MET A 53 -11.24 -37.14 8.72
C MET A 53 -10.66 -37.24 7.31
N ARG A 54 -9.34 -37.13 7.21
CA ARG A 54 -8.63 -37.18 5.94
C ARG A 54 -8.91 -38.48 5.19
N ASP A 55 -8.84 -39.61 5.90
CA ASP A 55 -9.09 -40.92 5.32
C ASP A 55 -10.49 -40.97 4.72
N ALA A 56 -11.47 -40.56 5.51
CA ALA A 56 -12.86 -40.55 5.08
C ALA A 56 -13.10 -39.65 3.87
N VAL A 57 -12.44 -38.48 3.85
CA VAL A 57 -12.60 -37.54 2.75
C VAL A 57 -11.92 -38.03 1.49
N CYS A 58 -10.76 -38.63 1.66
CA CYS A 58 -10.00 -39.17 0.54
C CYS A 58 -10.79 -40.27 -0.17
N ILE A 59 -11.43 -41.12 0.62
CA ILE A 59 -12.22 -42.22 0.09
C ILE A 59 -13.48 -41.64 -0.54
N PHE A 60 -14.06 -40.66 0.14
CA PHE A 60 -15.26 -39.97 -0.33
C PHE A 60 -15.01 -39.41 -1.74
N TYR A 61 -13.84 -38.79 -1.92
CA TYR A 61 -13.43 -38.21 -3.20
C TYR A 61 -13.24 -39.27 -4.27
N LEU A 62 -12.54 -40.35 -3.93
CA LEU A 62 -12.31 -41.42 -4.89
C LEU A 62 -13.63 -42.06 -5.32
N VAL A 63 -14.57 -42.19 -4.40
CA VAL A 63 -15.87 -42.76 -4.72
C VAL A 63 -16.53 -41.88 -5.78
N LEU A 64 -16.67 -40.59 -5.49
CA LEU A 64 -17.30 -39.69 -6.44
C LEU A 64 -16.50 -39.58 -7.73
N ARG A 65 -15.18 -39.65 -7.63
CA ARG A 65 -14.33 -39.55 -8.81
C ARG A 65 -14.56 -40.74 -9.75
N ALA A 66 -14.69 -41.94 -9.18
CA ALA A 66 -14.92 -43.12 -10.01
C ALA A 66 -16.27 -42.95 -10.69
N LEU A 67 -17.20 -42.37 -9.94
CA LEU A 67 -18.55 -42.11 -10.41
C LEU A 67 -18.48 -41.14 -11.59
N ASP A 68 -17.67 -40.11 -11.43
CA ASP A 68 -17.49 -39.10 -12.46
C ASP A 68 -16.88 -39.69 -13.73
N THR A 69 -16.07 -40.74 -13.56
CA THR A 69 -15.40 -41.39 -14.67
C THR A 69 -16.38 -42.18 -15.55
N VAL A 70 -17.45 -42.68 -14.95
CA VAL A 70 -18.44 -43.44 -15.70
C VAL A 70 -19.32 -42.47 -16.49
N GLU A 71 -19.86 -41.47 -15.82
CA GLU A 71 -20.71 -40.47 -16.48
C GLU A 71 -19.98 -39.78 -17.63
N ASP A 72 -18.69 -39.51 -17.42
CA ASP A 72 -17.86 -38.80 -18.37
C ASP A 72 -17.37 -39.56 -19.60
N ASP A 73 -17.16 -40.87 -19.48
CA ASP A 73 -16.67 -41.66 -20.59
C ASP A 73 -17.69 -41.63 -21.73
N MET A 74 -17.41 -40.85 -22.75
CA MET A 74 -18.32 -40.73 -23.87
C MET A 74 -18.16 -41.83 -24.91
N SER A 75 -17.37 -42.85 -24.61
CA SER A 75 -17.17 -43.94 -25.55
C SER A 75 -18.11 -45.10 -25.22
N ILE A 76 -18.77 -45.01 -24.06
CA ILE A 76 -19.70 -46.05 -23.64
C ILE A 76 -21.14 -45.56 -23.75
N PRO A 77 -22.09 -46.50 -23.97
CA PRO A 77 -23.54 -46.27 -24.13
C PRO A 77 -24.19 -45.58 -22.96
N VAL A 78 -25.26 -44.85 -23.23
CA VAL A 78 -26.01 -44.17 -22.19
C VAL A 78 -26.78 -45.16 -21.33
N GLU A 79 -27.26 -46.24 -21.94
CA GLU A 79 -28.02 -47.25 -21.21
C GLU A 79 -27.14 -48.00 -20.22
N PHE A 80 -25.86 -48.12 -20.52
CA PHE A 80 -24.91 -48.78 -19.62
C PHE A 80 -24.75 -47.90 -18.38
N LYS A 81 -24.64 -46.59 -18.61
CA LYS A 81 -24.49 -45.61 -17.54
C LYS A 81 -25.74 -45.51 -16.68
N LEU A 82 -26.90 -45.53 -17.30
CA LEU A 82 -28.15 -45.44 -16.55
C LEU A 82 -28.41 -46.75 -15.82
N ARG A 83 -27.66 -47.79 -16.20
CA ARG A 83 -27.80 -49.10 -15.58
C ARG A 83 -26.87 -49.22 -14.36
N GLU A 84 -25.63 -48.78 -14.52
CA GLU A 84 -24.65 -48.88 -13.46
C GLU A 84 -24.63 -47.76 -12.42
N LEU A 85 -24.83 -46.52 -12.84
CA LEU A 85 -24.79 -45.41 -11.91
C LEU A 85 -25.73 -45.48 -10.71
N PRO A 86 -27.03 -45.64 -10.95
CA PRO A 86 -28.04 -45.70 -9.87
C PRO A 86 -27.71 -46.62 -8.71
N LYS A 87 -26.91 -47.64 -8.99
CA LYS A 87 -26.54 -48.62 -7.97
C LYS A 87 -25.04 -48.63 -7.71
N PHE A 88 -24.37 -47.52 -8.01
CA PHE A 88 -22.94 -47.47 -7.82
C PHE A 88 -22.62 -47.56 -6.34
N HIS A 89 -23.37 -46.83 -5.51
CA HIS A 89 -23.15 -46.84 -4.08
C HIS A 89 -23.21 -48.24 -3.48
N GLU A 90 -24.15 -49.05 -3.96
CA GLU A 90 -24.30 -50.43 -3.45
C GLU A 90 -22.97 -51.17 -3.47
N HIS A 91 -22.12 -50.86 -4.45
CA HIS A 91 -20.83 -51.53 -4.57
C HIS A 91 -19.92 -51.29 -3.38
N LEU A 92 -20.22 -50.25 -2.60
CA LEU A 92 -19.41 -49.93 -1.43
C LEU A 92 -19.35 -51.07 -0.41
N HIS A 93 -20.28 -52.01 -0.52
CA HIS A 93 -20.32 -53.15 0.39
C HIS A 93 -19.98 -54.47 -0.32
N ASP A 94 -19.27 -54.34 -1.44
CA ASP A 94 -18.86 -55.49 -2.24
C ASP A 94 -17.36 -55.33 -2.48
N THR A 95 -16.56 -55.77 -1.51
CA THR A 95 -15.12 -55.65 -1.63
C THR A 95 -14.49 -56.37 -2.81
N THR A 96 -15.32 -56.99 -3.64
CA THR A 96 -14.79 -57.72 -4.82
C THR A 96 -15.13 -57.01 -6.12
N TRP A 97 -16.11 -56.12 -6.07
CA TRP A 97 -16.55 -55.39 -7.26
C TRP A 97 -15.49 -54.47 -7.85
N CYS A 98 -15.50 -54.36 -9.17
CA CYS A 98 -14.59 -53.51 -9.93
C CYS A 98 -15.02 -53.54 -11.39
N MET A 99 -14.80 -52.43 -12.08
CA MET A 99 -15.19 -52.26 -13.49
C MET A 99 -13.94 -52.19 -14.38
N SER A 100 -13.93 -52.94 -15.47
CA SER A 100 -12.75 -52.97 -16.34
C SER A 100 -12.63 -52.13 -17.61
N GLY A 101 -13.71 -51.91 -18.35
CA GLY A 101 -13.56 -51.14 -19.58
C GLY A 101 -14.02 -49.71 -19.62
N VAL A 102 -13.78 -48.95 -18.55
CA VAL A 102 -14.23 -47.58 -18.50
C VAL A 102 -13.14 -46.56 -18.15
N GLY A 103 -13.26 -45.38 -18.74
CA GLY A 103 -12.35 -44.29 -18.50
C GLY A 103 -10.96 -44.37 -19.12
N VAL A 104 -10.18 -43.31 -18.92
CA VAL A 104 -8.82 -43.24 -19.44
C VAL A 104 -7.79 -43.11 -18.32
N GLY A 105 -6.54 -43.44 -18.64
CA GLY A 105 -5.46 -43.34 -17.68
C GLY A 105 -5.71 -43.83 -16.27
N ARG A 106 -5.27 -43.02 -15.30
CA ARG A 106 -5.41 -43.33 -13.89
C ARG A 106 -6.84 -43.61 -13.44
N GLU A 107 -7.77 -42.77 -13.89
CA GLU A 107 -9.17 -42.92 -13.54
C GLU A 107 -9.56 -44.37 -13.83
N ARG A 108 -9.19 -44.84 -15.01
CA ARG A 108 -9.49 -46.19 -15.43
C ARG A 108 -8.97 -47.19 -14.41
N GLU A 109 -7.74 -46.96 -13.95
CA GLU A 109 -7.11 -47.82 -12.97
C GLU A 109 -7.89 -47.77 -11.66
N LEU A 110 -8.48 -46.61 -11.37
CA LEU A 110 -9.26 -46.45 -10.15
C LEU A 110 -10.42 -47.44 -10.14
N LEU A 111 -11.15 -47.51 -11.25
CA LEU A 111 -12.26 -48.43 -11.35
C LEU A 111 -11.83 -49.89 -11.38
N GLU A 112 -10.83 -50.21 -12.20
CA GLU A 112 -10.36 -51.59 -12.28
C GLU A 112 -9.88 -52.12 -10.94
N ARG A 113 -9.43 -51.21 -10.08
CA ARG A 113 -8.91 -51.59 -8.76
C ARG A 113 -9.74 -50.99 -7.64
N TYR A 114 -11.01 -50.72 -7.92
CA TYR A 114 -11.92 -50.13 -6.96
C TYR A 114 -11.97 -50.91 -5.66
N THR A 115 -11.43 -52.12 -5.67
CA THR A 115 -11.40 -52.99 -4.50
C THR A 115 -10.78 -52.26 -3.31
N HIS A 116 -9.61 -51.67 -3.53
CA HIS A 116 -8.90 -50.95 -2.48
C HIS A 116 -9.73 -49.84 -1.85
N VAL A 117 -10.59 -49.23 -2.64
CA VAL A 117 -11.42 -48.14 -2.16
C VAL A 117 -12.54 -48.65 -1.24
N THR A 118 -13.30 -49.61 -1.72
CA THR A 118 -14.40 -50.17 -0.95
C THR A 118 -13.94 -50.77 0.36
N ARG A 119 -12.86 -51.54 0.33
CA ARG A 119 -12.41 -52.13 1.57
C ARG A 119 -11.84 -51.08 2.52
N ALA A 120 -11.19 -50.07 1.97
CA ALA A 120 -10.67 -48.99 2.81
C ALA A 120 -11.91 -48.36 3.42
N TYR A 121 -12.98 -48.36 2.63
CA TYR A 121 -14.26 -47.82 3.03
C TYR A 121 -14.87 -48.54 4.24
N SER A 122 -14.84 -49.87 4.20
CA SER A 122 -15.41 -50.69 5.27
C SER A 122 -14.75 -50.50 6.64
N ARG A 123 -13.54 -49.94 6.64
CA ARG A 123 -12.84 -49.69 7.89
C ARG A 123 -13.11 -48.28 8.39
N LEU A 124 -14.15 -47.66 7.85
CA LEU A 124 -14.52 -46.30 8.24
C LEU A 124 -15.64 -46.31 9.26
N GLY A 125 -15.82 -45.22 9.98
CA GLY A 125 -16.89 -45.15 10.94
C GLY A 125 -18.20 -45.35 10.18
N LYS A 126 -19.21 -45.81 10.89
CA LYS A 126 -20.52 -46.04 10.29
C LYS A 126 -21.17 -44.73 9.85
N ALA A 127 -20.92 -43.66 10.59
CA ALA A 127 -21.50 -42.36 10.25
C ALA A 127 -20.91 -41.80 8.95
N TYR A 128 -19.62 -42.07 8.72
CA TYR A 128 -18.93 -41.61 7.52
C TYR A 128 -19.44 -42.40 6.28
N GLN A 129 -19.46 -43.72 6.40
CA GLN A 129 -19.92 -44.58 5.32
C GLN A 129 -21.28 -44.12 4.82
N ASP A 130 -22.18 -43.83 5.75
CA ASP A 130 -23.52 -43.41 5.41
C ASP A 130 -23.59 -42.11 4.63
N VAL A 131 -22.81 -41.11 5.07
CA VAL A 131 -22.82 -39.85 4.37
C VAL A 131 -22.33 -40.12 2.95
N ILE A 132 -21.20 -40.80 2.85
CA ILE A 132 -20.60 -41.14 1.56
C ILE A 132 -21.57 -41.90 0.66
N SER A 133 -22.13 -42.99 1.19
CA SER A 133 -23.07 -43.82 0.45
C SER A 133 -24.24 -42.99 -0.07
N GLY A 134 -24.82 -42.19 0.83
CA GLY A 134 -25.96 -41.37 0.47
C GLY A 134 -25.68 -40.30 -0.57
N ILE A 135 -24.56 -39.59 -0.43
CA ILE A 135 -24.19 -38.53 -1.36
C ILE A 135 -23.91 -39.17 -2.71
N CYS A 136 -23.21 -40.31 -2.68
CA CYS A 136 -22.89 -41.03 -3.90
C CYS A 136 -24.13 -41.36 -4.71
N GLU A 137 -25.17 -41.83 -4.03
CA GLU A 137 -26.43 -42.20 -4.68
C GLU A 137 -27.18 -41.00 -5.23
N ARG A 138 -27.34 -39.98 -4.40
CA ARG A 138 -28.05 -38.80 -4.86
C ARG A 138 -27.33 -38.14 -6.05
N MET A 139 -25.99 -38.17 -6.05
CA MET A 139 -25.21 -37.56 -7.12
C MET A 139 -25.36 -38.42 -8.37
N ALA A 140 -25.27 -39.73 -8.17
CA ALA A 140 -25.40 -40.67 -9.27
C ALA A 140 -26.74 -40.46 -9.99
N ASN A 141 -27.84 -40.47 -9.25
CA ASN A 141 -29.16 -40.27 -9.87
C ASN A 141 -29.26 -38.91 -10.56
N GLY A 142 -28.61 -37.91 -9.98
CA GLY A 142 -28.64 -36.58 -10.58
C GLY A 142 -27.88 -36.59 -11.89
N MET A 143 -26.79 -37.35 -11.93
CA MET A 143 -25.99 -37.46 -13.15
C MET A 143 -26.81 -38.15 -14.24
N CYS A 144 -27.53 -39.21 -13.86
CA CYS A 144 -28.37 -39.94 -14.80
C CYS A 144 -29.39 -38.98 -15.39
N ASP A 145 -29.92 -38.09 -14.56
CA ASP A 145 -30.91 -37.12 -15.01
C ASP A 145 -30.36 -36.25 -16.13
N PHE A 146 -29.15 -35.72 -15.95
CA PHE A 146 -28.56 -34.86 -16.95
C PHE A 146 -27.82 -35.56 -18.06
N LEU A 147 -27.88 -36.88 -18.10
CA LEU A 147 -27.23 -37.64 -19.16
C LEU A 147 -28.21 -37.71 -20.35
N THR A 148 -29.50 -37.67 -20.03
CA THR A 148 -30.56 -37.74 -21.04
C THR A 148 -31.14 -36.37 -21.41
N ARG A 149 -30.45 -35.29 -21.03
CA ARG A 149 -30.92 -33.94 -21.36
C ARG A 149 -29.83 -32.92 -21.13
N LYS A 150 -29.98 -31.76 -21.75
CA LYS A 150 -28.99 -30.71 -21.62
C LYS A 150 -29.35 -29.62 -20.64
N VAL A 151 -28.37 -28.75 -20.38
CA VAL A 151 -28.56 -27.63 -19.47
C VAL A 151 -29.08 -26.47 -20.28
N GLU A 152 -30.39 -26.23 -20.16
CA GLU A 152 -31.04 -25.17 -20.90
C GLU A 152 -31.23 -23.90 -20.08
N THR A 153 -31.72 -24.07 -18.86
CA THR A 153 -32.04 -22.95 -18.00
C THR A 153 -31.02 -22.68 -16.90
N LYS A 154 -31.21 -21.56 -16.20
CA LYS A 154 -30.35 -21.19 -15.08
C LYS A 154 -30.68 -22.19 -13.96
N ALA A 155 -31.97 -22.48 -13.81
CA ALA A 155 -32.44 -23.43 -12.82
C ALA A 155 -31.77 -24.77 -13.08
N ASP A 156 -31.59 -25.10 -14.35
CA ASP A 156 -30.94 -26.35 -14.72
C ASP A 156 -29.46 -26.30 -14.31
N TYR A 157 -28.84 -25.16 -14.61
CA TYR A 157 -27.44 -24.92 -14.31
C TYR A 157 -27.20 -25.11 -12.80
N ASP A 158 -28.01 -24.44 -11.98
CA ASP A 158 -27.90 -24.56 -10.54
C ASP A 158 -28.18 -25.97 -10.03
N LEU A 159 -29.12 -26.68 -10.65
CA LEU A 159 -29.41 -28.03 -10.20
C LEU A 159 -28.27 -28.97 -10.59
N TYR A 160 -27.73 -28.82 -11.80
CA TYR A 160 -26.65 -29.68 -12.23
C TYR A 160 -25.44 -29.49 -11.31
N CYS A 161 -25.16 -28.23 -10.96
CA CYS A 161 -24.05 -27.92 -10.08
C CYS A 161 -24.31 -28.51 -8.70
N HIS A 162 -25.59 -28.53 -8.32
CA HIS A 162 -26.02 -29.10 -7.05
C HIS A 162 -25.68 -30.59 -7.05
N TYR A 163 -25.99 -31.27 -8.15
CA TYR A 163 -25.72 -32.71 -8.22
C TYR A 163 -24.25 -33.07 -8.23
N VAL A 164 -23.44 -32.33 -8.96
CA VAL A 164 -22.02 -32.68 -9.01
C VAL A 164 -21.12 -31.98 -8.00
N ALA A 165 -21.55 -30.84 -7.48
CA ALA A 165 -20.73 -30.11 -6.53
C ALA A 165 -21.43 -29.76 -5.24
N GLY A 166 -22.61 -29.17 -5.36
CA GLY A 166 -23.40 -28.77 -4.20
C GLY A 166 -23.55 -29.87 -3.16
N LEU A 167 -23.77 -31.09 -3.65
CA LEU A 167 -23.93 -32.24 -2.77
C LEU A 167 -22.64 -32.58 -2.05
N VAL A 168 -21.50 -32.31 -2.68
CA VAL A 168 -20.22 -32.58 -2.04
C VAL A 168 -20.11 -31.58 -0.88
N GLY A 169 -20.66 -30.39 -1.08
CA GLY A 169 -20.65 -29.39 -0.01
C GLY A 169 -21.47 -29.95 1.14
N HIS A 170 -22.65 -30.48 0.82
CA HIS A 170 -23.50 -31.08 1.84
C HIS A 170 -22.72 -32.18 2.54
N GLY A 171 -22.23 -33.13 1.74
CA GLY A 171 -21.47 -34.26 2.25
C GLY A 171 -20.38 -33.89 3.23
N LEU A 172 -19.47 -33.01 2.80
CA LEU A 172 -18.36 -32.58 3.64
C LEU A 172 -18.89 -31.96 4.94
N THR A 173 -19.88 -31.10 4.81
CA THR A 173 -20.44 -30.47 6.01
C THR A 173 -20.95 -31.53 7.01
N LEU A 174 -21.53 -32.61 6.51
CA LEU A 174 -22.05 -33.66 7.38
C LEU A 174 -20.90 -34.47 7.97
N LEU A 175 -19.82 -34.62 7.23
CA LEU A 175 -18.66 -35.34 7.74
C LEU A 175 -18.00 -34.48 8.83
N TYR A 176 -18.00 -33.16 8.64
CA TYR A 176 -17.41 -32.27 9.64
C TYR A 176 -18.12 -32.45 10.98
N VAL A 177 -19.44 -32.39 10.95
CA VAL A 177 -20.25 -32.54 12.15
C VAL A 177 -20.11 -33.93 12.77
N SER A 178 -20.08 -34.94 11.91
CA SER A 178 -19.95 -36.31 12.36
C SER A 178 -18.61 -36.57 13.04
N SER A 179 -17.57 -35.87 12.62
CA SER A 179 -16.26 -36.05 13.21
C SER A 179 -16.21 -35.36 14.57
N GLY A 180 -17.17 -34.50 14.82
CA GLY A 180 -17.19 -33.77 16.07
C GLY A 180 -16.33 -32.53 16.01
N LEU A 181 -15.49 -32.42 14.97
CA LEU A 181 -14.61 -31.25 14.84
C LEU A 181 -15.40 -29.95 14.78
N GLU A 182 -16.61 -30.00 14.22
CA GLU A 182 -17.46 -28.80 14.11
C GLU A 182 -18.77 -29.05 14.86
N ASP A 183 -19.48 -27.97 15.18
CA ASP A 183 -20.73 -28.10 15.91
C ASP A 183 -21.87 -28.71 15.09
N VAL A 184 -22.84 -29.29 15.79
CA VAL A 184 -24.00 -29.91 15.15
C VAL A 184 -24.85 -28.85 14.43
N ARG A 185 -24.75 -27.60 14.86
CA ARG A 185 -25.53 -26.53 14.25
C ARG A 185 -25.21 -26.38 12.75
N LEU A 186 -23.96 -26.65 12.39
CA LEU A 186 -23.50 -26.51 11.01
C LEU A 186 -24.44 -27.16 9.99
N ALA A 187 -24.87 -28.38 10.25
CA ALA A 187 -25.76 -29.09 9.33
C ALA A 187 -27.25 -28.75 9.43
N ASP A 188 -27.61 -27.72 10.20
CA ASP A 188 -29.02 -27.36 10.32
C ASP A 188 -29.60 -27.00 8.96
N ASP A 189 -29.00 -26.01 8.32
CA ASP A 189 -29.43 -25.58 6.99
C ASP A 189 -28.26 -25.76 6.03
N LEU A 190 -28.34 -26.75 5.16
CA LEU A 190 -27.26 -27.04 4.22
C LEU A 190 -27.19 -26.14 2.98
N THR A 191 -27.85 -24.99 3.03
CA THR A 191 -27.88 -24.06 1.92
C THR A 191 -26.53 -23.43 1.59
N ASN A 192 -25.87 -22.86 2.59
CA ASN A 192 -24.57 -22.26 2.34
C ASN A 192 -23.56 -23.33 1.98
N ALA A 193 -23.80 -24.55 2.40
CA ALA A 193 -22.90 -25.63 2.05
C ALA A 193 -23.05 -25.88 0.55
N ASN A 194 -24.27 -25.75 0.04
CA ASN A 194 -24.54 -25.97 -1.37
C ASN A 194 -23.89 -24.86 -2.19
N HIS A 195 -23.93 -23.64 -1.65
CA HIS A 195 -23.31 -22.49 -2.28
C HIS A 195 -21.81 -22.71 -2.42
N MET A 196 -21.20 -23.29 -1.38
CA MET A 196 -19.78 -23.57 -1.37
C MET A 196 -19.38 -24.41 -2.57
N GLY A 197 -20.14 -25.48 -2.83
CA GLY A 197 -19.82 -26.35 -3.95
C GLY A 197 -20.15 -25.70 -5.28
N LEU A 198 -21.13 -24.81 -5.27
CA LEU A 198 -21.55 -24.12 -6.48
C LEU A 198 -20.54 -23.06 -6.95
N PHE A 199 -19.96 -22.35 -5.99
CA PHE A 199 -18.99 -21.32 -6.36
C PHE A 199 -17.81 -21.99 -7.06
N LEU A 200 -17.37 -23.12 -6.51
CA LEU A 200 -16.25 -23.83 -7.12
C LEU A 200 -16.59 -24.45 -8.47
N GLN A 201 -17.74 -25.09 -8.56
CA GLN A 201 -18.11 -25.73 -9.81
C GLN A 201 -18.30 -24.71 -10.92
N LYS A 202 -18.95 -23.59 -10.59
CA LYS A 202 -19.21 -22.56 -11.59
C LYS A 202 -17.95 -21.86 -12.07
N THR A 203 -17.02 -21.58 -11.15
CA THR A 203 -15.79 -20.93 -11.53
C THR A 203 -15.02 -21.85 -12.49
N ASN A 204 -15.10 -23.16 -12.28
CA ASN A 204 -14.40 -24.07 -13.16
C ASN A 204 -15.08 -24.17 -14.52
N ILE A 205 -16.40 -24.16 -14.53
CA ILE A 205 -17.16 -24.24 -15.77
C ILE A 205 -16.88 -23.01 -16.62
N ILE A 206 -16.78 -21.86 -15.96
CA ILE A 206 -16.47 -20.61 -16.63
C ILE A 206 -15.06 -20.65 -17.21
N ARG A 207 -14.12 -21.07 -16.38
CA ARG A 207 -12.71 -21.12 -16.77
C ARG A 207 -12.38 -22.18 -17.82
N ASP A 208 -13.04 -23.33 -17.77
CA ASP A 208 -12.74 -24.40 -18.73
C ASP A 208 -13.57 -24.41 -20.02
N PHE A 209 -14.27 -23.30 -20.31
CA PHE A 209 -15.09 -23.22 -21.52
C PHE A 209 -14.42 -23.72 -22.80
N TYR A 210 -13.27 -23.16 -23.16
CA TYR A 210 -12.60 -23.54 -24.39
C TYR A 210 -12.27 -25.03 -24.43
N GLU A 211 -11.55 -25.49 -23.40
CA GLU A 211 -11.17 -26.90 -23.31
C GLU A 211 -12.41 -27.79 -23.43
N ASP A 212 -13.47 -27.44 -22.71
CA ASP A 212 -14.70 -28.23 -22.75
C ASP A 212 -15.36 -28.28 -24.13
N ILE A 213 -15.50 -27.12 -24.77
CA ILE A 213 -16.15 -27.07 -26.08
C ILE A 213 -15.27 -27.69 -27.17
N CYS A 214 -14.00 -27.93 -26.85
CA CYS A 214 -13.09 -28.54 -27.82
C CYS A 214 -13.06 -30.06 -27.68
N GLU A 215 -13.81 -30.59 -26.72
CA GLU A 215 -13.86 -32.03 -26.51
C GLU A 215 -14.67 -32.67 -27.64
N VAL A 216 -14.45 -33.96 -27.85
CA VAL A 216 -15.17 -34.71 -28.86
C VAL A 216 -15.97 -35.82 -28.19
N PRO A 217 -17.29 -35.68 -28.11
CA PRO A 217 -18.04 -34.52 -28.62
C PRO A 217 -17.88 -33.34 -27.67
N PRO A 218 -18.40 -32.16 -28.05
CA PRO A 218 -18.28 -31.00 -27.18
C PRO A 218 -18.98 -31.16 -25.82
N ARG A 219 -18.44 -30.47 -24.82
CA ARG A 219 -19.01 -30.49 -23.48
C ARG A 219 -19.48 -29.08 -23.22
N VAL A 220 -20.78 -28.92 -23.01
CA VAL A 220 -21.38 -27.62 -22.77
C VAL A 220 -22.13 -27.58 -21.45
N PHE A 221 -21.85 -26.56 -20.63
CA PHE A 221 -22.49 -26.42 -19.33
C PHE A 221 -23.11 -25.05 -19.17
N TRP A 222 -22.53 -24.05 -19.82
CA TRP A 222 -23.07 -22.69 -19.77
C TRP A 222 -24.55 -22.83 -20.13
N PRO A 223 -25.45 -22.26 -19.30
CA PRO A 223 -26.89 -22.35 -19.57
C PRO A 223 -27.38 -21.53 -20.76
N ARG A 224 -28.11 -22.19 -21.66
CA ARG A 224 -28.66 -21.52 -22.84
C ARG A 224 -29.39 -20.25 -22.41
N GLU A 225 -30.08 -20.31 -21.27
CA GLU A 225 -30.80 -19.15 -20.78
C GLU A 225 -29.88 -17.95 -20.72
N ILE A 226 -28.60 -18.19 -20.48
CA ILE A 226 -27.64 -17.10 -20.41
C ILE A 226 -26.96 -16.82 -21.74
N TRP A 227 -26.42 -17.84 -22.40
CA TRP A 227 -25.73 -17.59 -23.65
C TRP A 227 -26.61 -17.22 -24.85
N GLU A 228 -27.91 -17.50 -24.75
CA GLU A 228 -28.84 -17.22 -25.85
C GLU A 228 -29.07 -15.73 -26.16
N LYS A 229 -28.62 -14.86 -25.26
CA LYS A 229 -28.79 -13.44 -25.50
C LYS A 229 -27.52 -12.82 -26.07
N TYR A 230 -26.56 -13.67 -26.42
CA TYR A 230 -25.30 -13.20 -26.98
C TYR A 230 -24.97 -13.92 -28.26
N THR A 231 -25.58 -15.07 -28.47
CA THR A 231 -25.29 -15.84 -29.66
C THR A 231 -26.35 -16.90 -29.90
N ASP A 232 -26.33 -17.47 -31.09
CA ASP A 232 -27.25 -18.52 -31.45
C ASP A 232 -26.44 -19.82 -31.46
N ASP A 233 -25.13 -19.67 -31.53
CA ASP A 233 -24.21 -20.82 -31.51
C ASP A 233 -23.07 -20.52 -30.55
N LEU A 234 -22.96 -21.34 -29.50
CA LEU A 234 -21.93 -21.18 -28.49
C LEU A 234 -20.55 -21.28 -29.14
N HIS A 235 -20.44 -22.14 -30.15
CA HIS A 235 -19.17 -22.32 -30.85
C HIS A 235 -18.67 -21.04 -31.52
N ALA A 236 -19.53 -20.04 -31.61
CA ALA A 236 -19.16 -18.75 -32.20
C ALA A 236 -18.15 -18.04 -31.31
N PHE A 237 -18.20 -18.33 -30.02
CA PHE A 237 -17.30 -17.70 -29.06
C PHE A 237 -15.85 -18.07 -29.29
N LYS A 238 -15.62 -19.12 -30.07
CA LYS A 238 -14.26 -19.56 -30.38
C LYS A 238 -13.61 -18.68 -31.43
N ASP A 239 -14.45 -17.93 -32.15
CA ASP A 239 -13.97 -17.04 -33.23
C ASP A 239 -13.81 -15.60 -32.77
N GLU A 240 -12.68 -14.98 -33.11
CA GLU A 240 -12.44 -13.59 -32.73
C GLU A 240 -13.52 -12.65 -33.24
N LEU A 241 -14.10 -12.98 -34.40
CA LEU A 241 -15.17 -12.17 -34.99
C LEU A 241 -16.19 -11.75 -33.95
N HIS A 242 -16.63 -12.72 -33.15
CA HIS A 242 -17.63 -12.48 -32.11
C HIS A 242 -17.06 -12.33 -30.70
N GLU A 243 -15.83 -11.84 -30.61
CA GLU A 243 -15.14 -11.64 -29.34
C GLU A 243 -15.86 -10.73 -28.36
N ALA A 244 -16.59 -9.74 -28.88
CA ALA A 244 -17.32 -8.80 -28.02
C ALA A 244 -18.47 -9.49 -27.31
N LYS A 245 -19.20 -10.34 -28.04
CA LYS A 245 -20.32 -11.04 -27.45
C LYS A 245 -19.83 -12.15 -26.53
N ALA A 246 -18.72 -12.78 -26.89
CA ALA A 246 -18.15 -13.84 -26.06
C ALA A 246 -17.79 -13.29 -24.68
N VAL A 247 -17.04 -12.19 -24.67
CA VAL A 247 -16.64 -11.59 -23.41
C VAL A 247 -17.83 -11.09 -22.61
N GLU A 248 -18.82 -10.54 -23.31
CA GLU A 248 -20.03 -10.02 -22.68
C GLU A 248 -20.77 -11.15 -21.97
N CYS A 249 -20.79 -12.31 -22.62
CA CYS A 249 -21.45 -13.49 -22.05
C CYS A 249 -20.57 -14.10 -20.94
N LEU A 250 -19.26 -14.00 -21.10
CA LEU A 250 -18.33 -14.51 -20.09
C LEU A 250 -18.63 -13.71 -18.82
N ASN A 251 -18.73 -12.40 -19.00
CA ASN A 251 -19.01 -11.50 -17.89
C ASN A 251 -20.36 -11.76 -17.21
N ALA A 252 -21.35 -12.24 -17.95
CA ALA A 252 -22.64 -12.53 -17.32
C ALA A 252 -22.49 -13.81 -16.50
N MET A 253 -21.64 -14.70 -16.97
CA MET A 253 -21.41 -15.95 -16.26
C MET A 253 -20.74 -15.65 -14.91
N VAL A 254 -19.75 -14.76 -14.93
CA VAL A 254 -19.03 -14.37 -13.72
C VAL A 254 -20.04 -13.75 -12.76
N ALA A 255 -20.91 -12.90 -13.30
CA ALA A 255 -21.94 -12.24 -12.49
C ALA A 255 -22.80 -13.30 -11.82
N ASP A 256 -23.08 -14.38 -12.54
CA ASP A 256 -23.89 -15.44 -11.96
C ASP A 256 -23.18 -16.21 -10.84
N ALA A 257 -21.85 -16.31 -10.92
CA ALA A 257 -21.10 -17.02 -9.89
C ALA A 257 -20.90 -16.14 -8.66
N LEU A 258 -20.81 -14.83 -8.86
CA LEU A 258 -20.61 -13.91 -7.75
C LEU A 258 -21.75 -13.99 -6.75
N VAL A 259 -22.92 -14.40 -7.22
CA VAL A 259 -24.10 -14.53 -6.38
C VAL A 259 -23.77 -15.33 -5.12
N HIS A 260 -22.94 -16.35 -5.30
CA HIS A 260 -22.58 -17.24 -4.23
C HIS A 260 -21.56 -16.77 -3.20
N VAL A 261 -20.74 -15.78 -3.55
CA VAL A 261 -19.69 -15.33 -2.63
C VAL A 261 -20.11 -14.95 -1.21
N PRO A 262 -21.19 -14.14 -1.06
CA PRO A 262 -21.62 -13.78 0.29
C PRO A 262 -21.87 -15.01 1.16
N HIS A 263 -22.47 -16.04 0.55
CA HIS A 263 -22.80 -17.28 1.25
C HIS A 263 -21.53 -18.07 1.57
N VAL A 264 -20.52 -17.95 0.72
CA VAL A 264 -19.27 -18.64 0.95
C VAL A 264 -18.63 -17.98 2.17
N VAL A 265 -18.76 -16.67 2.26
CA VAL A 265 -18.19 -15.95 3.40
C VAL A 265 -18.90 -16.39 4.69
N GLU A 266 -20.23 -16.42 4.67
CA GLU A 266 -20.98 -16.84 5.85
C GLU A 266 -20.54 -18.23 6.33
N TYR A 267 -20.52 -19.20 5.42
CA TYR A 267 -20.13 -20.56 5.76
C TYR A 267 -18.73 -20.64 6.39
N LEU A 268 -17.75 -20.01 5.74
CA LEU A 268 -16.39 -20.02 6.25
C LEU A 268 -16.27 -19.37 7.63
N ALA A 269 -17.09 -18.37 7.89
CA ALA A 269 -17.04 -17.68 9.19
C ALA A 269 -17.67 -18.51 10.30
N SER A 270 -18.40 -19.55 9.94
CA SER A 270 -19.07 -20.39 10.92
C SER A 270 -18.22 -21.59 11.35
N LEU A 271 -17.10 -21.81 10.66
CA LEU A 271 -16.25 -22.92 10.98
C LEU A 271 -15.41 -22.64 12.22
N ARG A 272 -15.26 -23.62 13.10
CA ARG A 272 -14.46 -23.40 14.31
C ARG A 272 -13.13 -24.13 14.31
N ASP A 273 -13.06 -25.25 13.60
CA ASP A 273 -11.83 -26.02 13.57
C ASP A 273 -10.83 -25.53 12.52
N PRO A 274 -9.55 -25.41 12.89
CA PRO A 274 -8.46 -24.95 12.04
C PRO A 274 -8.24 -25.82 10.81
N SER A 275 -8.29 -27.13 10.99
CA SER A 275 -8.08 -28.05 9.88
C SER A 275 -9.23 -28.00 8.89
N VAL A 276 -10.44 -28.09 9.42
CA VAL A 276 -11.64 -28.05 8.59
C VAL A 276 -11.65 -26.69 7.89
N PHE A 277 -11.25 -25.65 8.60
CA PHE A 277 -11.25 -24.32 7.99
C PHE A 277 -10.26 -24.20 6.83
N ALA A 278 -9.00 -24.59 7.05
CA ALA A 278 -7.99 -24.50 6.00
C ALA A 278 -8.40 -25.31 4.76
N PHE A 279 -8.83 -26.55 4.99
CA PHE A 279 -9.28 -27.43 3.92
C PHE A 279 -10.50 -26.85 3.17
N SER A 280 -11.38 -26.16 3.87
CA SER A 280 -12.58 -25.58 3.26
C SER A 280 -12.30 -24.23 2.59
N ALA A 281 -11.42 -23.44 3.20
CA ALA A 281 -11.10 -22.12 2.68
C ALA A 281 -10.24 -22.09 1.41
N ILE A 282 -9.14 -22.81 1.41
CA ILE A 282 -8.22 -22.80 0.28
C ILE A 282 -8.86 -22.87 -1.10
N PRO A 283 -9.73 -23.87 -1.34
CA PRO A 283 -10.38 -23.96 -2.66
C PRO A 283 -11.19 -22.72 -3.00
N GLN A 284 -11.90 -22.19 -2.01
CA GLN A 284 -12.74 -21.02 -2.24
C GLN A 284 -11.87 -19.82 -2.62
N VAL A 285 -10.74 -19.64 -1.95
CA VAL A 285 -9.90 -18.51 -2.30
C VAL A 285 -9.29 -18.73 -3.70
N MET A 286 -8.93 -19.96 -4.02
CA MET A 286 -8.36 -20.26 -5.33
C MET A 286 -9.41 -19.94 -6.40
N ALA A 287 -10.67 -20.27 -6.11
CA ALA A 287 -11.78 -20.02 -7.02
C ALA A 287 -11.99 -18.50 -7.23
N MET A 288 -11.92 -17.72 -6.15
CA MET A 288 -12.10 -16.27 -6.25
C MET A 288 -10.91 -15.64 -7.00
N ALA A 289 -9.72 -16.24 -6.87
CA ALA A 289 -8.55 -15.71 -7.56
C ALA A 289 -8.74 -15.93 -9.06
N THR A 290 -9.09 -17.17 -9.41
CA THR A 290 -9.34 -17.59 -10.78
C THR A 290 -10.45 -16.74 -11.43
N LEU A 291 -11.59 -16.66 -10.75
CA LEU A 291 -12.72 -15.90 -11.25
C LEU A 291 -12.37 -14.46 -11.55
N SER A 292 -11.56 -13.85 -10.70
CA SER A 292 -11.18 -12.46 -10.89
C SER A 292 -10.21 -12.35 -12.05
N LEU A 293 -9.67 -13.49 -12.47
CA LEU A 293 -8.70 -13.51 -13.56
C LEU A 293 -9.39 -13.78 -14.90
N VAL A 294 -10.46 -14.56 -14.88
CA VAL A 294 -11.19 -14.89 -16.09
C VAL A 294 -12.22 -13.81 -16.42
N PHE A 295 -12.54 -12.97 -15.45
CA PHE A 295 -13.50 -11.88 -15.65
C PHE A 295 -13.06 -10.91 -16.73
N ASN A 296 -13.94 -10.65 -17.71
CA ASN A 296 -13.67 -9.70 -18.78
C ASN A 296 -12.32 -9.98 -19.43
N ASN A 297 -12.02 -11.26 -19.64
CA ASN A 297 -10.74 -11.69 -20.22
C ASN A 297 -11.01 -12.55 -21.45
N LYS A 298 -10.75 -11.99 -22.62
CA LYS A 298 -10.99 -12.70 -23.86
C LYS A 298 -10.12 -13.95 -24.02
N ASP A 299 -9.02 -14.03 -23.28
CA ASP A 299 -8.15 -15.20 -23.39
C ASP A 299 -8.88 -16.46 -22.99
N VAL A 300 -9.89 -16.32 -22.14
CA VAL A 300 -10.66 -17.46 -21.70
C VAL A 300 -11.15 -18.29 -22.89
N PHE A 301 -11.30 -17.65 -24.04
CA PHE A 301 -11.80 -18.34 -25.21
C PHE A 301 -10.83 -19.06 -26.09
N HIS A 302 -9.57 -19.09 -25.70
CA HIS A 302 -8.58 -19.81 -26.51
C HIS A 302 -7.51 -20.48 -25.65
N THR A 303 -7.58 -20.31 -24.34
CA THR A 303 -6.59 -20.92 -23.47
C THR A 303 -7.13 -21.11 -22.07
N LYS A 304 -6.36 -21.79 -21.24
CA LYS A 304 -6.73 -22.04 -19.85
C LYS A 304 -6.05 -20.97 -19.00
N VAL A 305 -6.85 -20.10 -18.41
CA VAL A 305 -6.34 -19.02 -17.57
C VAL A 305 -6.19 -19.54 -16.13
N LYS A 306 -5.02 -19.34 -15.55
CA LYS A 306 -4.73 -19.83 -14.20
C LYS A 306 -3.86 -18.88 -13.40
N THR A 307 -3.93 -19.01 -12.08
CA THR A 307 -3.13 -18.19 -11.19
C THR A 307 -1.68 -18.66 -11.34
N THR A 308 -0.75 -17.86 -10.86
CA THR A 308 0.68 -18.18 -10.93
C THR A 308 0.94 -19.19 -9.82
N ARG A 309 2.02 -19.95 -9.93
CA ARG A 309 2.40 -20.90 -8.89
C ARG A 309 2.71 -20.11 -7.62
N GLY A 310 3.21 -18.89 -7.80
CA GLY A 310 3.52 -18.04 -6.67
C GLY A 310 2.28 -17.63 -5.90
N ALA A 311 1.25 -17.20 -6.63
CA ALA A 311 -0.01 -16.79 -6.00
C ALA A 311 -0.72 -17.97 -5.32
N THR A 312 -0.65 -19.17 -5.89
CA THR A 312 -1.33 -20.29 -5.24
C THR A 312 -0.57 -20.72 -3.98
N ALA A 313 0.75 -20.55 -4.00
CA ALA A 313 1.56 -20.89 -2.83
C ALA A 313 1.16 -19.93 -1.72
N ARG A 314 0.94 -18.67 -2.06
CA ARG A 314 0.56 -17.66 -1.09
C ARG A 314 -0.83 -17.92 -0.53
N ILE A 315 -1.72 -18.41 -1.39
CA ILE A 315 -3.08 -18.69 -0.98
C ILE A 315 -3.12 -19.89 -0.03
N PHE A 316 -2.40 -20.96 -0.37
CA PHE A 316 -2.34 -22.15 0.48
C PHE A 316 -1.74 -21.76 1.83
N HIS A 317 -0.72 -20.91 1.80
CA HIS A 317 -0.07 -20.49 3.01
C HIS A 317 -0.93 -19.72 4.00
N TYR A 318 -1.59 -18.67 3.52
CA TYR A 318 -2.40 -17.82 4.39
C TYR A 318 -3.85 -18.16 4.70
N SER A 319 -4.46 -19.11 3.99
CA SER A 319 -5.86 -19.47 4.22
C SER A 319 -6.06 -20.43 5.41
N THR A 320 -5.35 -20.20 6.51
CA THR A 320 -5.45 -21.06 7.66
C THR A 320 -6.38 -20.49 8.74
N GLU A 321 -6.71 -19.21 8.64
CA GLU A 321 -7.60 -18.57 9.61
C GLU A 321 -8.46 -17.50 8.93
N LEU A 322 -9.61 -17.21 9.53
CA LEU A 322 -10.58 -16.26 9.00
C LEU A 322 -10.11 -14.92 8.46
N GLN A 323 -9.59 -14.06 9.33
CA GLN A 323 -9.17 -12.73 8.92
C GLN A 323 -8.30 -12.66 7.68
N ALA A 324 -7.26 -13.49 7.63
CA ALA A 324 -6.38 -13.50 6.48
C ALA A 324 -7.13 -13.93 5.22
N THR A 325 -7.99 -14.93 5.35
CA THR A 325 -8.78 -15.43 4.22
C THR A 325 -9.69 -14.34 3.70
N LEU A 326 -10.38 -13.67 4.61
CA LEU A 326 -11.29 -12.61 4.23
C LEU A 326 -10.57 -11.49 3.50
N GLN A 327 -9.34 -11.17 3.91
CA GLN A 327 -8.66 -10.11 3.20
C GLN A 327 -8.19 -10.55 1.81
N MET A 328 -7.81 -11.81 1.64
CA MET A 328 -7.43 -12.28 0.31
C MET A 328 -8.64 -12.30 -0.63
N LEU A 329 -9.81 -12.67 -0.11
CA LEU A 329 -11.03 -12.70 -0.92
C LEU A 329 -11.39 -11.26 -1.26
N LYS A 330 -11.14 -10.39 -0.31
CA LYS A 330 -11.39 -8.95 -0.45
C LYS A 330 -10.52 -8.43 -1.60
N THR A 331 -9.22 -8.68 -1.47
CA THR A 331 -8.24 -8.26 -2.45
C THR A 331 -8.64 -8.73 -3.85
N TYR A 332 -8.89 -10.03 -4.00
CA TYR A 332 -9.27 -10.57 -5.29
C TYR A 332 -10.59 -10.00 -5.76
N THR A 333 -11.52 -9.79 -4.84
CA THR A 333 -12.80 -9.21 -5.22
C THR A 333 -12.57 -7.79 -5.74
N LEU A 334 -11.61 -7.08 -5.16
CA LEU A 334 -11.31 -5.72 -5.59
C LEU A 334 -10.59 -5.72 -6.94
N ARG A 335 -9.79 -6.75 -7.19
CA ARG A 335 -9.09 -6.87 -8.47
C ARG A 335 -10.10 -7.19 -9.57
N LEU A 336 -11.16 -7.92 -9.21
CA LEU A 336 -12.16 -8.28 -10.20
C LEU A 336 -12.88 -7.02 -10.66
N ALA A 337 -13.34 -6.21 -9.71
CA ALA A 337 -14.05 -4.97 -10.02
C ALA A 337 -13.17 -3.97 -10.75
N ALA A 338 -11.87 -4.05 -10.54
CA ALA A 338 -10.94 -3.12 -11.18
C ALA A 338 -10.64 -3.45 -12.65
N ARG A 339 -11.18 -4.56 -13.14
CA ARG A 339 -10.95 -4.97 -14.52
C ARG A 339 -12.04 -4.44 -15.46
N MET A 340 -12.94 -3.64 -14.91
CA MET A 340 -14.04 -3.08 -15.69
C MET A 340 -14.15 -1.57 -15.60
N ASN A 341 -15.03 -1.02 -16.44
CA ASN A 341 -15.32 0.41 -16.49
C ASN A 341 -16.75 0.62 -17.03
N ALA A 342 -17.39 1.72 -16.59
CA ALA A 342 -18.75 2.06 -16.97
C ALA A 342 -19.24 1.56 -18.32
N GLN A 343 -18.39 1.62 -19.34
CA GLN A 343 -18.75 1.18 -20.69
C GLN A 343 -19.25 -0.27 -20.80
N ASP A 344 -18.68 -1.17 -20.00
CA ASP A 344 -19.07 -2.57 -20.04
C ASP A 344 -20.54 -2.78 -19.71
N ALA A 345 -21.20 -3.63 -20.50
CA ALA A 345 -22.62 -3.92 -20.32
C ALA A 345 -22.93 -4.66 -19.02
N CYS A 346 -21.92 -4.81 -18.17
CA CYS A 346 -22.07 -5.51 -16.89
C CYS A 346 -21.73 -4.62 -15.71
N TYR A 347 -20.88 -3.62 -15.95
CA TYR A 347 -20.44 -2.69 -14.91
C TYR A 347 -21.40 -2.49 -13.75
N ASP A 348 -22.62 -2.09 -14.07
CA ASP A 348 -23.63 -1.86 -13.04
C ASP A 348 -24.00 -3.14 -12.33
N ARG A 349 -24.29 -4.18 -13.10
CA ARG A 349 -24.66 -5.48 -12.55
C ARG A 349 -23.56 -6.07 -11.69
N ILE A 350 -22.32 -6.03 -12.18
CA ILE A 350 -21.20 -6.57 -11.42
C ILE A 350 -20.94 -5.75 -10.18
N GLU A 351 -20.94 -4.43 -10.33
CA GLU A 351 -20.68 -3.52 -9.23
C GLU A 351 -21.45 -3.78 -7.93
N HIS A 352 -22.75 -4.02 -8.04
CA HIS A 352 -23.54 -4.25 -6.83
C HIS A 352 -23.25 -5.63 -6.25
N LEU A 353 -22.91 -6.57 -7.12
CA LEU A 353 -22.59 -7.92 -6.69
C LEU A 353 -21.27 -7.92 -5.92
N VAL A 354 -20.38 -7.01 -6.30
CA VAL A 354 -19.08 -6.88 -5.65
C VAL A 354 -19.28 -6.29 -4.26
N ASN A 355 -20.08 -5.23 -4.17
CA ASN A 355 -20.35 -4.61 -2.87
C ASN A 355 -20.99 -5.59 -1.89
N ASP A 356 -21.90 -6.43 -2.39
CA ASP A 356 -22.54 -7.43 -1.53
C ASP A 356 -21.46 -8.33 -0.98
N ALA A 357 -20.58 -8.77 -1.87
CA ALA A 357 -19.49 -9.65 -1.50
C ALA A 357 -18.56 -8.98 -0.50
N ILE A 358 -18.21 -7.72 -0.77
CA ILE A 358 -17.34 -6.99 0.13
C ILE A 358 -17.99 -6.71 1.48
N ARG A 359 -19.27 -6.32 1.47
CA ARG A 359 -19.97 -6.04 2.71
C ARG A 359 -19.94 -7.25 3.63
N ALA A 360 -20.27 -8.41 3.07
CA ALA A 360 -20.29 -9.66 3.84
C ALA A 360 -18.93 -9.95 4.46
N MET A 361 -17.86 -9.68 3.71
CA MET A 361 -16.52 -9.91 4.21
C MET A 361 -16.27 -8.95 5.37
N GLU A 362 -16.53 -7.66 5.16
CA GLU A 362 -16.35 -6.65 6.20
C GLU A 362 -17.33 -6.94 7.33
N SER A 363 -18.39 -7.66 7.02
CA SER A 363 -19.41 -8.02 8.00
C SER A 363 -18.83 -8.97 9.06
N HIS A 364 -17.57 -9.34 8.90
CA HIS A 364 -16.89 -10.25 9.82
C HIS A 364 -15.50 -9.74 10.18
N GLN A 365 -15.20 -8.49 9.82
CA GLN A 365 -13.90 -7.91 10.10
C GLN A 365 -13.93 -6.86 11.20
N ASP B 25 -8.41 -2.14 -21.57
CA ASP B 25 -7.71 -3.41 -21.52
C ASP B 25 -6.71 -3.53 -22.67
N GLU B 26 -6.90 -2.73 -23.70
CA GLU B 26 -6.02 -2.76 -24.86
C GLU B 26 -4.66 -2.15 -24.52
N ASP B 27 -4.64 -1.21 -23.58
CA ASP B 27 -3.41 -0.55 -23.17
C ASP B 27 -2.42 -1.55 -22.52
N LEU B 28 -2.87 -2.17 -21.44
CA LEU B 28 -2.04 -3.12 -20.72
C LEU B 28 -1.63 -4.27 -21.64
N ARG B 29 -2.57 -4.72 -22.46
CA ARG B 29 -2.33 -5.83 -23.38
C ARG B 29 -1.24 -5.48 -24.40
N PHE B 30 -1.20 -4.22 -24.83
CA PHE B 30 -0.16 -3.82 -25.78
C PHE B 30 1.17 -3.94 -25.03
N CYS B 31 1.16 -3.52 -23.77
CA CYS B 31 2.36 -3.59 -22.94
C CYS B 31 2.95 -4.99 -22.92
N TYR B 32 2.11 -5.98 -22.59
CA TYR B 32 2.56 -7.36 -22.53
C TYR B 32 3.06 -7.94 -23.85
N ASP B 33 2.39 -7.60 -24.96
CA ASP B 33 2.82 -8.09 -26.27
C ASP B 33 4.16 -7.49 -26.66
N ILE B 34 4.33 -6.19 -26.41
CA ILE B 34 5.58 -5.54 -26.76
C ILE B 34 6.66 -6.10 -25.84
N LEU B 35 6.30 -6.31 -24.57
CA LEU B 35 7.24 -6.87 -23.58
C LEU B 35 7.77 -8.20 -24.10
N GLN B 36 6.85 -9.09 -24.49
CA GLN B 36 7.19 -10.40 -25.02
C GLN B 36 8.05 -10.26 -26.27
N ALA B 37 7.72 -9.28 -27.10
CA ALA B 37 8.45 -9.05 -28.34
C ALA B 37 9.86 -8.49 -28.17
N VAL B 38 10.00 -7.51 -27.29
CA VAL B 38 11.29 -6.87 -27.07
C VAL B 38 12.24 -7.63 -26.14
N SER B 39 11.69 -8.37 -25.18
CA SER B 39 12.54 -9.14 -24.28
C SER B 39 11.80 -10.41 -23.90
N ARG B 40 11.94 -11.46 -24.71
CA ARG B 40 11.22 -12.70 -24.45
C ARG B 40 11.64 -13.43 -23.18
N SER B 41 12.93 -13.44 -22.87
CA SER B 41 13.41 -14.13 -21.67
C SER B 41 12.88 -13.47 -20.39
N PHE B 42 13.09 -12.16 -20.25
CA PHE B 42 12.60 -11.49 -19.06
C PHE B 42 11.08 -11.49 -19.03
N ALA B 43 10.46 -11.56 -20.21
CA ALA B 43 9.01 -11.59 -20.28
C ALA B 43 8.50 -12.82 -19.53
N VAL B 44 9.24 -13.92 -19.62
CA VAL B 44 8.84 -15.14 -18.92
C VAL B 44 8.99 -14.96 -17.42
N VAL B 45 10.10 -14.38 -16.99
CA VAL B 45 10.33 -14.17 -15.57
C VAL B 45 9.26 -13.27 -14.93
N ILE B 46 8.87 -12.21 -15.62
CA ILE B 46 7.86 -11.30 -15.08
C ILE B 46 6.51 -11.99 -14.87
N MET B 47 6.29 -13.08 -15.59
CA MET B 47 5.02 -13.79 -15.44
C MET B 47 4.99 -14.59 -14.13
N GLU B 48 6.04 -14.47 -13.31
CA GLU B 48 6.07 -15.13 -12.01
C GLU B 48 5.29 -14.25 -11.03
N LEU B 49 5.21 -12.95 -11.34
CA LEU B 49 4.50 -12.01 -10.49
C LEU B 49 3.03 -12.07 -10.86
N ASP B 50 2.17 -11.43 -10.09
CA ASP B 50 0.76 -11.43 -10.42
C ASP B 50 0.06 -10.13 -10.07
N GLU B 51 -1.11 -9.93 -10.66
CA GLU B 51 -1.92 -8.76 -10.41
C GLU B 51 -1.24 -7.41 -10.68
N GLU B 52 -1.45 -6.43 -9.81
CA GLU B 52 -0.89 -5.10 -9.99
C GLU B 52 0.63 -5.01 -9.90
N MET B 53 1.24 -5.92 -9.15
CA MET B 53 2.68 -5.95 -9.00
C MET B 53 3.30 -6.16 -10.38
N ARG B 54 2.78 -7.13 -11.12
CA ARG B 54 3.30 -7.46 -12.43
C ARG B 54 3.12 -6.35 -13.45
N ASP B 55 1.95 -5.72 -13.41
CA ASP B 55 1.67 -4.63 -14.32
C ASP B 55 2.67 -3.52 -14.09
N ALA B 56 2.88 -3.16 -12.83
CA ALA B 56 3.82 -2.11 -12.47
C ALA B 56 5.21 -2.41 -12.99
N VAL B 57 5.63 -3.67 -12.84
CA VAL B 57 6.97 -4.09 -13.29
C VAL B 57 7.03 -4.13 -14.81
N CYS B 58 5.94 -4.55 -15.43
CA CYS B 58 5.91 -4.60 -16.89
C CYS B 58 6.08 -3.19 -17.43
N ILE B 59 5.34 -2.24 -16.87
CA ILE B 59 5.41 -0.86 -17.30
C ILE B 59 6.79 -0.27 -16.98
N PHE B 60 7.30 -0.60 -15.80
CA PHE B 60 8.60 -0.14 -15.36
C PHE B 60 9.64 -0.56 -16.39
N TYR B 61 9.55 -1.82 -16.82
CA TYR B 61 10.49 -2.36 -17.81
C TYR B 61 10.42 -1.61 -19.14
N LEU B 62 9.20 -1.42 -19.63
CA LEU B 62 8.97 -0.75 -20.89
C LEU B 62 9.43 0.70 -20.88
N VAL B 63 9.22 1.39 -19.75
CA VAL B 63 9.64 2.79 -19.63
C VAL B 63 11.16 2.86 -19.75
N LEU B 64 11.86 2.02 -19.00
CA LEU B 64 13.32 2.01 -19.06
C LEU B 64 13.89 1.47 -20.38
N ARG B 65 13.15 0.60 -21.05
CA ARG B 65 13.63 0.07 -22.33
C ARG B 65 13.49 1.16 -23.39
N ALA B 66 12.42 1.93 -23.32
CA ALA B 66 12.22 3.03 -24.26
C ALA B 66 13.37 4.02 -24.02
N LEU B 67 13.60 4.35 -22.75
CA LEU B 67 14.67 5.25 -22.38
C LEU B 67 15.98 4.77 -22.97
N ASP B 68 16.29 3.50 -22.72
CA ASP B 68 17.51 2.90 -23.22
C ASP B 68 17.57 2.91 -24.75
N THR B 69 16.42 2.80 -25.41
CA THR B 69 16.42 2.80 -26.88
C THR B 69 16.90 4.16 -27.39
N VAL B 70 16.28 5.23 -26.89
CA VAL B 70 16.66 6.58 -27.26
C VAL B 70 18.13 6.82 -26.96
N GLU B 71 18.55 6.46 -25.75
CA GLU B 71 19.94 6.65 -25.35
C GLU B 71 20.95 5.94 -26.24
N ASP B 72 20.61 4.75 -26.69
CA ASP B 72 21.52 3.96 -27.49
C ASP B 72 21.60 4.31 -28.98
N ASP B 73 20.58 4.95 -29.52
CA ASP B 73 20.59 5.28 -30.95
C ASP B 73 21.68 6.32 -31.23
N MET B 74 22.78 5.87 -31.83
CA MET B 74 23.89 6.77 -32.11
C MET B 74 23.64 7.75 -33.25
N SER B 75 22.50 7.63 -33.93
CA SER B 75 22.18 8.54 -35.02
C SER B 75 21.47 9.79 -34.45
N ILE B 76 21.24 9.79 -33.14
CA ILE B 76 20.60 10.91 -32.47
C ILE B 76 21.70 11.79 -31.89
N PRO B 77 21.66 13.11 -32.17
CA PRO B 77 22.65 14.07 -31.69
C PRO B 77 22.78 14.05 -30.17
N VAL B 78 24.01 13.88 -29.70
CA VAL B 78 24.27 13.85 -28.27
C VAL B 78 23.61 15.02 -27.57
N GLU B 79 23.55 16.17 -28.24
CA GLU B 79 22.97 17.38 -27.68
C GLU B 79 21.49 17.20 -27.35
N PHE B 80 20.78 16.49 -28.22
CA PHE B 80 19.36 16.21 -28.06
C PHE B 80 19.16 15.33 -26.81
N LYS B 81 19.94 14.27 -26.71
CA LYS B 81 19.85 13.36 -25.58
C LYS B 81 20.13 14.07 -24.27
N LEU B 82 21.17 14.89 -24.24
CA LEU B 82 21.55 15.61 -23.03
C LEU B 82 20.43 16.41 -22.39
N ARG B 83 19.47 16.86 -23.18
CA ARG B 83 18.34 17.60 -22.65
C ARG B 83 17.05 16.80 -22.67
N GLU B 84 16.91 15.89 -23.64
CA GLU B 84 15.72 15.07 -23.73
C GLU B 84 15.68 13.94 -22.70
N LEU B 85 16.81 13.27 -22.47
CA LEU B 85 16.82 12.17 -21.50
C LEU B 85 16.42 12.59 -20.08
N PRO B 86 17.01 13.67 -19.54
CA PRO B 86 16.69 14.16 -18.20
C PRO B 86 15.20 14.45 -17.99
N LYS B 87 14.46 14.66 -19.09
CA LYS B 87 13.04 14.96 -18.99
C LYS B 87 12.16 13.79 -19.49
N PHE B 88 12.79 12.66 -19.79
CA PHE B 88 12.06 11.50 -20.29
C PHE B 88 10.96 11.04 -19.33
N HIS B 89 11.25 11.05 -18.04
CA HIS B 89 10.24 10.64 -17.06
C HIS B 89 9.00 11.53 -17.10
N GLU B 90 9.14 12.74 -17.63
CA GLU B 90 8.03 13.70 -17.72
C GLU B 90 6.97 13.31 -18.74
N HIS B 91 7.37 12.52 -19.74
CA HIS B 91 6.43 12.08 -20.76
C HIS B 91 5.40 11.10 -20.15
N LEU B 92 5.72 10.58 -18.98
CA LEU B 92 4.83 9.65 -18.28
C LEU B 92 3.46 10.26 -17.97
N HIS B 93 3.44 11.57 -17.74
CA HIS B 93 2.20 12.26 -17.42
C HIS B 93 1.66 12.99 -18.64
N ASP B 94 1.81 12.37 -19.81
CA ASP B 94 1.37 12.98 -21.05
C ASP B 94 0.97 11.89 -22.06
N THR B 95 -0.27 11.43 -21.93
CA THR B 95 -0.82 10.37 -22.77
C THR B 95 -0.88 10.65 -24.27
N THR B 96 -0.15 11.66 -24.72
CA THR B 96 -0.15 11.99 -26.14
C THR B 96 1.28 11.99 -26.68
N TRP B 97 2.24 11.77 -25.79
CA TRP B 97 3.63 11.76 -26.19
C TRP B 97 4.03 10.42 -26.78
N CYS B 98 4.87 10.47 -27.81
CA CYS B 98 5.37 9.26 -28.48
C CYS B 98 6.52 9.72 -29.36
N MET B 99 7.27 8.77 -29.92
CA MET B 99 8.41 9.08 -30.79
C MET B 99 8.23 8.26 -32.07
N SER B 100 8.66 8.76 -33.23
CA SER B 100 8.41 8.03 -34.48
C SER B 100 9.49 7.42 -35.37
N GLY B 101 10.74 7.85 -35.28
CA GLY B 101 11.73 7.25 -36.15
C GLY B 101 12.89 6.66 -35.39
N VAL B 102 12.59 6.14 -34.20
CA VAL B 102 13.64 5.61 -33.34
C VAL B 102 13.43 4.18 -32.85
N GLY B 103 14.50 3.40 -32.84
CA GLY B 103 14.43 2.04 -32.35
C GLY B 103 14.63 0.93 -33.38
N VAL B 104 15.06 -0.21 -32.88
CA VAL B 104 15.29 -1.40 -33.69
C VAL B 104 14.09 -2.34 -33.57
N GLY B 105 13.54 -2.72 -34.71
CA GLY B 105 12.41 -3.63 -34.71
C GLY B 105 11.25 -3.18 -33.84
N ARG B 106 10.82 -4.09 -32.97
CA ARG B 106 9.71 -3.85 -32.08
C ARG B 106 9.92 -2.71 -31.08
N GLU B 107 11.18 -2.30 -30.90
CA GLU B 107 11.49 -1.18 -30.01
C GLU B 107 10.92 0.10 -30.59
N ARG B 108 10.75 0.11 -31.91
CA ARG B 108 10.21 1.26 -32.61
C ARG B 108 8.72 1.42 -32.27
N GLU B 109 7.98 0.31 -32.36
CA GLU B 109 6.56 0.33 -32.05
C GLU B 109 6.32 0.81 -30.62
N LEU B 110 7.25 0.47 -29.73
CA LEU B 110 7.16 0.86 -28.32
C LEU B 110 7.15 2.39 -28.19
N LEU B 111 8.13 3.01 -28.82
CA LEU B 111 8.23 4.46 -28.82
C LEU B 111 7.07 5.07 -29.59
N GLU B 112 6.79 4.55 -30.78
CA GLU B 112 5.70 5.07 -31.60
C GLU B 112 4.33 4.98 -30.92
N ARG B 113 4.09 3.89 -30.20
CA ARG B 113 2.81 3.71 -29.52
C ARG B 113 2.92 3.83 -28.00
N TYR B 114 3.92 4.58 -27.56
CA TYR B 114 4.16 4.79 -26.15
C TYR B 114 2.90 5.21 -25.42
N THR B 115 1.96 5.80 -26.16
CA THR B 115 0.71 6.25 -25.60
C THR B 115 0.02 5.18 -24.75
N HIS B 116 0.09 3.92 -25.19
CA HIS B 116 -0.52 2.81 -24.44
C HIS B 116 0.19 2.64 -23.09
N VAL B 117 1.52 2.73 -23.10
CA VAL B 117 2.32 2.58 -21.89
C VAL B 117 2.02 3.64 -20.83
N THR B 118 1.99 4.90 -21.25
CA THR B 118 1.71 6.00 -20.33
C THR B 118 0.30 5.90 -19.78
N ARG B 119 -0.64 5.46 -20.62
CA ARG B 119 -2.02 5.32 -20.16
C ARG B 119 -2.17 4.23 -19.12
N ALA B 120 -1.45 3.13 -19.30
CA ALA B 120 -1.51 2.03 -18.35
C ALA B 120 -0.87 2.51 -17.06
N TYR B 121 0.16 3.33 -17.20
CA TYR B 121 0.88 3.89 -16.05
C TYR B 121 -0.02 4.81 -15.25
N SER B 122 -0.83 5.62 -15.95
CA SER B 122 -1.71 6.56 -15.30
C SER B 122 -2.73 5.88 -14.43
N ARG B 123 -2.81 4.55 -14.52
CA ARG B 123 -3.76 3.78 -13.74
C ARG B 123 -3.16 3.01 -12.58
N LEU B 124 -1.83 2.99 -12.51
CA LEU B 124 -1.19 2.29 -11.39
C LEU B 124 -1.47 3.13 -10.17
N GLY B 125 -1.14 2.63 -8.99
CA GLY B 125 -1.34 3.41 -7.79
C GLY B 125 -0.29 4.51 -7.81
N LYS B 126 -0.49 5.54 -6.99
CA LYS B 126 0.46 6.65 -6.94
C LYS B 126 1.85 6.21 -6.52
N ALA B 127 1.94 5.24 -5.62
CA ALA B 127 3.21 4.75 -5.13
C ALA B 127 4.06 4.10 -6.23
N TYR B 128 3.41 3.32 -7.10
CA TYR B 128 4.13 2.67 -8.19
C TYR B 128 4.61 3.70 -9.19
N GLN B 129 3.71 4.62 -9.58
CA GLN B 129 4.05 5.68 -10.52
C GLN B 129 5.31 6.42 -10.04
N ASP B 130 5.36 6.72 -8.75
CA ASP B 130 6.48 7.46 -8.19
C ASP B 130 7.81 6.71 -8.25
N VAL B 131 7.79 5.42 -7.91
CA VAL B 131 9.03 4.66 -7.98
C VAL B 131 9.53 4.69 -9.43
N ILE B 132 8.62 4.46 -10.37
CA ILE B 132 8.93 4.42 -11.79
C ILE B 132 9.43 5.74 -12.36
N SER B 133 8.80 6.85 -11.98
CA SER B 133 9.21 8.18 -12.44
C SER B 133 10.58 8.49 -11.88
N GLY B 134 10.73 8.29 -10.57
CA GLY B 134 11.97 8.58 -9.90
C GLY B 134 13.17 7.84 -10.42
N ILE B 135 13.03 6.53 -10.60
CA ILE B 135 14.15 5.73 -11.09
C ILE B 135 14.49 6.09 -12.53
N CYS B 136 13.46 6.25 -13.37
CA CYS B 136 13.68 6.61 -14.77
C CYS B 136 14.52 7.88 -14.86
N GLU B 137 14.12 8.92 -14.12
CA GLU B 137 14.84 10.18 -14.13
C GLU B 137 16.27 10.00 -13.64
N ARG B 138 16.46 9.25 -12.55
CA ARG B 138 17.80 9.02 -12.05
C ARG B 138 18.66 8.21 -13.02
N MET B 139 18.04 7.29 -13.74
CA MET B 139 18.81 6.48 -14.70
C MET B 139 19.15 7.37 -15.90
N ALA B 140 18.19 8.17 -16.31
CA ALA B 140 18.36 9.09 -17.43
C ALA B 140 19.57 10.01 -17.19
N ASN B 141 19.61 10.66 -16.03
CA ASN B 141 20.73 11.56 -15.74
C ASN B 141 22.04 10.80 -15.66
N GLY B 142 21.99 9.60 -15.09
CA GLY B 142 23.19 8.81 -14.99
C GLY B 142 23.72 8.49 -16.37
N MET B 143 22.81 8.15 -17.29
CA MET B 143 23.21 7.85 -18.66
C MET B 143 23.86 9.11 -19.25
N CYS B 144 23.27 10.27 -18.99
CA CYS B 144 23.79 11.53 -19.49
C CYS B 144 25.22 11.78 -19.04
N ASP B 145 25.54 11.39 -17.83
CA ASP B 145 26.89 11.56 -17.32
C ASP B 145 27.83 10.76 -18.21
N PHE B 146 27.46 9.50 -18.46
CA PHE B 146 28.28 8.61 -19.27
C PHE B 146 28.20 8.77 -20.78
N LEU B 147 27.44 9.75 -21.25
CA LEU B 147 27.37 10.01 -22.69
C LEU B 147 28.52 10.97 -23.03
N THR B 148 29.01 11.66 -21.99
CA THR B 148 30.09 12.62 -22.13
C THR B 148 31.36 12.18 -21.43
N ARG B 149 31.56 10.87 -21.28
CA ARG B 149 32.76 10.31 -20.65
C ARG B 149 32.79 8.78 -20.61
N LYS B 150 33.97 8.22 -20.92
CA LYS B 150 34.22 6.78 -20.96
C LYS B 150 34.32 6.14 -19.57
N VAL B 151 34.26 4.81 -19.53
CA VAL B 151 34.40 4.07 -18.28
C VAL B 151 35.88 3.70 -18.17
N GLU B 152 36.61 4.44 -17.34
CA GLU B 152 38.04 4.20 -17.17
C GLU B 152 38.38 3.40 -15.93
N THR B 153 37.84 3.82 -14.80
CA THR B 153 38.10 3.22 -13.50
C THR B 153 37.04 2.23 -13.00
N LYS B 154 37.40 1.44 -11.99
CA LYS B 154 36.48 0.48 -11.40
C LYS B 154 35.30 1.23 -10.76
N ALA B 155 35.60 2.39 -10.19
CA ALA B 155 34.56 3.19 -9.57
C ALA B 155 33.56 3.63 -10.65
N ASP B 156 34.09 3.88 -11.84
CA ASP B 156 33.28 4.28 -13.00
C ASP B 156 32.39 3.11 -13.38
N TYR B 157 33.02 1.93 -13.48
CA TYR B 157 32.34 0.70 -13.84
C TYR B 157 31.14 0.47 -12.90
N ASP B 158 31.41 0.46 -11.59
CA ASP B 158 30.39 0.27 -10.57
C ASP B 158 29.31 1.35 -10.65
N LEU B 159 29.71 2.59 -10.96
CA LEU B 159 28.76 3.68 -11.04
C LEU B 159 27.91 3.56 -12.30
N TYR B 160 28.53 3.17 -13.41
CA TYR B 160 27.80 3.00 -14.65
C TYR B 160 26.77 1.86 -14.44
N CYS B 161 27.23 0.74 -13.88
CA CYS B 161 26.35 -0.40 -13.63
C CYS B 161 25.21 0.00 -12.68
N HIS B 162 25.49 0.91 -11.75
CA HIS B 162 24.48 1.39 -10.81
C HIS B 162 23.43 2.17 -11.60
N TYR B 163 23.88 2.95 -12.59
CA TYR B 163 22.96 3.74 -13.40
C TYR B 163 22.00 2.93 -14.25
N VAL B 164 22.53 1.90 -14.89
CA VAL B 164 21.70 1.09 -15.77
C VAL B 164 21.10 -0.19 -15.15
N ALA B 165 21.64 -0.64 -14.02
CA ALA B 165 21.17 -1.86 -13.38
C ALA B 165 20.90 -1.73 -11.88
N GLY B 166 21.89 -1.30 -11.10
CA GLY B 166 21.70 -1.14 -9.67
C GLY B 166 20.40 -0.42 -9.34
N LEU B 167 20.13 0.67 -10.04
CA LEU B 167 18.93 1.43 -9.80
C LEU B 167 17.66 0.63 -10.04
N VAL B 168 17.72 -0.34 -10.94
CA VAL B 168 16.55 -1.17 -11.21
C VAL B 168 16.35 -2.02 -9.96
N GLY B 169 17.46 -2.41 -9.34
CA GLY B 169 17.40 -3.19 -8.12
C GLY B 169 16.67 -2.36 -7.08
N HIS B 170 17.06 -1.08 -6.97
CA HIS B 170 16.43 -0.15 -6.05
C HIS B 170 14.94 -0.04 -6.34
N GLY B 171 14.60 0.26 -7.59
CA GLY B 171 13.20 0.40 -7.94
C GLY B 171 12.36 -0.83 -7.63
N LEU B 172 12.80 -1.99 -8.09
CA LEU B 172 12.04 -3.20 -7.84
C LEU B 172 11.77 -3.39 -6.36
N THR B 173 12.80 -3.13 -5.55
CA THR B 173 12.69 -3.29 -4.11
C THR B 173 11.61 -2.37 -3.55
N LEU B 174 11.62 -1.13 -4.00
CA LEU B 174 10.62 -0.15 -3.58
C LEU B 174 9.25 -0.63 -4.02
N LEU B 175 9.17 -1.23 -5.20
CA LEU B 175 7.90 -1.75 -5.70
C LEU B 175 7.42 -2.93 -4.85
N TYR B 176 8.34 -3.81 -4.44
CA TYR B 176 7.93 -4.95 -3.63
C TYR B 176 7.27 -4.43 -2.37
N VAL B 177 7.94 -3.49 -1.69
CA VAL B 177 7.43 -2.89 -0.46
C VAL B 177 6.13 -2.15 -0.73
N SER B 178 6.17 -1.26 -1.71
CA SER B 178 5.00 -0.47 -2.08
C SER B 178 3.76 -1.35 -2.30
N SER B 179 3.99 -2.63 -2.62
CA SER B 179 2.90 -3.57 -2.88
C SER B 179 2.36 -4.20 -1.61
N GLY B 180 3.22 -4.30 -0.59
CA GLY B 180 2.82 -4.89 0.67
C GLY B 180 3.19 -6.35 0.78
N LEU B 181 3.69 -6.93 -0.31
CA LEU B 181 4.08 -8.35 -0.36
C LEU B 181 5.35 -8.65 0.43
N GLU B 182 6.18 -7.64 0.64
CA GLU B 182 7.42 -7.79 1.39
C GLU B 182 7.38 -6.74 2.50
N ASP B 183 8.15 -6.94 3.56
CA ASP B 183 8.14 -5.98 4.66
C ASP B 183 8.68 -4.61 4.30
N VAL B 184 8.07 -3.58 4.90
CA VAL B 184 8.46 -2.19 4.66
C VAL B 184 9.93 -1.95 5.01
N ARG B 185 10.50 -2.86 5.79
CA ARG B 185 11.90 -2.73 6.19
C ARG B 185 12.90 -3.07 5.08
N LEU B 186 12.45 -3.88 4.11
CA LEU B 186 13.29 -4.29 2.98
C LEU B 186 13.94 -3.09 2.29
N ALA B 187 13.24 -1.96 2.26
CA ALA B 187 13.77 -0.76 1.63
C ALA B 187 14.65 0.18 2.48
N ASP B 188 14.93 -0.19 3.73
CA ASP B 188 15.76 0.66 4.58
C ASP B 188 17.11 0.95 3.96
N ASP B 189 17.85 -0.11 3.66
CA ASP B 189 19.16 -0.01 3.06
C ASP B 189 19.20 -0.70 1.71
N LEU B 190 19.18 0.07 0.64
CA LEU B 190 19.19 -0.47 -0.72
C LEU B 190 20.56 -0.88 -1.25
N THR B 191 21.54 -1.01 -0.36
CA THR B 191 22.89 -1.40 -0.75
C THR B 191 22.85 -2.75 -1.47
N ASN B 192 22.19 -3.73 -0.86
CA ASN B 192 22.10 -5.06 -1.45
C ASN B 192 21.24 -5.12 -2.72
N ALA B 193 20.21 -4.27 -2.82
CA ALA B 193 19.40 -4.22 -4.02
C ALA B 193 20.30 -3.81 -5.20
N ASN B 194 21.28 -2.94 -4.92
CA ASN B 194 22.21 -2.47 -5.93
C ASN B 194 23.11 -3.61 -6.38
N HIS B 195 23.59 -4.41 -5.42
CA HIS B 195 24.43 -5.56 -5.71
C HIS B 195 23.69 -6.54 -6.63
N MET B 196 22.38 -6.62 -6.46
CA MET B 196 21.55 -7.51 -7.27
C MET B 196 21.61 -7.03 -8.73
N GLY B 197 21.43 -5.73 -8.92
CA GLY B 197 21.51 -5.14 -10.24
C GLY B 197 22.91 -5.23 -10.82
N LEU B 198 23.94 -4.97 -10.01
CA LEU B 198 25.31 -5.03 -10.52
C LEU B 198 25.76 -6.43 -10.89
N PHE B 199 25.30 -7.44 -10.18
CA PHE B 199 25.73 -8.81 -10.52
C PHE B 199 25.20 -9.25 -11.90
N LEU B 200 23.94 -8.94 -12.18
CA LEU B 200 23.35 -9.30 -13.47
C LEU B 200 24.03 -8.54 -14.58
N GLN B 201 24.17 -7.23 -14.37
CA GLN B 201 24.79 -6.36 -15.38
C GLN B 201 26.22 -6.78 -15.70
N LYS B 202 27.05 -6.93 -14.68
CA LYS B 202 28.43 -7.32 -14.90
C LYS B 202 28.53 -8.68 -15.61
N THR B 203 27.67 -9.62 -15.23
CA THR B 203 27.71 -10.91 -15.89
C THR B 203 27.44 -10.74 -17.39
N ASN B 204 26.45 -9.92 -17.72
CA ASN B 204 26.11 -9.66 -19.13
C ASN B 204 27.28 -8.96 -19.84
N ILE B 205 27.80 -7.90 -19.23
CA ILE B 205 28.91 -7.17 -19.81
C ILE B 205 30.09 -8.11 -20.03
N ILE B 206 30.31 -9.02 -19.10
CA ILE B 206 31.41 -9.94 -19.27
C ILE B 206 31.10 -10.87 -20.44
N ARG B 207 29.92 -11.46 -20.42
CA ARG B 207 29.50 -12.40 -21.45
C ARG B 207 29.39 -11.81 -22.86
N ASP B 208 28.94 -10.56 -22.97
CA ASP B 208 28.77 -9.93 -24.28
C ASP B 208 29.96 -9.11 -24.79
N PHE B 209 31.15 -9.37 -24.26
CA PHE B 209 32.34 -8.63 -24.70
C PHE B 209 32.52 -8.66 -26.22
N TYR B 210 32.62 -9.86 -26.77
CA TYR B 210 32.81 -10.02 -28.20
C TYR B 210 31.75 -9.28 -29.01
N GLU B 211 30.50 -9.61 -28.77
CA GLU B 211 29.38 -8.99 -29.48
C GLU B 211 29.38 -7.47 -29.35
N ASP B 212 29.71 -6.95 -28.17
CA ASP B 212 29.72 -5.50 -27.95
C ASP B 212 30.84 -4.74 -28.66
N ILE B 213 32.04 -5.31 -28.64
CA ILE B 213 33.19 -4.67 -29.26
C ILE B 213 33.20 -4.86 -30.78
N CYS B 214 32.44 -5.85 -31.25
CA CYS B 214 32.36 -6.15 -32.68
C CYS B 214 31.26 -5.42 -33.44
N GLU B 215 31.13 -4.12 -33.22
CA GLU B 215 30.14 -3.34 -33.93
C GLU B 215 30.50 -1.87 -34.00
N VAL B 216 29.91 -1.18 -34.98
CA VAL B 216 30.16 0.23 -35.22
C VAL B 216 29.13 1.18 -34.62
N PRO B 217 29.55 2.02 -33.66
CA PRO B 217 30.92 2.09 -33.15
C PRO B 217 31.08 1.09 -32.00
N PRO B 218 32.31 0.68 -31.69
CA PRO B 218 32.52 -0.27 -30.61
C PRO B 218 31.96 0.18 -29.25
N ARG B 219 31.36 -0.76 -28.52
CA ARG B 219 30.82 -0.48 -27.20
C ARG B 219 31.80 -1.11 -26.21
N VAL B 220 32.42 -0.27 -25.39
CA VAL B 220 33.38 -0.73 -24.39
C VAL B 220 32.81 -0.50 -23.00
N PHE B 221 32.75 -1.56 -22.20
CA PHE B 221 32.22 -1.45 -20.85
C PHE B 221 33.27 -1.83 -19.82
N TRP B 222 34.20 -2.69 -20.21
CA TRP B 222 35.28 -3.14 -19.33
C TRP B 222 36.14 -1.94 -18.97
N PRO B 223 36.31 -1.67 -17.66
CA PRO B 223 37.11 -0.55 -17.15
C PRO B 223 38.60 -0.65 -17.47
N ARG B 224 39.18 0.43 -17.98
CA ARG B 224 40.59 0.45 -18.32
C ARG B 224 41.40 0.00 -17.11
N GLU B 225 41.01 0.50 -15.94
CA GLU B 225 41.69 0.16 -14.70
C GLU B 225 41.94 -1.34 -14.57
N ILE B 226 41.15 -2.15 -15.27
CA ILE B 226 41.33 -3.59 -15.20
C ILE B 226 42.08 -4.16 -16.40
N TRP B 227 41.66 -3.77 -17.60
CA TRP B 227 42.31 -4.30 -18.80
C TRP B 227 43.67 -3.69 -19.17
N GLU B 228 43.92 -2.46 -18.74
CA GLU B 228 45.20 -1.83 -19.07
C GLU B 228 46.30 -2.68 -18.43
N LYS B 229 45.94 -3.43 -17.40
CA LYS B 229 46.86 -4.32 -16.70
C LYS B 229 47.15 -5.53 -17.58
N TYR B 230 46.54 -5.58 -18.77
CA TYR B 230 46.72 -6.73 -19.64
C TYR B 230 46.92 -6.43 -21.11
N THR B 231 46.86 -5.15 -21.48
CA THR B 231 47.04 -4.77 -22.88
C THR B 231 46.81 -3.28 -23.11
N ASP B 232 47.26 -2.81 -24.26
CA ASP B 232 47.11 -1.42 -24.67
C ASP B 232 45.88 -1.28 -25.56
N ASP B 233 45.46 -2.40 -26.13
CA ASP B 233 44.30 -2.39 -27.00
C ASP B 233 43.37 -3.55 -26.64
N LEU B 234 42.22 -3.20 -26.08
CA LEU B 234 41.21 -4.18 -25.67
C LEU B 234 40.70 -4.92 -26.90
N HIS B 235 40.73 -4.23 -28.04
CA HIS B 235 40.24 -4.80 -29.29
C HIS B 235 41.25 -5.83 -29.81
N ALA B 236 42.31 -6.06 -29.05
CA ALA B 236 43.33 -7.01 -29.42
C ALA B 236 43.01 -8.40 -28.87
N PHE B 237 42.22 -8.43 -27.78
CA PHE B 237 41.85 -9.70 -27.15
C PHE B 237 41.15 -10.63 -28.13
N LYS B 238 40.60 -10.07 -29.20
CA LYS B 238 39.93 -10.87 -30.22
C LYS B 238 40.93 -11.86 -30.79
N ASP B 239 42.10 -11.33 -31.14
CA ASP B 239 43.18 -12.13 -31.72
C ASP B 239 43.58 -13.32 -30.86
N GLU B 240 43.67 -14.49 -31.48
CA GLU B 240 44.03 -15.70 -30.77
C GLU B 240 45.54 -15.70 -30.41
N LEU B 241 46.21 -14.58 -30.64
CA LEU B 241 47.62 -14.48 -30.33
C LEU B 241 47.84 -13.69 -29.04
N HIS B 242 46.74 -13.30 -28.40
CA HIS B 242 46.77 -12.57 -27.14
C HIS B 242 45.75 -13.20 -26.19
N GLU B 243 45.44 -14.47 -26.43
CA GLU B 243 44.47 -15.19 -25.62
C GLU B 243 44.87 -15.31 -24.14
N ALA B 244 46.11 -15.69 -23.88
CA ALA B 244 46.60 -15.84 -22.51
C ALA B 244 46.32 -14.60 -21.66
N LYS B 245 46.54 -13.42 -22.23
CA LYS B 245 46.27 -12.18 -21.52
C LYS B 245 44.77 -11.90 -21.48
N ALA B 246 44.09 -12.22 -22.58
CA ALA B 246 42.64 -12.02 -22.67
C ALA B 246 41.95 -12.83 -21.57
N VAL B 247 42.36 -14.09 -21.44
CA VAL B 247 41.80 -14.99 -20.45
C VAL B 247 42.05 -14.50 -19.03
N GLU B 248 43.28 -14.03 -18.79
CA GLU B 248 43.65 -13.52 -17.46
C GLU B 248 42.84 -12.28 -17.13
N CYS B 249 42.53 -11.50 -18.16
CA CYS B 249 41.76 -10.28 -17.98
C CYS B 249 40.31 -10.65 -17.71
N LEU B 250 39.87 -11.72 -18.37
CA LEU B 250 38.51 -12.22 -18.21
C LEU B 250 38.34 -12.62 -16.75
N ASN B 251 39.23 -13.49 -16.28
CA ASN B 251 39.14 -13.96 -14.90
C ASN B 251 39.10 -12.80 -13.92
N ALA B 252 39.80 -11.71 -14.25
CA ALA B 252 39.80 -10.53 -13.41
C ALA B 252 38.39 -9.93 -13.40
N MET B 253 37.74 -9.92 -14.57
CA MET B 253 36.38 -9.38 -14.65
C MET B 253 35.43 -10.27 -13.83
N VAL B 254 35.64 -11.59 -13.90
CA VAL B 254 34.80 -12.52 -13.15
C VAL B 254 34.97 -12.32 -11.67
N ALA B 255 36.22 -12.14 -11.24
CA ALA B 255 36.51 -11.93 -9.84
C ALA B 255 35.72 -10.72 -9.38
N ASP B 256 35.85 -9.61 -10.12
CA ASP B 256 35.14 -8.39 -9.78
C ASP B 256 33.65 -8.67 -9.67
N ALA B 257 33.14 -9.50 -10.57
CA ALA B 257 31.73 -9.86 -10.56
C ALA B 257 31.37 -10.63 -9.30
N LEU B 258 32.20 -11.59 -8.93
CA LEU B 258 31.93 -12.41 -7.75
C LEU B 258 31.77 -11.65 -6.44
N VAL B 259 32.40 -10.48 -6.35
CA VAL B 259 32.31 -9.65 -5.15
C VAL B 259 30.85 -9.49 -4.73
N HIS B 260 29.95 -9.47 -5.69
CA HIS B 260 28.54 -9.27 -5.39
C HIS B 260 27.71 -10.45 -4.93
N VAL B 261 28.19 -11.68 -5.09
CA VAL B 261 27.38 -12.84 -4.70
C VAL B 261 26.88 -12.93 -3.26
N PRO B 262 27.78 -12.69 -2.27
CA PRO B 262 27.37 -12.75 -0.87
C PRO B 262 26.18 -11.83 -0.58
N HIS B 263 26.15 -10.68 -1.25
CA HIS B 263 25.09 -9.71 -1.05
C HIS B 263 23.79 -10.14 -1.75
N VAL B 264 23.94 -10.86 -2.86
CA VAL B 264 22.79 -11.36 -3.59
C VAL B 264 22.17 -12.42 -2.70
N VAL B 265 23.01 -13.26 -2.10
CA VAL B 265 22.52 -14.30 -1.22
C VAL B 265 21.73 -13.61 -0.10
N GLU B 266 22.37 -12.66 0.56
CA GLU B 266 21.73 -11.92 1.64
C GLU B 266 20.38 -11.34 1.20
N TYR B 267 20.36 -10.69 0.05
CA TYR B 267 19.11 -10.10 -0.44
C TYR B 267 18.01 -11.13 -0.65
N LEU B 268 18.37 -12.26 -1.26
CA LEU B 268 17.39 -13.32 -1.54
C LEU B 268 16.81 -13.94 -0.26
N ALA B 269 17.66 -14.12 0.74
CA ALA B 269 17.26 -14.69 2.02
C ALA B 269 16.27 -13.80 2.78
N SER B 270 16.16 -12.53 2.40
CA SER B 270 15.25 -11.64 3.10
C SER B 270 13.88 -11.48 2.44
N LEU B 271 13.66 -12.21 1.36
CA LEU B 271 12.39 -12.12 0.67
C LEU B 271 11.38 -13.11 1.25
N ARG B 272 10.17 -12.65 1.48
CA ARG B 272 9.14 -13.53 2.05
C ARG B 272 8.08 -13.98 1.05
N ASP B 273 7.68 -13.12 0.12
CA ASP B 273 6.66 -13.51 -0.85
C ASP B 273 7.22 -14.45 -1.92
N PRO B 274 6.53 -15.57 -2.17
CA PRO B 274 7.00 -16.54 -3.17
C PRO B 274 7.07 -16.01 -4.61
N SER B 275 6.12 -15.17 -5.00
CA SER B 275 6.13 -14.63 -6.36
C SER B 275 7.35 -13.73 -6.52
N VAL B 276 7.50 -12.81 -5.59
CA VAL B 276 8.61 -11.87 -5.58
C VAL B 276 9.91 -12.65 -5.52
N PHE B 277 9.94 -13.75 -4.78
CA PHE B 277 11.18 -14.51 -4.67
C PHE B 277 11.58 -15.18 -5.98
N ALA B 278 10.63 -15.83 -6.65
CA ALA B 278 10.92 -16.51 -7.92
C ALA B 278 11.37 -15.44 -8.92
N PHE B 279 10.62 -14.35 -8.99
CA PHE B 279 10.94 -13.26 -9.91
C PHE B 279 12.38 -12.78 -9.70
N SER B 280 12.73 -12.51 -8.43
CA SER B 280 14.05 -11.99 -8.08
C SER B 280 15.21 -12.97 -8.19
N ALA B 281 14.95 -14.21 -7.84
CA ALA B 281 15.97 -15.24 -7.84
C ALA B 281 16.36 -15.83 -9.19
N ILE B 282 15.38 -16.07 -10.05
CA ILE B 282 15.68 -16.67 -11.34
C ILE B 282 16.80 -15.96 -12.11
N PRO B 283 16.71 -14.62 -12.26
CA PRO B 283 17.78 -13.94 -13.02
C PRO B 283 19.15 -14.12 -12.36
N GLN B 284 19.17 -14.12 -11.02
CA GLN B 284 20.41 -14.27 -10.26
C GLN B 284 21.07 -15.63 -10.47
N VAL B 285 20.28 -16.71 -10.34
CA VAL B 285 20.85 -18.05 -10.56
C VAL B 285 21.30 -18.15 -12.02
N MET B 286 20.49 -17.63 -12.95
CA MET B 286 20.88 -17.67 -14.37
C MET B 286 22.23 -16.95 -14.52
N ALA B 287 22.36 -15.81 -13.85
CA ALA B 287 23.60 -15.03 -13.86
C ALA B 287 24.79 -15.86 -13.38
N MET B 288 24.63 -16.54 -12.24
CA MET B 288 25.71 -17.37 -11.67
C MET B 288 26.12 -18.54 -12.56
N ALA B 289 25.14 -19.17 -13.20
CA ALA B 289 25.40 -20.30 -14.09
C ALA B 289 26.18 -19.80 -15.31
N THR B 290 25.86 -18.59 -15.76
CA THR B 290 26.53 -18.00 -16.91
C THR B 290 27.96 -17.60 -16.52
N LEU B 291 28.12 -17.17 -15.27
CA LEU B 291 29.43 -16.76 -14.78
C LEU B 291 30.36 -17.97 -14.67
N SER B 292 29.82 -19.11 -14.26
CA SER B 292 30.62 -20.32 -14.13
C SER B 292 31.04 -20.89 -15.50
N LEU B 293 30.40 -20.42 -16.55
CA LEU B 293 30.70 -20.89 -17.89
C LEU B 293 31.72 -20.02 -18.62
N VAL B 294 31.62 -18.71 -18.44
CA VAL B 294 32.54 -17.80 -19.12
C VAL B 294 33.88 -17.72 -18.40
N PHE B 295 33.88 -18.12 -17.13
CA PHE B 295 35.09 -18.09 -16.32
C PHE B 295 36.22 -18.94 -16.91
N ASN B 296 37.38 -18.32 -17.07
CA ASN B 296 38.57 -18.98 -17.61
C ASN B 296 38.27 -19.72 -18.91
N ASN B 297 37.45 -19.10 -19.76
CA ASN B 297 37.04 -19.68 -21.02
C ASN B 297 37.31 -18.75 -22.19
N LYS B 298 38.24 -19.14 -23.07
CA LYS B 298 38.61 -18.35 -24.23
C LYS B 298 37.45 -18.07 -25.19
N ASP B 299 36.55 -19.04 -25.34
CA ASP B 299 35.41 -18.89 -26.26
C ASP B 299 34.69 -17.56 -26.13
N VAL B 300 34.71 -16.98 -24.93
CA VAL B 300 34.05 -15.71 -24.66
C VAL B 300 34.51 -14.63 -25.62
N PHE B 301 35.76 -14.73 -26.07
CA PHE B 301 36.32 -13.73 -26.96
C PHE B 301 36.00 -13.83 -28.43
N HIS B 302 35.35 -14.93 -28.85
CA HIS B 302 34.98 -15.06 -30.25
C HIS B 302 33.55 -15.56 -30.45
N THR B 303 32.79 -15.67 -29.36
CA THR B 303 31.41 -16.12 -29.44
C THR B 303 30.57 -15.76 -28.21
N LYS B 304 29.34 -16.26 -28.17
CA LYS B 304 28.45 -15.99 -27.04
C LYS B 304 28.17 -17.24 -26.20
N VAL B 305 28.81 -17.30 -25.05
CA VAL B 305 28.64 -18.44 -24.16
C VAL B 305 27.28 -18.42 -23.48
N LYS B 306 26.49 -19.48 -23.71
CA LYS B 306 25.17 -19.60 -23.11
C LYS B 306 25.05 -20.92 -22.38
N THR B 307 24.05 -20.99 -21.50
CA THR B 307 23.76 -22.17 -20.72
C THR B 307 22.97 -23.13 -21.60
N THR B 308 22.80 -24.38 -21.16
CA THR B 308 22.03 -25.35 -21.94
C THR B 308 20.54 -25.11 -21.73
N ARG B 309 19.71 -25.63 -22.63
CA ARG B 309 18.29 -25.43 -22.47
C ARG B 309 17.83 -26.19 -21.22
N GLY B 310 18.54 -27.26 -20.88
CA GLY B 310 18.18 -28.03 -19.70
C GLY B 310 18.50 -27.30 -18.40
N ALA B 311 19.69 -26.74 -18.30
CA ALA B 311 20.07 -26.00 -17.10
C ALA B 311 19.07 -24.83 -16.94
N THR B 312 18.77 -24.16 -18.05
CA THR B 312 17.84 -23.05 -18.02
C THR B 312 16.49 -23.50 -17.49
N ALA B 313 15.99 -24.63 -18.01
CA ALA B 313 14.71 -25.18 -17.56
C ALA B 313 14.79 -25.50 -16.08
N ARG B 314 15.89 -26.12 -15.67
CA ARG B 314 16.09 -26.47 -14.27
C ARG B 314 16.02 -25.22 -13.38
N ILE B 315 16.83 -24.22 -13.73
CA ILE B 315 16.88 -22.98 -12.97
C ILE B 315 15.50 -22.34 -12.84
N PHE B 316 14.78 -22.21 -13.96
CA PHE B 316 13.45 -21.61 -13.90
C PHE B 316 12.46 -22.41 -13.06
N HIS B 317 12.65 -23.72 -12.99
CA HIS B 317 11.73 -24.54 -12.22
C HIS B 317 11.90 -24.56 -10.70
N TYR B 318 13.14 -24.70 -10.23
CA TYR B 318 13.38 -24.78 -8.79
C TYR B 318 13.64 -23.49 -8.01
N SER B 319 14.01 -22.42 -8.71
CA SER B 319 14.29 -21.16 -8.02
C SER B 319 13.05 -20.53 -7.40
N THR B 320 12.17 -21.35 -6.85
CA THR B 320 10.96 -20.86 -6.22
C THR B 320 11.06 -20.75 -4.69
N GLU B 321 12.16 -21.20 -4.12
CA GLU B 321 12.33 -21.11 -2.68
C GLU B 321 13.81 -21.05 -2.29
N LEU B 322 14.08 -20.36 -1.19
CA LEU B 322 15.44 -20.16 -0.71
C LEU B 322 16.39 -21.35 -0.71
N GLN B 323 16.07 -22.37 0.07
CA GLN B 323 16.97 -23.53 0.15
C GLN B 323 17.44 -24.09 -1.17
N ALA B 324 16.50 -24.29 -2.10
CA ALA B 324 16.84 -24.83 -3.41
C ALA B 324 17.61 -23.83 -4.26
N THR B 325 17.33 -22.54 -4.06
CA THR B 325 18.02 -21.50 -4.80
C THR B 325 19.48 -21.45 -4.36
N LEU B 326 19.68 -21.61 -3.06
CA LEU B 326 21.02 -21.58 -2.48
C LEU B 326 21.82 -22.79 -2.92
N GLN B 327 21.17 -23.95 -3.00
CA GLN B 327 21.86 -25.17 -3.41
C GLN B 327 22.40 -25.03 -4.84
N MET B 328 21.65 -24.31 -5.66
CA MET B 328 22.06 -24.15 -7.04
C MET B 328 23.17 -23.12 -7.14
N LEU B 329 23.07 -22.05 -6.34
CA LEU B 329 24.12 -21.04 -6.35
C LEU B 329 25.42 -21.68 -5.90
N LYS B 330 25.36 -22.46 -4.81
CA LYS B 330 26.55 -23.11 -4.30
C LYS B 330 27.15 -24.01 -5.36
N THR B 331 26.32 -24.83 -5.98
CA THR B 331 26.78 -25.73 -7.02
C THR B 331 27.50 -24.99 -8.15
N TYR B 332 26.88 -23.95 -8.66
CA TYR B 332 27.51 -23.22 -9.75
C TYR B 332 28.80 -22.52 -9.30
N THR B 333 28.84 -22.07 -8.05
CA THR B 333 30.02 -21.42 -7.50
C THR B 333 31.17 -22.44 -7.44
N LEU B 334 30.88 -23.63 -6.93
CA LEU B 334 31.89 -24.68 -6.83
C LEU B 334 32.40 -25.15 -8.18
N ARG B 335 31.53 -25.18 -9.19
CA ARG B 335 31.94 -25.60 -10.53
C ARG B 335 32.78 -24.53 -11.19
N LEU B 336 32.59 -23.28 -10.76
CA LEU B 336 33.35 -22.15 -11.28
C LEU B 336 34.76 -22.33 -10.76
N ALA B 337 34.84 -22.69 -9.49
CA ALA B 337 36.11 -22.89 -8.81
C ALA B 337 36.92 -24.07 -9.35
N ALA B 338 36.25 -25.22 -9.49
CA ALA B 338 36.91 -26.43 -9.96
C ALA B 338 37.37 -26.34 -11.40
N ARG B 339 37.27 -25.16 -11.99
CA ARG B 339 37.68 -24.96 -13.38
C ARG B 339 39.03 -24.25 -13.49
N MET B 340 39.59 -23.85 -12.36
CA MET B 340 40.87 -23.14 -12.37
C MET B 340 42.04 -23.97 -11.85
N ASN B 341 43.24 -23.45 -12.06
CA ASN B 341 44.48 -24.10 -11.64
C ASN B 341 45.16 -23.33 -10.52
N ALA B 342 45.92 -24.05 -9.70
CA ALA B 342 46.69 -23.42 -8.64
C ALA B 342 47.75 -22.68 -9.45
N GLN B 343 47.82 -23.04 -10.73
CA GLN B 343 48.76 -22.45 -11.68
C GLN B 343 48.28 -21.11 -12.21
N ASP B 344 46.98 -20.97 -12.42
CA ASP B 344 46.41 -19.73 -12.93
C ASP B 344 46.68 -18.55 -11.98
N ALA B 345 46.85 -17.37 -12.56
CA ALA B 345 47.16 -16.16 -11.81
C ALA B 345 46.06 -15.59 -10.91
N CYS B 346 44.85 -16.13 -10.99
CA CYS B 346 43.75 -15.63 -10.17
C CYS B 346 43.32 -16.58 -9.07
N TYR B 347 43.92 -17.77 -9.04
CA TYR B 347 43.61 -18.80 -8.06
C TYR B 347 43.35 -18.29 -6.65
N ASP B 348 44.24 -17.43 -6.17
CA ASP B 348 44.13 -16.85 -4.83
C ASP B 348 42.91 -15.97 -4.63
N ARG B 349 42.72 -14.99 -5.52
CA ARG B 349 41.58 -14.10 -5.41
C ARG B 349 40.26 -14.88 -5.53
N ILE B 350 40.13 -15.65 -6.60
CA ILE B 350 38.92 -16.44 -6.85
C ILE B 350 38.56 -17.36 -5.69
N GLU B 351 39.54 -18.12 -5.20
CA GLU B 351 39.30 -19.03 -4.09
C GLU B 351 38.67 -18.29 -2.91
N HIS B 352 39.18 -17.11 -2.60
CA HIS B 352 38.65 -16.31 -1.49
C HIS B 352 37.25 -15.83 -1.81
N LEU B 353 37.05 -15.35 -3.03
CA LEU B 353 35.75 -14.86 -3.47
C LEU B 353 34.75 -16.01 -3.50
N VAL B 354 35.24 -17.22 -3.77
CA VAL B 354 34.40 -18.41 -3.79
C VAL B 354 34.00 -18.81 -2.36
N ASN B 355 34.98 -18.83 -1.45
CA ASN B 355 34.70 -19.19 -0.07
C ASN B 355 33.80 -18.15 0.60
N ASP B 356 33.95 -16.89 0.20
CA ASP B 356 33.12 -15.82 0.73
C ASP B 356 31.69 -16.08 0.30
N ALA B 357 31.53 -16.50 -0.94
CA ALA B 357 30.21 -16.78 -1.49
C ALA B 357 29.51 -17.89 -0.73
N ILE B 358 30.15 -19.04 -0.66
CA ILE B 358 29.58 -20.19 0.03
C ILE B 358 29.32 -19.94 1.51
N ARG B 359 30.26 -19.28 2.17
CA ARG B 359 30.12 -18.99 3.60
C ARG B 359 28.78 -18.30 3.82
N ALA B 360 28.48 -17.36 2.93
CA ALA B 360 27.24 -16.59 2.99
C ALA B 360 26.01 -17.47 2.72
N MET B 361 26.14 -18.41 1.79
CA MET B 361 25.03 -19.30 1.46
C MET B 361 24.68 -20.18 2.68
N GLU B 362 25.69 -20.89 3.20
CA GLU B 362 25.50 -21.75 4.36
C GLU B 362 24.95 -20.91 5.51
N SER B 363 25.34 -19.64 5.54
CA SER B 363 24.88 -18.71 6.54
C SER B 363 23.34 -18.70 6.64
N HIS B 364 22.67 -19.16 5.58
CA HIS B 364 21.21 -19.17 5.56
C HIS B 364 20.63 -20.56 5.38
N GLN B 365 21.46 -21.59 5.52
CA GLN B 365 21.00 -22.97 5.38
C GLN B 365 20.77 -23.59 6.76
N ASN C 24 -14.17 45.62 -24.15
CA ASN C 24 -15.14 45.22 -23.14
C ASN C 24 -14.64 44.08 -22.27
N ASP C 25 -15.11 42.87 -22.60
CA ASP C 25 -14.76 41.65 -21.87
C ASP C 25 -14.66 41.92 -20.37
N GLU C 26 -15.83 42.03 -19.74
CA GLU C 26 -15.94 42.28 -18.32
C GLU C 26 -15.23 41.19 -17.50
N ASP C 27 -15.16 39.98 -18.06
CA ASP C 27 -14.51 38.86 -17.38
C ASP C 27 -13.02 39.10 -17.14
N LEU C 28 -12.37 39.69 -18.14
CA LEU C 28 -10.94 39.97 -18.07
C LEU C 28 -10.63 41.08 -17.05
N ARG C 29 -11.54 42.05 -16.92
CA ARG C 29 -11.35 43.14 -15.98
C ARG C 29 -11.44 42.62 -14.55
N PHE C 30 -12.29 41.61 -14.36
CA PHE C 30 -12.44 41.01 -13.05
C PHE C 30 -11.10 40.35 -12.69
N CYS C 31 -10.51 39.67 -13.66
CA CYS C 31 -9.23 39.00 -13.47
C CYS C 31 -8.14 39.98 -13.02
N TYR C 32 -8.06 41.12 -13.69
CA TYR C 32 -7.06 42.12 -13.34
C TYR C 32 -7.32 42.83 -12.03
N ASP C 33 -8.59 43.05 -11.69
CA ASP C 33 -8.90 43.71 -10.43
C ASP C 33 -8.55 42.77 -9.29
N ILE C 34 -8.94 41.51 -9.43
CA ILE C 34 -8.66 40.53 -8.40
C ILE C 34 -7.13 40.30 -8.30
N LEU C 35 -6.46 40.24 -9.45
CA LEU C 35 -5.01 40.04 -9.46
C LEU C 35 -4.32 41.12 -8.65
N GLN C 36 -4.75 42.36 -8.85
CA GLN C 36 -4.18 43.48 -8.14
C GLN C 36 -4.50 43.43 -6.65
N ALA C 37 -5.65 42.85 -6.31
CA ALA C 37 -6.06 42.74 -4.92
C ALA C 37 -5.26 41.67 -4.17
N VAL C 38 -5.07 40.52 -4.82
CA VAL C 38 -4.36 39.41 -4.19
C VAL C 38 -2.83 39.48 -4.19
N SER C 39 -2.24 39.89 -5.30
CA SER C 39 -0.79 39.98 -5.35
C SER C 39 -0.33 41.41 -5.61
N ARG C 40 0.15 42.10 -4.58
CA ARG C 40 0.60 43.46 -4.75
C ARG C 40 1.94 43.42 -5.47
N SER C 41 2.75 42.43 -5.11
CA SER C 41 4.08 42.25 -5.68
C SER C 41 4.08 42.02 -7.20
N PHE C 42 3.54 40.89 -7.64
CA PHE C 42 3.54 40.55 -9.06
C PHE C 42 2.56 41.28 -9.96
N ALA C 43 1.50 41.85 -9.38
CA ALA C 43 0.52 42.57 -10.18
C ALA C 43 1.19 43.66 -11.00
N VAL C 44 2.09 44.44 -10.38
CA VAL C 44 2.79 45.50 -11.09
C VAL C 44 3.57 44.99 -12.30
N VAL C 45 4.41 43.96 -12.12
CA VAL C 45 5.17 43.42 -13.26
C VAL C 45 4.29 42.77 -14.31
N ILE C 46 3.23 42.09 -13.88
CA ILE C 46 2.36 41.46 -14.85
C ILE C 46 1.66 42.54 -15.68
N MET C 47 1.18 43.60 -15.02
CA MET C 47 0.47 44.70 -15.69
C MET C 47 1.28 45.43 -16.74
N GLU C 48 2.60 45.49 -16.54
CA GLU C 48 3.46 46.20 -17.48
C GLU C 48 3.75 45.41 -18.77
N LEU C 49 3.34 44.14 -18.79
CA LEU C 49 3.57 43.27 -19.94
C LEU C 49 2.84 43.70 -21.22
N ASP C 50 3.43 43.29 -22.34
CA ASP C 50 2.86 43.57 -23.65
C ASP C 50 1.51 42.86 -23.63
N GLU C 51 0.46 43.62 -23.93
CA GLU C 51 -0.94 43.16 -23.92
C GLU C 51 -1.26 41.71 -24.33
N GLU C 52 -0.74 41.26 -25.46
CA GLU C 52 -1.02 39.91 -25.94
C GLU C 52 -0.82 38.85 -24.85
N MET C 53 0.44 38.63 -24.50
CA MET C 53 0.78 37.63 -23.49
C MET C 53 0.37 37.94 -22.06
N ARG C 54 0.08 39.21 -21.77
CA ARG C 54 -0.30 39.61 -20.42
C ARG C 54 -1.54 38.89 -19.85
N ASP C 55 -2.58 38.75 -20.66
CA ASP C 55 -3.79 38.07 -20.21
C ASP C 55 -3.48 36.64 -19.83
N ALA C 56 -2.66 35.98 -20.65
CA ALA C 56 -2.27 34.59 -20.40
C ALA C 56 -1.58 34.49 -19.04
N VAL C 57 -0.63 35.38 -18.81
CA VAL C 57 0.11 35.42 -17.56
C VAL C 57 -0.82 35.75 -16.39
N CYS C 58 -1.74 36.68 -16.61
CA CYS C 58 -2.68 37.07 -15.56
C CYS C 58 -3.54 35.88 -15.15
N ILE C 59 -4.20 35.29 -16.15
CA ILE C 59 -5.06 34.14 -15.92
C ILE C 59 -4.25 32.99 -15.32
N PHE C 60 -3.02 32.81 -15.81
CA PHE C 60 -2.14 31.76 -15.30
C PHE C 60 -1.88 31.95 -13.81
N TYR C 61 -1.66 33.20 -13.40
CA TYR C 61 -1.38 33.50 -11.99
C TYR C 61 -2.60 33.18 -11.15
N LEU C 62 -3.76 33.67 -11.59
CA LEU C 62 -5.00 33.46 -10.88
C LEU C 62 -5.26 31.97 -10.64
N VAL C 63 -5.17 31.18 -11.70
CA VAL C 63 -5.39 29.74 -11.57
C VAL C 63 -4.49 29.13 -10.49
N LEU C 64 -3.21 29.43 -10.54
CA LEU C 64 -2.30 28.86 -9.55
C LEU C 64 -2.58 29.40 -8.14
N ARG C 65 -2.96 30.67 -8.04
CA ARG C 65 -3.25 31.27 -6.74
C ARG C 65 -4.52 30.65 -6.16
N ALA C 66 -5.45 30.28 -7.04
CA ALA C 66 -6.69 29.64 -6.61
C ALA C 66 -6.31 28.28 -6.03
N LEU C 67 -5.59 27.50 -6.84
CA LEU C 67 -5.09 26.19 -6.45
C LEU C 67 -4.38 26.25 -5.11
N ASP C 68 -3.54 27.28 -4.94
CA ASP C 68 -2.77 27.48 -3.72
C ASP C 68 -3.67 27.76 -2.53
N THR C 69 -4.71 28.56 -2.74
CA THR C 69 -5.63 28.90 -1.66
C THR C 69 -6.22 27.61 -1.05
N VAL C 70 -6.79 26.77 -1.90
CA VAL C 70 -7.36 25.51 -1.46
C VAL C 70 -6.33 24.75 -0.63
N GLU C 71 -5.24 24.37 -1.28
CA GLU C 71 -4.16 23.63 -0.66
C GLU C 71 -3.69 24.20 0.69
N ASP C 72 -3.77 25.51 0.84
CA ASP C 72 -3.31 26.18 2.06
C ASP C 72 -4.31 26.31 3.22
N ASP C 73 -5.59 26.14 2.93
CA ASP C 73 -6.62 26.24 3.97
C ASP C 73 -6.53 25.02 4.89
N MET C 74 -6.05 25.21 6.11
CA MET C 74 -5.91 24.10 7.03
C MET C 74 -7.22 23.66 7.68
N SER C 75 -8.28 24.43 7.46
CA SER C 75 -9.59 24.09 8.01
C SER C 75 -10.29 23.06 7.13
N ILE C 76 -9.51 22.37 6.32
CA ILE C 76 -10.04 21.34 5.44
C ILE C 76 -9.23 20.05 5.57
N PRO C 77 -9.91 18.89 5.47
CA PRO C 77 -9.32 17.56 5.56
C PRO C 77 -8.38 17.24 4.41
N VAL C 78 -7.17 16.82 4.75
CA VAL C 78 -6.17 16.45 3.76
C VAL C 78 -6.86 15.61 2.71
N GLU C 79 -7.60 14.61 3.19
CA GLU C 79 -8.32 13.69 2.33
C GLU C 79 -9.16 14.40 1.27
N PHE C 80 -9.66 15.60 1.59
CA PHE C 80 -10.45 16.36 0.63
C PHE C 80 -9.58 16.84 -0.53
N LYS C 81 -8.49 17.52 -0.19
CA LYS C 81 -7.54 18.07 -1.17
C LYS C 81 -6.91 16.96 -2.01
N LEU C 82 -6.42 15.91 -1.34
CA LEU C 82 -5.80 14.78 -2.02
C LEU C 82 -6.82 14.21 -2.99
N ARG C 83 -8.09 14.52 -2.74
CA ARG C 83 -9.21 14.05 -3.55
C ARG C 83 -9.71 15.11 -4.53
N GLU C 84 -9.35 16.37 -4.28
CA GLU C 84 -9.80 17.45 -5.15
C GLU C 84 -8.75 18.21 -5.95
N LEU C 85 -7.55 18.35 -5.41
CA LEU C 85 -6.50 19.08 -6.10
C LEU C 85 -6.13 18.49 -7.47
N PRO C 86 -5.87 17.17 -7.53
CA PRO C 86 -5.51 16.50 -8.78
C PRO C 86 -6.43 16.74 -9.98
N LYS C 87 -7.65 17.21 -9.71
CA LYS C 87 -8.61 17.45 -10.78
C LYS C 87 -8.96 18.92 -10.93
N PHE C 88 -8.32 19.76 -10.11
CA PHE C 88 -8.56 21.19 -10.15
C PHE C 88 -8.39 21.79 -11.54
N HIS C 89 -7.60 21.14 -12.38
CA HIS C 89 -7.35 21.64 -13.74
C HIS C 89 -8.47 21.33 -14.73
N GLU C 90 -9.32 20.37 -14.38
CA GLU C 90 -10.43 19.99 -15.24
C GLU C 90 -11.53 21.04 -15.25
N HIS C 91 -11.61 21.83 -14.18
CA HIS C 91 -12.63 22.86 -14.07
C HIS C 91 -12.35 24.02 -15.03
N LEU C 92 -11.12 24.09 -15.51
CA LEU C 92 -10.73 25.14 -16.43
C LEU C 92 -11.57 25.10 -17.69
N HIS C 93 -12.16 23.94 -17.96
CA HIS C 93 -12.98 23.78 -19.14
C HIS C 93 -14.47 23.76 -18.80
N ASP C 94 -14.79 24.10 -17.55
CA ASP C 94 -16.17 24.13 -17.08
C ASP C 94 -16.54 25.52 -16.56
N THR C 95 -17.14 26.32 -17.45
CA THR C 95 -17.55 27.70 -17.16
C THR C 95 -18.46 27.90 -15.94
N THR C 96 -18.93 26.81 -15.36
CA THR C 96 -19.83 26.92 -14.21
C THR C 96 -19.16 26.63 -12.87
N TRP C 97 -18.03 25.92 -12.90
CA TRP C 97 -17.34 25.57 -11.67
C TRP C 97 -16.84 26.75 -10.87
N CYS C 98 -17.03 26.66 -9.56
CA CYS C 98 -16.60 27.68 -8.63
C CYS C 98 -16.65 27.04 -7.25
N MET C 99 -15.80 27.47 -6.34
CA MET C 99 -15.78 26.88 -5.00
C MET C 99 -16.42 27.81 -3.97
N SER C 100 -17.35 27.24 -3.22
CA SER C 100 -18.13 27.96 -2.21
C SER C 100 -17.45 28.55 -0.98
N GLY C 101 -16.82 27.73 -0.14
CA GLY C 101 -16.21 28.28 1.06
C GLY C 101 -14.86 27.79 1.56
N VAL C 102 -13.80 28.42 1.06
CA VAL C 102 -12.42 28.09 1.45
C VAL C 102 -11.58 29.35 1.33
N GLY C 103 -10.65 29.54 2.27
CA GLY C 103 -9.81 30.72 2.23
C GLY C 103 -10.54 31.99 2.61
N VAL C 104 -9.80 32.98 3.11
CA VAL C 104 -10.38 34.25 3.52
C VAL C 104 -9.87 35.38 2.62
N GLY C 105 -10.34 36.60 2.89
CA GLY C 105 -9.90 37.74 2.11
C GLY C 105 -10.26 37.65 0.63
N ARG C 106 -9.47 38.34 -0.18
CA ARG C 106 -9.68 38.34 -1.63
C ARG C 106 -9.48 36.96 -2.22
N GLU C 107 -8.61 36.17 -1.59
CA GLU C 107 -8.34 34.81 -2.06
C GLU C 107 -9.63 34.00 -2.17
N ARG C 108 -10.48 34.11 -1.14
CA ARG C 108 -11.74 33.39 -1.14
C ARG C 108 -12.64 33.90 -2.26
N GLU C 109 -12.69 35.22 -2.44
CA GLU C 109 -13.53 35.81 -3.48
C GLU C 109 -13.17 35.27 -4.86
N LEU C 110 -11.89 34.95 -5.06
CA LEU C 110 -11.43 34.42 -6.34
C LEU C 110 -12.06 33.08 -6.64
N LEU C 111 -11.97 32.15 -5.70
CA LEU C 111 -12.54 30.83 -5.88
C LEU C 111 -14.05 30.89 -6.07
N GLU C 112 -14.71 31.85 -5.40
CA GLU C 112 -16.17 31.99 -5.52
C GLU C 112 -16.61 32.36 -6.93
N ARG C 113 -15.96 33.38 -7.49
CA ARG C 113 -16.27 33.85 -8.84
C ARG C 113 -15.25 33.32 -9.85
N TYR C 114 -14.64 32.20 -9.51
CA TYR C 114 -13.65 31.56 -10.37
C TYR C 114 -14.20 31.38 -11.77
N THR C 115 -15.51 31.55 -11.93
CA THR C 115 -16.16 31.40 -13.22
C THR C 115 -15.63 32.44 -14.21
N HIS C 116 -15.22 33.60 -13.71
CA HIS C 116 -14.68 34.64 -14.58
C HIS C 116 -13.31 34.20 -15.11
N VAL C 117 -12.51 33.59 -14.24
CA VAL C 117 -11.17 33.16 -14.64
C VAL C 117 -11.29 32.10 -15.73
N THR C 118 -12.17 31.13 -15.51
CA THR C 118 -12.36 30.06 -16.49
C THR C 118 -13.01 30.62 -17.76
N ARG C 119 -13.81 31.67 -17.60
CA ARG C 119 -14.48 32.30 -18.72
C ARG C 119 -13.45 32.96 -19.63
N ALA C 120 -12.51 33.69 -19.03
CA ALA C 120 -11.48 34.38 -19.79
C ALA C 120 -10.50 33.37 -20.41
N TYR C 121 -10.23 32.31 -19.66
CA TYR C 121 -9.32 31.25 -20.10
C TYR C 121 -9.71 30.70 -21.46
N SER C 122 -11.03 30.61 -21.70
CA SER C 122 -11.54 30.07 -22.96
C SER C 122 -11.26 30.91 -24.18
N ARG C 123 -11.06 32.22 -24.00
CA ARG C 123 -10.78 33.07 -25.14
C ARG C 123 -9.30 33.21 -25.43
N LEU C 124 -8.46 32.49 -24.69
CA LEU C 124 -7.01 32.53 -24.91
C LEU C 124 -6.64 31.55 -26.01
N GLY C 125 -5.46 31.72 -26.61
CA GLY C 125 -5.02 30.82 -27.64
C GLY C 125 -4.91 29.41 -27.05
N LYS C 126 -5.20 28.40 -27.87
CA LYS C 126 -5.14 27.01 -27.43
C LYS C 126 -3.82 26.66 -26.75
N ALA C 127 -2.72 27.14 -27.33
CA ALA C 127 -1.39 26.87 -26.78
C ALA C 127 -1.28 27.42 -25.36
N TYR C 128 -1.79 28.63 -25.15
CA TYR C 128 -1.78 29.22 -23.81
C TYR C 128 -2.58 28.33 -22.86
N GLN C 129 -3.74 27.86 -23.31
CA GLN C 129 -4.58 27.01 -22.48
C GLN C 129 -3.86 25.73 -22.06
N ASP C 130 -3.20 25.08 -23.01
CA ASP C 130 -2.47 23.84 -22.73
C ASP C 130 -1.36 24.00 -21.70
N VAL C 131 -0.57 25.05 -21.84
CA VAL C 131 0.52 25.32 -20.91
C VAL C 131 -0.02 25.48 -19.50
N ILE C 132 -1.09 26.25 -19.37
CA ILE C 132 -1.70 26.52 -18.08
C ILE C 132 -2.28 25.28 -17.42
N SER C 133 -2.95 24.44 -18.19
CA SER C 133 -3.54 23.23 -17.63
C SER C 133 -2.48 22.26 -17.15
N GLY C 134 -1.53 21.97 -18.04
CA GLY C 134 -0.46 21.05 -17.72
C GLY C 134 0.32 21.39 -16.48
N ILE C 135 0.72 22.66 -16.33
CA ILE C 135 1.48 23.07 -15.15
C ILE C 135 0.61 23.02 -13.91
N CYS C 136 -0.63 23.47 -14.04
CA CYS C 136 -1.54 23.44 -12.91
C CYS C 136 -1.64 22.02 -12.36
N GLU C 137 -1.96 21.07 -13.23
CA GLU C 137 -2.09 19.68 -12.82
C GLU C 137 -0.80 19.15 -12.21
N ARG C 138 0.34 19.43 -12.84
CA ARG C 138 1.59 18.94 -12.27
C ARG C 138 1.82 19.52 -10.89
N MET C 139 1.39 20.77 -10.68
CA MET C 139 1.55 21.44 -9.39
C MET C 139 0.59 20.87 -8.34
N ALA C 140 -0.66 20.70 -8.75
CA ALA C 140 -1.69 20.15 -7.86
C ALA C 140 -1.18 18.84 -7.26
N ASN C 141 -0.77 17.93 -8.13
CA ASN C 141 -0.28 16.63 -7.70
C ASN C 141 0.97 16.71 -6.84
N GLY C 142 1.79 17.74 -7.05
CA GLY C 142 2.99 17.89 -6.27
C GLY C 142 2.65 18.37 -4.87
N MET C 143 1.62 19.21 -4.76
CA MET C 143 1.19 19.71 -3.46
C MET C 143 0.66 18.52 -2.66
N CYS C 144 -0.02 17.62 -3.36
CA CYS C 144 -0.56 16.44 -2.71
C CYS C 144 0.58 15.67 -2.09
N ASP C 145 1.64 15.46 -2.85
CA ASP C 145 2.80 14.73 -2.35
C ASP C 145 3.18 15.28 -0.98
N PHE C 146 3.58 16.56 -0.94
CA PHE C 146 3.99 17.20 0.31
C PHE C 146 2.87 17.59 1.25
N LEU C 147 1.65 17.19 0.91
CA LEU C 147 0.52 17.49 1.78
C LEU C 147 0.48 16.43 2.87
N THR C 148 0.89 15.21 2.49
CA THR C 148 0.90 14.08 3.39
C THR C 148 2.28 13.64 3.88
N ARG C 149 3.26 14.55 3.79
CA ARG C 149 4.63 14.28 4.25
C ARG C 149 5.46 15.55 4.45
N LYS C 150 6.66 15.39 5.00
CA LYS C 150 7.52 16.54 5.28
C LYS C 150 8.74 16.77 4.42
N VAL C 151 9.33 17.95 4.57
CA VAL C 151 10.54 18.34 3.85
C VAL C 151 11.70 18.04 4.79
N GLU C 152 12.24 16.83 4.70
CA GLU C 152 13.35 16.44 5.57
C GLU C 152 14.71 16.70 4.94
N THR C 153 14.85 16.31 3.68
CA THR C 153 16.11 16.48 2.98
C THR C 153 16.13 17.70 2.06
N LYS C 154 17.33 18.07 1.65
CA LYS C 154 17.52 19.19 0.75
C LYS C 154 16.88 18.82 -0.57
N ALA C 155 16.79 17.51 -0.83
CA ALA C 155 16.17 17.02 -2.05
C ALA C 155 14.67 17.29 -2.01
N ASP C 156 14.09 17.10 -0.83
CA ASP C 156 12.66 17.34 -0.63
C ASP C 156 12.40 18.84 -0.85
N TYR C 157 13.31 19.64 -0.31
CA TYR C 157 13.26 21.10 -0.39
C TYR C 157 13.24 21.55 -1.86
N ASP C 158 14.25 21.16 -2.62
CA ASP C 158 14.31 21.51 -4.03
C ASP C 158 13.07 21.00 -4.75
N LEU C 159 12.65 19.79 -4.40
CA LEU C 159 11.48 19.20 -5.04
C LEU C 159 10.22 20.01 -4.71
N TYR C 160 10.04 20.38 -3.44
CA TYR C 160 8.87 21.15 -3.06
C TYR C 160 8.87 22.50 -3.79
N CYS C 161 10.04 23.14 -3.85
CA CYS C 161 10.15 24.41 -4.55
C CYS C 161 9.85 24.22 -6.01
N HIS C 162 10.18 23.04 -6.55
CA HIS C 162 9.93 22.74 -7.94
C HIS C 162 8.44 22.69 -8.22
N TYR C 163 7.69 22.02 -7.35
CA TYR C 163 6.25 21.90 -7.55
C TYR C 163 5.47 23.22 -7.46
N VAL C 164 5.91 24.12 -6.58
CA VAL C 164 5.22 25.39 -6.38
C VAL C 164 5.82 26.60 -7.10
N ALA C 165 7.11 26.54 -7.44
CA ALA C 165 7.75 27.70 -8.08
C ALA C 165 8.51 27.39 -9.36
N GLY C 166 9.34 26.35 -9.32
CA GLY C 166 10.11 25.97 -10.50
C GLY C 166 9.18 25.73 -11.68
N LEU C 167 8.08 25.04 -11.42
CA LEU C 167 7.12 24.74 -12.49
C LEU C 167 6.51 25.99 -13.07
N VAL C 168 6.41 27.04 -12.27
CA VAL C 168 5.86 28.30 -12.78
C VAL C 168 6.91 28.87 -13.74
N GLY C 169 8.18 28.68 -13.40
CA GLY C 169 9.25 29.12 -14.26
C GLY C 169 9.15 28.34 -15.56
N HIS C 170 8.80 27.06 -15.45
CA HIS C 170 8.61 26.18 -16.61
C HIS C 170 7.52 26.79 -17.49
N GLY C 171 6.34 26.96 -16.90
CA GLY C 171 5.21 27.51 -17.63
C GLY C 171 5.41 28.86 -18.26
N LEU C 172 5.90 29.82 -17.48
CA LEU C 172 6.14 31.16 -17.99
C LEU C 172 7.03 31.07 -19.23
N THR C 173 8.07 30.25 -19.14
CA THR C 173 8.97 30.08 -20.27
C THR C 173 8.15 29.56 -21.45
N LEU C 174 7.36 28.53 -21.18
CA LEU C 174 6.53 27.94 -22.21
C LEU C 174 5.65 29.03 -22.80
N LEU C 175 5.12 29.89 -21.93
CA LEU C 175 4.27 30.98 -22.39
C LEU C 175 5.02 31.98 -23.27
N TYR C 176 6.31 32.18 -23.01
CA TYR C 176 7.10 33.11 -23.83
C TYR C 176 7.23 32.60 -25.27
N VAL C 177 7.50 31.29 -25.40
CA VAL C 177 7.64 30.64 -26.70
C VAL C 177 6.33 30.70 -27.45
N SER C 178 5.31 30.09 -26.86
CA SER C 178 3.99 30.06 -27.45
C SER C 178 3.56 31.45 -27.91
N SER C 179 4.04 32.48 -27.22
CA SER C 179 3.70 33.87 -27.55
C SER C 179 4.44 34.37 -28.77
N GLY C 180 5.54 33.72 -29.11
CA GLY C 180 6.33 34.14 -30.26
C GLY C 180 7.36 35.20 -29.90
N LEU C 181 7.23 35.79 -28.71
CA LEU C 181 8.14 36.84 -28.27
C LEU C 181 9.57 36.34 -28.07
N GLU C 182 9.71 35.09 -27.63
CA GLU C 182 11.03 34.50 -27.44
C GLU C 182 11.20 33.36 -28.45
N ASP C 183 12.44 32.94 -28.69
CA ASP C 183 12.70 31.87 -29.65
C ASP C 183 12.25 30.52 -29.11
N VAL C 184 11.77 29.66 -30.01
CA VAL C 184 11.31 28.33 -29.61
C VAL C 184 12.42 27.59 -28.87
N ARG C 185 13.66 28.00 -29.11
CA ARG C 185 14.84 27.38 -28.49
C ARG C 185 14.81 27.54 -26.96
N LEU C 186 14.20 28.63 -26.49
CA LEU C 186 14.10 28.94 -25.07
C LEU C 186 13.65 27.76 -24.24
N ALA C 187 12.61 27.08 -24.69
CA ALA C 187 12.04 25.92 -24.00
C ALA C 187 12.77 24.60 -24.22
N ASP C 188 13.93 24.61 -24.89
CA ASP C 188 14.63 23.36 -25.12
C ASP C 188 14.97 22.67 -23.80
N ASP C 189 15.73 23.37 -22.98
CA ASP C 189 16.16 22.88 -21.68
C ASP C 189 15.48 23.79 -20.66
N LEU C 190 14.64 23.22 -19.80
CA LEU C 190 13.94 24.02 -18.81
C LEU C 190 14.60 24.04 -17.42
N THR C 191 15.83 23.54 -17.34
CA THR C 191 16.56 23.51 -16.08
C THR C 191 16.78 24.91 -15.48
N ASN C 192 17.22 25.86 -16.30
CA ASN C 192 17.46 27.20 -15.80
C ASN C 192 16.14 27.86 -15.42
N ALA C 193 15.08 27.57 -16.17
CA ALA C 193 13.78 28.11 -15.87
C ALA C 193 13.43 27.69 -14.44
N ASN C 194 13.65 26.42 -14.14
CA ASN C 194 13.38 25.87 -12.81
C ASN C 194 14.23 26.62 -11.78
N HIS C 195 15.43 27.00 -12.18
CA HIS C 195 16.30 27.74 -11.29
C HIS C 195 15.67 29.09 -10.94
N MET C 196 15.07 29.71 -11.94
CA MET C 196 14.40 31.00 -11.74
C MET C 196 13.35 30.85 -10.65
N GLY C 197 12.51 29.83 -10.76
CA GLY C 197 11.47 29.61 -9.75
C GLY C 197 12.05 29.35 -8.38
N LEU C 198 13.03 28.47 -8.30
CA LEU C 198 13.61 28.15 -7.00
C LEU C 198 14.29 29.34 -6.33
N PHE C 199 14.96 30.19 -7.10
CA PHE C 199 15.61 31.33 -6.46
C PHE C 199 14.57 32.20 -5.75
N LEU C 200 13.46 32.46 -6.42
CA LEU C 200 12.40 33.27 -5.83
C LEU C 200 11.82 32.60 -4.58
N GLN C 201 11.28 31.40 -4.78
CA GLN C 201 10.66 30.64 -3.71
C GLN C 201 11.57 30.45 -2.51
N LYS C 202 12.83 30.11 -2.74
CA LYS C 202 13.74 29.89 -1.60
C LYS C 202 14.03 31.18 -0.83
N THR C 203 14.08 32.30 -1.54
CA THR C 203 14.33 33.57 -0.87
C THR C 203 13.14 33.92 0.03
N ASN C 204 11.92 33.68 -0.45
CA ASN C 204 10.73 33.97 0.35
C ASN C 204 10.67 33.09 1.59
N ILE C 205 10.92 31.80 1.41
CA ILE C 205 10.91 30.83 2.49
C ILE C 205 11.95 31.21 3.55
N ILE C 206 13.08 31.75 3.11
CA ILE C 206 14.13 32.19 4.04
C ILE C 206 13.67 33.43 4.79
N ARG C 207 13.18 34.40 4.04
CA ARG C 207 12.72 35.65 4.61
C ARG C 207 11.49 35.48 5.48
N ASP C 208 10.60 34.54 5.12
CA ASP C 208 9.37 34.35 5.87
C ASP C 208 9.41 33.34 7.01
N PHE C 209 10.59 32.91 7.43
CA PHE C 209 10.72 31.95 8.51
C PHE C 209 9.83 32.18 9.72
N TYR C 210 9.99 33.32 10.37
CA TYR C 210 9.20 33.65 11.55
C TYR C 210 7.71 33.62 11.27
N GLU C 211 7.28 34.45 10.32
CA GLU C 211 5.88 34.52 9.95
C GLU C 211 5.32 33.10 9.82
N ASP C 212 6.01 32.26 9.06
CA ASP C 212 5.57 30.89 8.84
C ASP C 212 5.46 30.05 10.11
N ILE C 213 6.57 29.92 10.83
CA ILE C 213 6.59 29.11 12.05
C ILE C 213 5.60 29.57 13.12
N CYS C 214 5.14 30.81 13.02
CA CYS C 214 4.17 31.35 13.98
C CYS C 214 2.74 31.00 13.58
N GLU C 215 2.60 30.37 12.42
CA GLU C 215 1.28 29.98 11.92
C GLU C 215 0.67 28.85 12.74
N VAL C 216 -0.64 28.70 12.62
CA VAL C 216 -1.37 27.66 13.34
C VAL C 216 -2.19 26.80 12.39
N PRO C 217 -1.73 25.55 12.14
CA PRO C 217 -0.51 24.99 12.71
C PRO C 217 0.74 25.62 12.09
N PRO C 218 1.90 25.47 12.74
CA PRO C 218 3.13 26.05 12.21
C PRO C 218 3.49 25.55 10.81
N ARG C 219 4.24 26.37 10.08
CA ARG C 219 4.67 26.05 8.73
C ARG C 219 6.19 25.97 8.69
N VAL C 220 6.70 24.88 8.14
CA VAL C 220 8.14 24.71 8.06
C VAL C 220 8.52 24.21 6.69
N PHE C 221 9.58 24.80 6.12
CA PHE C 221 10.06 24.42 4.81
C PHE C 221 11.56 24.22 4.86
N TRP C 222 12.21 24.86 5.82
CA TRP C 222 13.65 24.70 5.99
C TRP C 222 13.88 23.19 6.16
N PRO C 223 14.77 22.59 5.36
CA PRO C 223 15.08 21.16 5.41
C PRO C 223 15.87 20.70 6.64
N ARG C 224 15.37 19.66 7.30
CA ARG C 224 16.03 19.11 8.49
C ARG C 224 17.50 18.90 8.20
N GLU C 225 17.79 18.30 7.05
CA GLU C 225 19.16 18.02 6.64
C GLU C 225 20.07 19.24 6.80
N ILE C 226 19.47 20.42 6.94
CA ILE C 226 20.26 21.63 7.12
C ILE C 226 20.16 22.20 8.53
N TRP C 227 18.94 22.28 9.06
CA TRP C 227 18.76 22.83 10.40
C TRP C 227 19.06 21.90 11.58
N GLU C 228 18.81 20.60 11.40
CA GLU C 228 19.05 19.64 12.48
C GLU C 228 20.50 19.80 12.94
N LYS C 229 21.31 20.42 12.08
CA LYS C 229 22.71 20.63 12.38
C LYS C 229 22.98 21.84 13.28
N TYR C 230 21.97 22.69 13.45
CA TYR C 230 22.15 23.88 14.26
C TYR C 230 21.21 23.91 15.47
N THR C 231 20.25 23.00 15.47
CA THR C 231 19.28 22.91 16.56
C THR C 231 18.57 21.56 16.45
N ASP C 232 17.92 21.14 17.53
CA ASP C 232 17.18 19.89 17.56
C ASP C 232 15.69 20.21 17.49
N ASP C 233 15.37 21.49 17.64
CA ASP C 233 13.99 21.97 17.58
C ASP C 233 13.99 23.33 16.91
N LEU C 234 13.43 23.37 15.70
CA LEU C 234 13.38 24.60 14.92
C LEU C 234 12.81 25.79 15.69
N HIS C 235 11.90 25.53 16.62
CA HIS C 235 11.31 26.62 17.41
C HIS C 235 12.35 27.32 18.30
N ALA C 236 13.45 26.62 18.59
CA ALA C 236 14.51 27.20 19.41
C ALA C 236 14.98 28.55 18.86
N PHE C 237 15.01 28.69 17.54
CA PHE C 237 15.46 29.93 16.92
C PHE C 237 14.53 31.08 17.27
N LYS C 238 13.29 30.74 17.61
CA LYS C 238 12.30 31.74 17.97
C LYS C 238 12.81 32.66 19.06
N ASP C 239 13.54 32.09 20.02
CA ASP C 239 14.07 32.90 21.13
C ASP C 239 15.54 33.26 21.00
N GLU C 240 15.86 34.44 21.51
CA GLU C 240 17.20 35.02 21.48
C GLU C 240 18.31 34.22 22.16
N LEU C 241 17.95 33.20 22.93
CA LEU C 241 18.96 32.41 23.60
C LEU C 241 19.79 31.57 22.61
N HIS C 242 19.19 31.24 21.48
CA HIS C 242 19.85 30.43 20.45
C HIS C 242 20.13 31.24 19.18
N GLU C 243 20.37 32.54 19.34
CA GLU C 243 20.63 33.44 18.23
C GLU C 243 21.88 33.14 17.40
N ALA C 244 22.92 32.61 18.05
CA ALA C 244 24.16 32.30 17.34
C ALA C 244 23.95 31.14 16.37
N LYS C 245 23.20 30.13 16.80
CA LYS C 245 22.90 28.98 15.96
C LYS C 245 21.87 29.29 14.88
N ALA C 246 20.88 30.11 15.24
CA ALA C 246 19.84 30.50 14.30
C ALA C 246 20.50 31.15 13.09
N VAL C 247 21.22 32.24 13.35
CA VAL C 247 21.92 32.98 12.32
C VAL C 247 22.83 32.08 11.50
N GLU C 248 23.60 31.24 12.19
CA GLU C 248 24.51 30.32 11.52
C GLU C 248 23.69 29.38 10.63
N CYS C 249 22.45 29.11 11.02
CA CYS C 249 21.59 28.27 10.21
C CYS C 249 20.98 29.10 9.08
N LEU C 250 20.63 30.33 9.37
CA LEU C 250 20.07 31.23 8.37
C LEU C 250 21.08 31.31 7.23
N ASN C 251 22.35 31.50 7.60
CA ASN C 251 23.43 31.63 6.63
C ASN C 251 23.62 30.39 5.76
N ALA C 252 23.26 29.22 6.28
CA ALA C 252 23.37 28.00 5.51
C ALA C 252 22.27 28.02 4.46
N MET C 253 21.08 28.45 4.88
CA MET C 253 19.93 28.52 3.99
C MET C 253 20.23 29.45 2.79
N VAL C 254 20.81 30.61 3.09
CA VAL C 254 21.18 31.59 2.05
C VAL C 254 22.17 30.96 1.09
N ALA C 255 23.11 30.20 1.64
CA ALA C 255 24.12 29.51 0.82
C ALA C 255 23.39 28.62 -0.19
N ASP C 256 22.46 27.82 0.31
CA ASP C 256 21.70 26.93 -0.56
C ASP C 256 21.00 27.73 -1.65
N ALA C 257 20.47 28.89 -1.30
CA ALA C 257 19.76 29.73 -2.28
C ALA C 257 20.71 30.31 -3.31
N LEU C 258 21.88 30.75 -2.86
CA LEU C 258 22.84 31.34 -3.78
C LEU C 258 23.22 30.42 -4.94
N VAL C 259 22.98 29.12 -4.77
CA VAL C 259 23.30 28.12 -5.79
C VAL C 259 22.59 28.34 -7.11
N HIS C 260 21.45 29.01 -7.09
CA HIS C 260 20.71 29.22 -8.34
C HIS C 260 21.05 30.51 -9.12
N VAL C 261 21.79 31.42 -8.49
CA VAL C 261 22.09 32.70 -9.13
C VAL C 261 22.80 32.59 -10.47
N PRO C 262 23.88 31.80 -10.55
CA PRO C 262 24.58 31.66 -11.83
C PRO C 262 23.62 31.28 -12.93
N HIS C 263 22.66 30.43 -12.59
CA HIS C 263 21.67 29.97 -13.54
C HIS C 263 20.66 31.07 -13.87
N VAL C 264 20.31 31.90 -12.88
CA VAL C 264 19.39 33.01 -13.09
C VAL C 264 20.03 33.91 -14.13
N VAL C 265 21.31 34.22 -13.91
CA VAL C 265 22.03 35.06 -14.85
C VAL C 265 21.97 34.47 -16.25
N GLU C 266 22.24 33.18 -16.39
CA GLU C 266 22.22 32.57 -17.72
C GLU C 266 20.86 32.67 -18.38
N TYR C 267 19.79 32.46 -17.62
CA TYR C 267 18.45 32.55 -18.18
C TYR C 267 18.16 33.98 -18.66
N LEU C 268 18.42 34.96 -17.81
CA LEU C 268 18.18 36.37 -18.16
C LEU C 268 18.92 36.77 -19.42
N ALA C 269 20.20 36.43 -19.49
CA ALA C 269 21.02 36.77 -20.63
C ALA C 269 20.57 36.07 -21.91
N SER C 270 19.65 35.12 -21.80
CA SER C 270 19.19 34.40 -22.99
C SER C 270 17.87 34.91 -23.57
N LEU C 271 17.24 35.87 -22.89
CA LEU C 271 15.97 36.41 -23.37
C LEU C 271 16.24 37.45 -24.45
N ARG C 272 15.34 37.57 -25.43
CA ARG C 272 15.54 38.56 -26.49
C ARG C 272 14.52 39.71 -26.52
N ASP C 273 13.32 39.48 -25.99
CA ASP C 273 12.28 40.50 -25.98
C ASP C 273 12.39 41.37 -24.71
N PRO C 274 12.32 42.70 -24.86
CA PRO C 274 12.42 43.64 -23.74
C PRO C 274 11.33 43.46 -22.71
N SER C 275 10.12 43.18 -23.17
CA SER C 275 9.02 43.00 -22.25
C SER C 275 9.21 41.74 -21.42
N VAL C 276 9.55 40.64 -22.09
CA VAL C 276 9.76 39.37 -21.40
C VAL C 276 10.93 39.55 -20.43
N PHE C 277 11.99 40.20 -20.88
CA PHE C 277 13.14 40.39 -20.01
C PHE C 277 12.84 41.18 -18.73
N ALA C 278 12.17 42.33 -18.85
CA ALA C 278 11.85 43.13 -17.66
C ALA C 278 10.95 42.33 -16.69
N PHE C 279 9.92 41.70 -17.23
CA PHE C 279 9.02 40.90 -16.40
C PHE C 279 9.76 39.76 -15.73
N SER C 280 10.74 39.20 -16.43
CA SER C 280 11.49 38.08 -15.89
C SER C 280 12.56 38.52 -14.91
N ALA C 281 13.24 39.62 -15.22
CA ALA C 281 14.33 40.12 -14.38
C ALA C 281 14.01 40.82 -13.06
N ILE C 282 13.00 41.68 -13.06
CA ILE C 282 12.64 42.44 -11.87
C ILE C 282 12.44 41.60 -10.61
N PRO C 283 11.70 40.48 -10.71
CA PRO C 283 11.49 39.65 -9.52
C PRO C 283 12.81 39.04 -9.04
N GLN C 284 13.68 38.67 -9.97
CA GLN C 284 14.95 38.08 -9.59
C GLN C 284 15.78 39.11 -8.84
N VAL C 285 15.85 40.33 -9.39
CA VAL C 285 16.62 41.37 -8.71
C VAL C 285 16.06 41.65 -7.31
N MET C 286 14.72 41.71 -7.20
CA MET C 286 14.09 41.91 -5.90
C MET C 286 14.51 40.77 -4.94
N ALA C 287 14.56 39.55 -5.46
CA ALA C 287 14.96 38.40 -4.65
C ALA C 287 16.41 38.58 -4.18
N MET C 288 17.31 38.93 -5.09
CA MET C 288 18.69 39.11 -4.68
C MET C 288 18.77 40.20 -3.62
N ALA C 289 18.08 41.31 -3.84
CA ALA C 289 18.09 42.40 -2.87
C ALA C 289 17.60 41.88 -1.51
N THR C 290 16.47 41.18 -1.49
CA THR C 290 15.95 40.66 -0.22
C THR C 290 16.94 39.66 0.41
N LEU C 291 17.56 38.83 -0.40
CA LEU C 291 18.51 37.85 0.09
C LEU C 291 19.70 38.53 0.76
N SER C 292 20.18 39.61 0.14
CA SER C 292 21.32 40.32 0.69
C SER C 292 20.96 41.00 2.02
N LEU C 293 19.67 41.19 2.28
CA LEU C 293 19.26 41.84 3.52
C LEU C 293 18.92 40.87 4.65
N VAL C 294 18.42 39.68 4.30
CA VAL C 294 18.09 38.69 5.32
C VAL C 294 19.36 37.96 5.74
N PHE C 295 20.33 37.90 4.82
CA PHE C 295 21.57 37.20 5.10
C PHE C 295 22.30 37.68 6.35
N ASN C 296 22.67 36.72 7.19
CA ASN C 296 23.41 36.97 8.40
C ASN C 296 22.75 38.05 9.25
N ASN C 297 21.45 38.22 9.06
CA ASN C 297 20.66 39.22 9.78
C ASN C 297 19.77 38.49 10.77
N LYS C 298 19.99 38.73 12.06
CA LYS C 298 19.21 38.07 13.12
C LYS C 298 17.76 38.54 13.25
N ASP C 299 17.46 39.72 12.71
CA ASP C 299 16.10 40.22 12.79
C ASP C 299 15.15 39.27 12.07
N VAL C 300 15.71 38.43 11.19
CA VAL C 300 14.90 37.49 10.44
C VAL C 300 14.04 36.61 11.34
N PHE C 301 14.53 36.31 12.53
CA PHE C 301 13.81 35.44 13.46
C PHE C 301 12.75 36.09 14.35
N HIS C 302 12.49 37.38 14.16
CA HIS C 302 11.46 38.02 14.96
C HIS C 302 10.60 38.98 14.17
N THR C 303 11.02 39.33 12.96
CA THR C 303 10.25 40.22 12.11
C THR C 303 10.47 39.97 10.61
N LYS C 304 9.71 40.68 9.79
CA LYS C 304 9.80 40.55 8.33
C LYS C 304 10.75 41.57 7.71
N VAL C 305 11.93 41.09 7.32
CA VAL C 305 12.93 41.95 6.71
C VAL C 305 12.65 42.18 5.24
N LYS C 306 12.75 43.42 4.79
CA LYS C 306 12.49 43.74 3.40
C LYS C 306 13.15 45.00 2.89
N THR C 307 13.22 45.12 1.57
CA THR C 307 13.82 46.26 0.92
C THR C 307 12.95 47.48 1.18
N THR C 308 13.52 48.66 0.96
CA THR C 308 12.77 49.90 1.15
C THR C 308 11.95 50.07 -0.11
N ARG C 309 10.86 50.82 -0.04
CA ARG C 309 10.05 51.04 -1.22
C ARG C 309 10.88 51.74 -2.31
N GLY C 310 11.81 52.58 -1.90
CA GLY C 310 12.65 53.28 -2.87
C GLY C 310 13.57 52.30 -3.61
N ALA C 311 14.06 51.30 -2.89
CA ALA C 311 14.93 50.32 -3.52
C ALA C 311 14.11 49.51 -4.53
N THR C 312 12.90 49.10 -4.16
CA THR C 312 12.10 48.34 -5.11
C THR C 312 11.71 49.23 -6.30
N ALA C 313 11.51 50.53 -6.05
CA ALA C 313 11.19 51.45 -7.14
C ALA C 313 12.40 51.56 -8.06
N ARG C 314 13.60 51.64 -7.47
CA ARG C 314 14.81 51.75 -8.27
C ARG C 314 15.00 50.47 -9.10
N ILE C 315 14.70 49.34 -8.48
CA ILE C 315 14.83 48.06 -9.16
C ILE C 315 13.84 47.93 -10.33
N PHE C 316 12.59 48.35 -10.14
CA PHE C 316 11.61 48.29 -11.23
C PHE C 316 12.03 49.23 -12.36
N HIS C 317 12.57 50.39 -11.98
CA HIS C 317 12.98 51.36 -13.00
C HIS C 317 14.15 50.91 -13.87
N TYR C 318 15.19 50.38 -13.26
CA TYR C 318 16.38 49.97 -14.01
C TYR C 318 16.49 48.59 -14.64
N SER C 319 15.85 47.59 -14.05
CA SER C 319 15.95 46.22 -14.57
C SER C 319 15.18 45.95 -15.86
N THR C 320 15.47 46.71 -16.89
CA THR C 320 14.76 46.56 -18.17
C THR C 320 15.65 46.09 -19.32
N GLU C 321 16.95 46.00 -19.07
CA GLU C 321 17.88 45.49 -20.06
C GLU C 321 18.99 44.74 -19.32
N LEU C 322 19.63 43.81 -20.00
CA LEU C 322 20.65 42.96 -19.37
C LEU C 322 21.73 43.64 -18.54
N GLN C 323 22.51 44.53 -19.15
CA GLN C 323 23.60 45.18 -18.42
C GLN C 323 23.24 45.81 -17.08
N ALA C 324 22.20 46.63 -17.06
CA ALA C 324 21.78 47.29 -15.84
C ALA C 324 21.37 46.27 -14.77
N THR C 325 20.68 45.23 -15.19
CA THR C 325 20.24 44.16 -14.28
C THR C 325 21.44 43.46 -13.64
N LEU C 326 22.38 43.07 -14.49
CA LEU C 326 23.58 42.39 -14.04
C LEU C 326 24.29 43.27 -13.03
N GLN C 327 24.47 44.53 -13.40
CA GLN C 327 25.11 45.49 -12.53
C GLN C 327 24.44 45.55 -11.17
N MET C 328 23.11 45.63 -11.16
CA MET C 328 22.40 45.66 -9.89
C MET C 328 22.54 44.35 -9.14
N LEU C 329 22.41 43.24 -9.86
CA LEU C 329 22.56 41.91 -9.27
C LEU C 329 23.95 41.85 -8.63
N LYS C 330 24.93 42.40 -9.34
CA LYS C 330 26.30 42.42 -8.86
C LYS C 330 26.43 43.19 -7.56
N THR C 331 25.93 44.42 -7.53
CA THR C 331 26.07 45.20 -6.32
C THR C 331 25.37 44.54 -5.12
N TYR C 332 24.22 43.93 -5.36
CA TYR C 332 23.51 43.27 -4.26
C TYR C 332 24.30 42.06 -3.76
N THR C 333 24.92 41.32 -4.68
CA THR C 333 25.69 40.17 -4.29
C THR C 333 26.92 40.63 -3.49
N LEU C 334 27.55 41.72 -3.92
CA LEU C 334 28.70 42.25 -3.19
C LEU C 334 28.26 42.80 -1.82
N ARG C 335 27.03 43.32 -1.75
CA ARG C 335 26.51 43.85 -0.48
C ARG C 335 26.28 42.69 0.46
N LEU C 336 25.88 41.54 -0.10
CA LEU C 336 25.60 40.38 0.71
C LEU C 336 26.88 39.81 1.30
N ALA C 337 27.92 39.73 0.48
CA ALA C 337 29.21 39.18 0.93
C ALA C 337 29.89 40.03 1.99
N ALA C 338 29.63 41.33 1.96
CA ALA C 338 30.26 42.24 2.91
C ALA C 338 29.64 42.18 4.30
N ARG C 339 28.55 41.44 4.46
CA ARG C 339 27.90 41.35 5.75
C ARG C 339 28.50 40.29 6.68
N MET C 340 29.33 39.41 6.12
CA MET C 340 29.96 38.37 6.93
C MET C 340 31.41 38.69 7.24
N ASN C 341 32.00 37.97 8.18
CA ASN C 341 33.40 38.15 8.56
C ASN C 341 34.11 36.81 8.55
N ALA C 342 35.45 36.85 8.50
CA ALA C 342 36.26 35.63 8.47
C ALA C 342 35.89 34.64 9.57
N GLN C 343 35.56 35.17 10.75
CA GLN C 343 35.20 34.32 11.88
C GLN C 343 33.89 33.57 11.67
N ASP C 344 33.08 34.00 10.71
CA ASP C 344 31.82 33.33 10.44
C ASP C 344 32.05 31.93 9.88
N ALA C 345 31.14 31.02 10.22
CA ALA C 345 31.26 29.66 9.75
C ALA C 345 31.11 29.60 8.23
N CYS C 346 30.04 30.20 7.73
CA CYS C 346 29.73 30.24 6.30
C CYS C 346 30.74 30.93 5.41
N TYR C 347 31.69 31.65 6.00
CA TYR C 347 32.68 32.38 5.22
C TYR C 347 33.09 31.75 3.89
N ASP C 348 33.77 30.61 3.97
CA ASP C 348 34.25 29.90 2.77
C ASP C 348 33.15 29.52 1.78
N ARG C 349 32.06 28.95 2.27
CA ARG C 349 30.96 28.56 1.41
C ARG C 349 30.38 29.77 0.68
N ILE C 350 29.99 30.79 1.44
CA ILE C 350 29.42 32.01 0.89
C ILE C 350 30.38 32.71 -0.07
N GLU C 351 31.60 32.94 0.37
CA GLU C 351 32.61 33.60 -0.45
C GLU C 351 32.73 32.92 -1.81
N HIS C 352 32.67 31.59 -1.81
CA HIS C 352 32.77 30.84 -3.05
C HIS C 352 31.53 31.09 -3.93
N LEU C 353 30.34 30.78 -3.41
CA LEU C 353 29.11 30.98 -4.16
C LEU C 353 29.02 32.43 -4.66
N VAL C 354 29.42 33.37 -3.82
CA VAL C 354 29.42 34.78 -4.20
C VAL C 354 30.28 34.96 -5.44
N ASN C 355 31.53 34.50 -5.37
CA ASN C 355 32.47 34.61 -6.48
C ASN C 355 31.97 33.90 -7.74
N ASP C 356 31.22 32.82 -7.57
CA ASP C 356 30.68 32.12 -8.72
C ASP C 356 29.55 32.94 -9.38
N ALA C 357 28.71 33.56 -8.55
CA ALA C 357 27.61 34.37 -9.05
C ALA C 357 28.20 35.55 -9.81
N ILE C 358 29.05 36.30 -9.12
CA ILE C 358 29.71 37.47 -9.68
C ILE C 358 30.44 37.13 -10.98
N ARG C 359 30.92 35.91 -11.09
CA ARG C 359 31.64 35.49 -12.30
C ARG C 359 30.70 35.29 -13.47
N ALA C 360 29.54 34.69 -13.23
CA ALA C 360 28.59 34.47 -14.32
C ALA C 360 28.09 35.83 -14.81
N MET C 361 27.98 36.78 -13.91
CA MET C 361 27.53 38.13 -14.26
C MET C 361 28.58 38.83 -15.14
N GLU C 362 29.85 38.67 -14.77
CA GLU C 362 30.96 39.27 -15.47
C GLU C 362 31.18 38.69 -16.86
N SER C 363 30.70 37.47 -17.09
CA SER C 363 30.87 36.84 -18.39
C SER C 363 29.90 37.37 -19.46
N HIS C 364 28.87 38.10 -19.04
CA HIS C 364 27.89 38.63 -19.99
C HIS C 364 28.03 40.14 -20.11
N GLN C 365 29.06 40.69 -19.49
CA GLN C 365 29.32 42.11 -19.54
C GLN C 365 30.50 42.39 -20.47
N ASP D 25 -36.02 -15.27 25.25
CA ASP D 25 -35.76 -16.67 24.93
C ASP D 25 -35.03 -16.78 23.60
N GLU D 26 -35.21 -15.76 22.76
CA GLU D 26 -34.58 -15.74 21.45
C GLU D 26 -33.94 -14.39 21.18
N ASP D 27 -34.45 -13.36 21.87
CA ASP D 27 -33.94 -12.00 21.72
C ASP D 27 -32.61 -11.81 22.44
N LEU D 28 -32.51 -12.41 23.63
CA LEU D 28 -31.29 -12.33 24.42
C LEU D 28 -30.18 -13.06 23.66
N ARG D 29 -30.53 -14.23 23.14
CA ARG D 29 -29.57 -15.05 22.40
C ARG D 29 -28.90 -14.21 21.32
N PHE D 30 -29.67 -13.32 20.69
CA PHE D 30 -29.10 -12.46 19.66
C PHE D 30 -28.15 -11.48 20.32
N CYS D 31 -28.59 -10.91 21.44
CA CYS D 31 -27.79 -9.95 22.20
C CYS D 31 -26.45 -10.58 22.56
N TYR D 32 -26.49 -11.78 23.13
CA TYR D 32 -25.26 -12.47 23.50
C TYR D 32 -24.42 -12.82 22.28
N ASP D 33 -25.07 -13.37 21.25
CA ASP D 33 -24.36 -13.73 20.03
C ASP D 33 -23.62 -12.51 19.49
N ILE D 34 -24.30 -11.37 19.49
CA ILE D 34 -23.71 -10.15 18.97
C ILE D 34 -22.69 -9.56 19.96
N LEU D 35 -22.92 -9.76 21.26
CA LEU D 35 -21.98 -9.26 22.26
C LEU D 35 -20.64 -9.94 22.08
N GLN D 36 -20.65 -11.27 21.99
CA GLN D 36 -19.42 -12.03 21.82
C GLN D 36 -18.74 -11.61 20.52
N ALA D 37 -19.54 -11.35 19.49
CA ALA D 37 -18.99 -10.95 18.21
C ALA D 37 -18.39 -9.55 18.28
N VAL D 38 -19.14 -8.65 18.91
CA VAL D 38 -18.72 -7.25 19.04
C VAL D 38 -17.55 -7.03 20.00
N SER D 39 -17.47 -7.83 21.06
CA SER D 39 -16.39 -7.68 22.04
C SER D 39 -16.06 -9.01 22.71
N ARG D 40 -15.06 -9.71 22.21
CA ARG D 40 -14.68 -10.99 22.77
C ARG D 40 -14.37 -10.94 24.27
N SER D 41 -13.55 -9.98 24.69
CA SER D 41 -13.20 -9.87 26.10
C SER D 41 -14.40 -9.66 27.03
N PHE D 42 -14.99 -8.48 26.99
CA PHE D 42 -16.14 -8.18 27.84
C PHE D 42 -17.24 -9.23 27.77
N ALA D 43 -17.22 -10.04 26.72
CA ALA D 43 -18.21 -11.10 26.61
C ALA D 43 -17.84 -12.17 27.63
N VAL D 44 -16.54 -12.43 27.74
CA VAL D 44 -16.04 -13.42 28.69
C VAL D 44 -16.20 -12.94 30.14
N VAL D 45 -15.84 -11.68 30.37
CA VAL D 45 -15.95 -11.08 31.70
C VAL D 45 -17.41 -11.00 32.10
N ILE D 46 -18.25 -10.67 31.13
CA ILE D 46 -19.67 -10.53 31.35
C ILE D 46 -20.28 -11.81 31.92
N MET D 47 -19.66 -12.94 31.63
CA MET D 47 -20.12 -14.25 32.10
C MET D 47 -19.79 -14.54 33.56
N GLU D 48 -19.04 -13.66 34.22
CA GLU D 48 -18.71 -13.86 35.63
C GLU D 48 -19.99 -13.61 36.43
N LEU D 49 -20.78 -12.65 35.93
CA LEU D 49 -22.02 -12.25 36.58
C LEU D 49 -23.12 -13.29 36.60
N ASP D 50 -24.06 -13.12 37.53
CA ASP D 50 -25.18 -14.04 37.66
C ASP D 50 -26.35 -13.52 36.81
N GLU D 51 -26.90 -14.42 36.00
CA GLU D 51 -28.01 -14.14 35.07
C GLU D 51 -28.80 -12.83 35.21
N GLU D 52 -29.41 -12.60 36.36
CA GLU D 52 -30.20 -11.39 36.55
C GLU D 52 -29.38 -10.17 36.10
N MET D 53 -28.30 -9.91 36.84
CA MET D 53 -27.41 -8.81 36.55
C MET D 53 -26.81 -8.93 35.14
N ARG D 54 -26.55 -10.16 34.72
CA ARG D 54 -25.95 -10.42 33.43
C ARG D 54 -26.75 -9.85 32.25
N ASP D 55 -27.95 -10.36 32.04
CA ASP D 55 -28.81 -9.89 30.95
C ASP D 55 -28.82 -8.37 30.86
N ALA D 56 -28.93 -7.72 32.02
CA ALA D 56 -28.96 -6.27 32.08
C ALA D 56 -27.66 -5.65 31.60
N VAL D 57 -26.54 -6.14 32.13
CA VAL D 57 -25.22 -5.64 31.76
C VAL D 57 -24.99 -5.85 30.27
N CYS D 58 -25.47 -6.97 29.74
CA CYS D 58 -25.33 -7.28 28.33
C CYS D 58 -26.08 -6.28 27.47
N ILE D 59 -27.38 -6.13 27.72
CA ILE D 59 -28.19 -5.20 26.96
C ILE D 59 -27.62 -3.80 27.13
N PHE D 60 -27.11 -3.52 28.33
CA PHE D 60 -26.54 -2.21 28.63
C PHE D 60 -25.31 -1.95 27.77
N TYR D 61 -24.49 -2.98 27.59
CA TYR D 61 -23.29 -2.84 26.77
C TYR D 61 -23.66 -2.56 25.32
N LEU D 62 -24.60 -3.33 24.79
CA LEU D 62 -25.03 -3.19 23.40
C LEU D 62 -25.59 -1.81 23.12
N VAL D 63 -26.53 -1.37 23.96
CA VAL D 63 -27.14 -0.05 23.81
C VAL D 63 -26.08 1.02 23.64
N LEU D 64 -25.05 0.98 24.47
CA LEU D 64 -23.97 1.96 24.39
C LEU D 64 -23.09 1.71 23.16
N ARG D 65 -22.97 0.44 22.77
CA ARG D 65 -22.16 0.08 21.63
C ARG D 65 -22.80 0.61 20.34
N ALA D 66 -24.11 0.51 20.25
CA ALA D 66 -24.83 1.01 19.08
C ALA D 66 -24.65 2.52 19.05
N LEU D 67 -24.88 3.16 20.20
CA LEU D 67 -24.73 4.60 20.35
C LEU D 67 -23.38 5.05 19.81
N ASP D 68 -22.33 4.35 20.22
CA ASP D 68 -20.95 4.63 19.82
C ASP D 68 -20.73 4.46 18.32
N THR D 69 -21.44 3.52 17.71
CA THR D 69 -21.31 3.27 16.27
C THR D 69 -21.72 4.51 15.51
N VAL D 70 -22.92 5.00 15.81
CA VAL D 70 -23.45 6.19 15.17
C VAL D 70 -22.53 7.40 15.41
N GLU D 71 -22.01 7.51 16.63
CA GLU D 71 -21.13 8.61 17.02
C GLU D 71 -19.82 8.67 16.25
N ASP D 72 -19.22 7.50 16.01
CA ASP D 72 -17.94 7.42 15.30
C ASP D 72 -18.06 7.24 13.79
N ASP D 73 -19.24 6.84 13.32
CA ASP D 73 -19.46 6.65 11.88
C ASP D 73 -19.15 7.94 11.11
N MET D 74 -17.93 8.02 10.57
CA MET D 74 -17.49 9.19 9.83
C MET D 74 -18.05 9.22 8.41
N SER D 75 -19.26 8.66 8.27
CA SER D 75 -19.94 8.61 6.99
C SER D 75 -21.08 9.61 7.11
N ILE D 76 -21.86 9.45 8.18
CA ILE D 76 -23.00 10.30 8.48
C ILE D 76 -22.61 11.74 8.82
N PRO D 77 -23.46 12.72 8.45
CA PRO D 77 -23.30 14.15 8.68
C PRO D 77 -23.17 14.58 10.14
N VAL D 78 -22.15 15.39 10.43
CA VAL D 78 -21.91 15.88 11.78
C VAL D 78 -23.13 16.69 12.19
N GLU D 79 -23.81 17.20 11.17
CA GLU D 79 -25.01 18.01 11.35
C GLU D 79 -26.19 17.12 11.72
N PHE D 80 -26.13 15.86 11.30
CA PHE D 80 -27.18 14.89 11.56
C PHE D 80 -27.06 14.20 12.91
N LYS D 81 -25.84 13.83 13.30
CA LYS D 81 -25.62 13.15 14.58
C LYS D 81 -26.23 13.89 15.76
N LEU D 82 -25.85 15.16 15.91
CA LEU D 82 -26.35 16.00 16.99
C LEU D 82 -27.87 15.91 17.09
N ARG D 83 -28.51 15.91 15.93
CA ARG D 83 -29.97 15.84 15.85
C ARG D 83 -30.55 14.59 16.49
N GLU D 84 -29.91 13.44 16.25
CA GLU D 84 -30.42 12.18 16.80
C GLU D 84 -29.93 11.72 18.16
N LEU D 85 -28.62 11.62 18.35
CA LEU D 85 -28.07 11.14 19.63
C LEU D 85 -28.98 11.35 20.85
N PRO D 86 -29.44 12.60 21.09
CA PRO D 86 -30.32 12.86 22.23
C PRO D 86 -31.59 12.00 22.19
N LYS D 87 -31.98 11.60 20.99
CA LYS D 87 -33.16 10.77 20.77
C LYS D 87 -32.88 9.33 21.17
N PHE D 88 -31.74 8.84 20.70
CA PHE D 88 -31.30 7.46 20.93
C PHE D 88 -31.91 6.72 22.12
N HIS D 89 -31.82 7.30 23.32
CA HIS D 89 -32.36 6.64 24.49
C HIS D 89 -33.86 6.44 24.36
N GLU D 90 -34.52 7.39 23.70
CA GLU D 90 -35.97 7.33 23.50
C GLU D 90 -36.32 6.15 22.59
N HIS D 91 -35.44 5.85 21.65
CA HIS D 91 -35.65 4.74 20.73
C HIS D 91 -35.73 3.41 21.48
N LEU D 92 -35.18 3.39 22.68
CA LEU D 92 -35.18 2.19 23.51
C LEU D 92 -36.57 1.57 23.65
N HIS D 93 -37.59 2.41 23.67
CA HIS D 93 -38.96 1.91 23.79
C HIS D 93 -39.68 1.86 22.45
N ASP D 94 -38.98 2.21 21.39
CA ASP D 94 -39.52 2.18 20.04
C ASP D 94 -39.16 0.83 19.42
N THR D 95 -39.71 -0.25 20.01
CA THR D 95 -39.44 -1.61 19.56
C THR D 95 -39.86 -1.91 18.12
N THR D 96 -39.45 -1.04 17.21
CA THR D 96 -39.75 -1.17 15.79
C THR D 96 -38.65 -0.41 15.06
N TRP D 97 -37.91 0.37 15.83
CA TRP D 97 -36.84 1.20 15.31
C TRP D 97 -35.65 0.36 14.85
N CYS D 98 -34.77 0.99 14.07
CA CYS D 98 -33.57 0.36 13.55
C CYS D 98 -32.92 1.27 12.50
N MET D 99 -31.59 1.36 12.55
CA MET D 99 -30.82 2.15 11.60
C MET D 99 -30.20 1.10 10.68
N SER D 100 -30.36 1.26 9.37
CA SER D 100 -29.87 0.25 8.44
C SER D 100 -28.82 0.66 7.40
N GLY D 101 -27.77 1.33 7.83
CA GLY D 101 -26.73 1.75 6.91
C GLY D 101 -25.59 2.39 7.67
N VAL D 102 -25.57 2.12 8.97
CA VAL D 102 -24.57 2.67 9.86
C VAL D 102 -23.44 1.70 10.19
N GLY D 103 -22.25 2.26 10.38
CA GLY D 103 -21.08 1.46 10.71
C GLY D 103 -20.76 0.35 9.74
N VAL D 104 -19.95 -0.59 10.20
CA VAL D 104 -19.53 -1.74 9.40
C VAL D 104 -19.36 -2.94 10.32
N GLY D 105 -19.16 -4.11 9.74
CA GLY D 105 -18.97 -5.31 10.54
C GLY D 105 -20.20 -5.72 11.34
N ARG D 106 -19.98 -6.58 12.34
CA ARG D 106 -21.06 -7.06 13.18
C ARG D 106 -21.80 -5.91 13.85
N GLU D 107 -21.18 -4.73 13.87
CA GLU D 107 -21.79 -3.55 14.45
C GLU D 107 -23.05 -3.19 13.68
N ARG D 108 -22.96 -3.26 12.35
CA ARG D 108 -24.09 -2.94 11.49
C ARG D 108 -25.25 -3.89 11.75
N GLU D 109 -24.96 -5.19 11.81
CA GLU D 109 -26.02 -6.17 12.06
C GLU D 109 -26.70 -5.84 13.38
N LEU D 110 -25.93 -5.26 14.31
CA LEU D 110 -26.46 -4.87 15.62
C LEU D 110 -27.49 -3.76 15.51
N LEU D 111 -27.12 -2.67 14.84
CA LEU D 111 -28.02 -1.52 14.67
C LEU D 111 -29.26 -1.79 13.82
N GLU D 112 -29.07 -2.47 12.69
CA GLU D 112 -30.18 -2.78 11.79
C GLU D 112 -31.18 -3.72 12.47
N ARG D 113 -30.74 -4.40 13.53
CA ARG D 113 -31.59 -5.34 14.26
C ARG D 113 -31.72 -4.95 15.72
N TYR D 114 -31.49 -3.67 16.00
CA TYR D 114 -31.57 -3.10 17.35
C TYR D 114 -32.87 -3.49 18.04
N THR D 115 -33.80 -4.02 17.25
CA THR D 115 -35.11 -4.45 17.75
C THR D 115 -35.04 -5.44 18.90
N HIS D 116 -34.25 -6.50 18.71
CA HIS D 116 -34.11 -7.52 19.76
C HIS D 116 -33.60 -6.88 21.05
N VAL D 117 -32.80 -5.83 20.90
CA VAL D 117 -32.25 -5.11 22.04
C VAL D 117 -33.38 -4.48 22.84
N THR D 118 -34.08 -3.54 22.20
CA THR D 118 -35.18 -2.83 22.82
C THR D 118 -36.21 -3.75 23.51
N ARG D 119 -36.60 -4.83 22.84
CA ARG D 119 -37.58 -5.75 23.41
C ARG D 119 -37.00 -6.56 24.56
N ALA D 120 -35.73 -6.93 24.45
CA ALA D 120 -35.10 -7.69 25.52
C ALA D 120 -34.97 -6.72 26.68
N TYR D 121 -34.84 -5.45 26.33
CA TYR D 121 -34.70 -4.35 27.28
C TYR D 121 -35.96 -4.11 28.11
N SER D 122 -37.12 -4.44 27.56
CA SER D 122 -38.38 -4.23 28.26
C SER D 122 -38.77 -5.39 29.17
N ARG D 123 -37.80 -6.22 29.53
CA ARG D 123 -38.06 -7.37 30.38
C ARG D 123 -37.19 -7.31 31.64
N LEU D 124 -36.29 -6.32 31.66
CA LEU D 124 -35.40 -6.12 32.79
C LEU D 124 -36.16 -5.29 33.82
N GLY D 125 -35.75 -5.36 35.08
CA GLY D 125 -36.41 -4.58 36.09
C GLY D 125 -36.49 -3.13 35.63
N LYS D 126 -37.57 -2.45 35.98
CA LYS D 126 -37.75 -1.07 35.57
C LYS D 126 -36.54 -0.27 36.08
N ALA D 127 -35.97 -0.75 37.19
CA ALA D 127 -34.80 -0.13 37.81
C ALA D 127 -33.62 -0.17 36.84
N TYR D 128 -33.26 -1.38 36.41
CA TYR D 128 -32.16 -1.57 35.46
C TYR D 128 -32.43 -0.65 34.27
N GLN D 129 -33.64 -0.76 33.73
CA GLN D 129 -34.09 0.02 32.58
C GLN D 129 -33.70 1.50 32.60
N ASP D 130 -33.93 2.16 33.73
CA ASP D 130 -33.64 3.58 33.86
C ASP D 130 -32.17 3.94 33.79
N VAL D 131 -31.32 3.12 34.41
CA VAL D 131 -29.89 3.36 34.39
C VAL D 131 -29.44 3.41 32.94
N ILE D 132 -29.83 2.38 32.18
CA ILE D 132 -29.48 2.29 30.77
C ILE D 132 -29.89 3.54 30.01
N SER D 133 -31.18 3.88 30.13
CA SER D 133 -31.75 5.06 29.47
C SER D 133 -31.11 6.34 29.96
N GLY D 134 -31.04 6.49 31.28
CA GLY D 134 -30.44 7.68 31.87
C GLY D 134 -29.00 7.85 31.41
N ILE D 135 -28.20 6.80 31.59
CA ILE D 135 -26.79 6.85 31.19
C ILE D 135 -26.66 7.08 29.70
N CYS D 136 -27.41 6.33 28.91
CA CYS D 136 -27.36 6.49 27.46
C CYS D 136 -27.56 7.94 27.03
N GLU D 137 -28.61 8.57 27.56
CA GLU D 137 -28.91 9.96 27.19
C GLU D 137 -27.74 10.87 27.56
N ARG D 138 -27.27 10.76 28.79
CA ARG D 138 -26.17 11.58 29.26
C ARG D 138 -24.94 11.38 28.41
N MET D 139 -24.64 10.13 28.06
CA MET D 139 -23.48 9.82 27.24
C MET D 139 -23.73 10.38 25.84
N ALA D 140 -24.94 10.20 25.34
CA ALA D 140 -25.30 10.70 24.02
C ALA D 140 -25.03 12.19 23.94
N ASN D 141 -25.62 12.96 24.85
CA ASN D 141 -25.45 14.42 24.90
C ASN D 141 -24.00 14.83 25.13
N GLY D 142 -23.20 13.90 25.65
CA GLY D 142 -21.79 14.18 25.89
C GLY D 142 -21.01 14.04 24.59
N MET D 143 -21.44 13.11 23.75
CA MET D 143 -20.76 12.87 22.49
C MET D 143 -21.04 14.05 21.57
N CYS D 144 -22.26 14.57 21.62
CA CYS D 144 -22.65 15.71 20.81
C CYS D 144 -21.73 16.90 21.09
N ASP D 145 -21.51 17.16 22.37
CA ASP D 145 -20.64 18.26 22.80
C ASP D 145 -19.28 18.17 22.13
N PHE D 146 -18.72 16.96 22.09
CA PHE D 146 -17.40 16.73 21.50
C PHE D 146 -17.40 16.50 19.98
N LEU D 147 -18.58 16.28 19.40
CA LEU D 147 -18.67 16.07 17.96
C LEU D 147 -18.44 17.38 17.20
N THR D 148 -18.16 18.45 17.93
CA THR D 148 -17.93 19.76 17.33
C THR D 148 -16.59 20.40 17.70
N ARG D 149 -16.05 20.02 18.86
CA ARG D 149 -14.77 20.56 19.30
C ARG D 149 -13.66 19.51 19.39
N LYS D 150 -12.51 19.89 19.93
CA LYS D 150 -11.37 19.00 20.05
C LYS D 150 -10.90 18.84 21.48
N VAL D 151 -10.11 17.79 21.72
CA VAL D 151 -9.57 17.53 23.04
C VAL D 151 -8.26 18.31 23.14
N GLU D 152 -8.33 19.48 23.77
CA GLU D 152 -7.18 20.36 23.92
C GLU D 152 -6.57 20.31 25.32
N THR D 153 -7.42 20.43 26.34
CA THR D 153 -6.95 20.42 27.73
C THR D 153 -7.08 19.06 28.40
N LYS D 154 -6.34 18.89 29.50
CA LYS D 154 -6.41 17.66 30.27
C LYS D 154 -7.82 17.60 30.84
N ALA D 155 -8.47 18.76 30.88
CA ALA D 155 -9.83 18.87 31.37
C ALA D 155 -10.80 18.36 30.30
N ASP D 156 -10.49 18.68 29.04
CA ASP D 156 -11.31 18.23 27.90
C ASP D 156 -11.29 16.71 27.97
N TYR D 157 -10.09 16.19 28.20
CA TYR D 157 -9.79 14.77 28.31
C TYR D 157 -10.70 14.09 29.34
N ASP D 158 -10.49 14.40 30.61
CA ASP D 158 -11.28 13.81 31.69
C ASP D 158 -12.78 13.89 31.42
N LEU D 159 -13.22 14.99 30.83
CA LEU D 159 -14.63 15.17 30.54
C LEU D 159 -15.10 14.21 29.46
N TYR D 160 -14.33 14.10 28.38
CA TYR D 160 -14.67 13.20 27.30
C TYR D 160 -14.70 11.76 27.83
N CYS D 161 -13.62 11.38 28.51
CA CYS D 161 -13.52 10.05 29.09
C CYS D 161 -14.73 9.80 30.00
N HIS D 162 -15.19 10.88 30.64
CA HIS D 162 -16.35 10.80 31.54
C HIS D 162 -17.61 10.42 30.77
N TYR D 163 -17.77 10.99 29.59
CA TYR D 163 -18.94 10.73 28.76
C TYR D 163 -18.99 9.31 28.21
N VAL D 164 -17.86 8.82 27.69
CA VAL D 164 -17.82 7.49 27.11
C VAL D 164 -17.54 6.34 28.09
N ALA D 165 -16.68 6.56 29.07
CA ALA D 165 -16.35 5.53 30.04
C ALA D 165 -16.88 5.83 31.45
N GLY D 166 -16.51 6.99 31.98
CA GLY D 166 -16.92 7.39 33.31
C GLY D 166 -18.35 7.08 33.69
N LEU D 167 -19.29 7.51 32.86
CA LEU D 167 -20.71 7.28 33.11
C LEU D 167 -21.04 5.79 33.16
N VAL D 168 -20.24 4.98 32.47
CA VAL D 168 -20.47 3.54 32.47
C VAL D 168 -20.23 3.04 33.89
N GLY D 169 -19.24 3.61 34.54
CA GLY D 169 -18.93 3.24 35.92
C GLY D 169 -20.15 3.54 36.78
N HIS D 170 -20.73 4.71 36.58
CA HIS D 170 -21.92 5.10 37.33
C HIS D 170 -23.00 4.05 37.07
N GLY D 171 -23.29 3.83 35.79
CA GLY D 171 -24.30 2.88 35.38
C GLY D 171 -24.15 1.53 36.04
N LEU D 172 -23.03 0.87 35.77
CA LEU D 172 -22.75 -0.44 36.35
C LEU D 172 -22.88 -0.37 37.86
N THR D 173 -22.36 0.69 38.46
CA THR D 173 -22.42 0.87 39.91
C THR D 173 -23.87 0.99 40.39
N LEU D 174 -24.67 1.77 39.66
CA LEU D 174 -26.07 1.95 40.01
C LEU D 174 -26.83 0.65 39.78
N LEU D 175 -26.29 -0.21 38.90
CA LEU D 175 -26.91 -1.49 38.62
C LEU D 175 -26.56 -2.47 39.76
N TYR D 176 -25.32 -2.40 40.26
CA TYR D 176 -24.90 -3.28 41.35
C TYR D 176 -25.80 -3.01 42.55
N VAL D 177 -26.11 -1.75 42.80
CA VAL D 177 -26.96 -1.36 43.92
C VAL D 177 -28.38 -1.91 43.73
N SER D 178 -28.96 -1.65 42.57
CA SER D 178 -30.30 -2.13 42.29
C SER D 178 -30.43 -3.64 42.49
N SER D 179 -29.43 -4.37 42.01
CA SER D 179 -29.41 -5.83 42.10
C SER D 179 -29.57 -6.34 43.52
N GLY D 180 -29.06 -5.59 44.49
CA GLY D 180 -29.15 -6.00 45.87
C GLY D 180 -27.94 -6.82 46.28
N LEU D 181 -27.00 -6.97 45.35
CA LEU D 181 -25.79 -7.73 45.62
C LEU D 181 -24.77 -6.87 46.34
N GLU D 182 -24.86 -5.56 46.11
CA GLU D 182 -23.95 -4.62 46.76
C GLU D 182 -24.75 -3.67 47.67
N ASP D 183 -24.12 -3.23 48.75
CA ASP D 183 -24.76 -2.32 49.70
C ASP D 183 -25.41 -1.13 48.99
N VAL D 184 -26.66 -0.83 49.35
CA VAL D 184 -27.40 0.27 48.74
C VAL D 184 -26.66 1.62 48.81
N ARG D 185 -25.73 1.74 49.75
CA ARG D 185 -24.97 2.99 49.91
C ARG D 185 -23.70 3.02 49.05
N LEU D 186 -23.60 2.08 48.11
CA LEU D 186 -22.44 2.02 47.24
C LEU D 186 -22.49 3.09 46.16
N ALA D 187 -23.69 3.57 45.85
CA ALA D 187 -23.87 4.59 44.82
C ALA D 187 -24.07 6.02 45.34
N ASP D 188 -23.85 6.23 46.63
CA ASP D 188 -24.04 7.58 47.17
C ASP D 188 -23.08 8.56 46.47
N ASP D 189 -21.78 8.29 46.56
CA ASP D 189 -20.82 9.15 45.88
C ASP D 189 -20.26 8.33 44.72
N LEU D 190 -20.34 8.86 43.50
CA LEU D 190 -19.86 8.14 42.33
C LEU D 190 -18.52 8.60 41.76
N THR D 191 -17.76 9.36 42.54
CA THR D 191 -16.46 9.85 42.07
C THR D 191 -15.54 8.70 41.70
N ASN D 192 -15.45 7.69 42.57
CA ASN D 192 -14.58 6.56 42.29
C ASN D 192 -15.08 5.79 41.08
N ALA D 193 -16.39 5.55 41.04
CA ALA D 193 -16.99 4.85 39.92
C ALA D 193 -16.59 5.53 38.62
N ASN D 194 -16.40 6.84 38.65
CA ASN D 194 -15.99 7.57 37.46
C ASN D 194 -14.51 7.32 37.21
N HIS D 195 -13.75 7.09 38.29
CA HIS D 195 -12.33 6.82 38.16
C HIS D 195 -12.10 5.44 37.54
N MET D 196 -13.01 4.51 37.80
CA MET D 196 -12.92 3.16 37.25
C MET D 196 -13.01 3.25 35.74
N GLY D 197 -13.91 4.11 35.27
CA GLY D 197 -14.10 4.31 33.84
C GLY D 197 -12.96 5.03 33.15
N LEU D 198 -12.50 6.14 33.72
CA LEU D 198 -11.41 6.88 33.10
C LEU D 198 -10.16 6.03 32.99
N PHE D 199 -9.88 5.23 34.02
CA PHE D 199 -8.68 4.41 34.00
C PHE D 199 -8.69 3.43 32.85
N LEU D 200 -9.84 2.88 32.52
CA LEU D 200 -9.93 1.93 31.41
C LEU D 200 -9.77 2.65 30.08
N GLN D 201 -10.63 3.66 29.87
CA GLN D 201 -10.63 4.43 28.63
C GLN D 201 -9.29 5.10 28.38
N LYS D 202 -8.68 5.67 29.42
CA LYS D 202 -7.42 6.33 29.22
C LYS D 202 -6.33 5.35 28.82
N THR D 203 -6.25 4.21 29.52
CA THR D 203 -5.25 3.21 29.16
C THR D 203 -5.50 2.75 27.72
N ASN D 204 -6.75 2.58 27.33
CA ASN D 204 -7.04 2.18 25.96
C ASN D 204 -6.51 3.24 25.00
N ILE D 205 -6.89 4.48 25.25
CA ILE D 205 -6.48 5.62 24.45
C ILE D 205 -4.96 5.69 24.29
N ILE D 206 -4.22 5.37 25.35
CA ILE D 206 -2.77 5.43 25.25
C ILE D 206 -2.25 4.30 24.35
N ARG D 207 -2.71 3.07 24.62
CA ARG D 207 -2.27 1.92 23.84
C ARG D 207 -2.69 1.96 22.37
N ASP D 208 -3.86 2.52 22.09
CA ASP D 208 -4.37 2.58 20.71
C ASP D 208 -3.97 3.80 19.87
N PHE D 209 -3.03 4.59 20.37
CA PHE D 209 -2.58 5.79 19.65
C PHE D 209 -2.40 5.52 18.17
N TYR D 210 -1.41 4.71 17.83
CA TYR D 210 -1.13 4.38 16.44
C TYR D 210 -2.39 3.96 15.69
N GLU D 211 -3.09 2.99 16.23
CA GLU D 211 -4.32 2.50 15.59
C GLU D 211 -5.31 3.64 15.37
N ASP D 212 -5.36 4.58 16.31
CA ASP D 212 -6.29 5.70 16.19
C ASP D 212 -5.77 6.80 15.27
N ILE D 213 -4.45 7.04 15.32
CA ILE D 213 -3.83 8.08 14.51
C ILE D 213 -3.78 7.69 13.03
N CYS D 214 -3.54 6.41 12.77
CA CYS D 214 -3.47 5.91 11.39
C CYS D 214 -4.84 5.66 10.79
N GLU D 215 -5.83 6.43 11.22
CA GLU D 215 -7.16 6.25 10.66
C GLU D 215 -7.56 7.36 9.73
N VAL D 216 -8.41 7.02 8.77
CA VAL D 216 -8.89 7.98 7.78
C VAL D 216 -10.41 8.03 7.86
N PRO D 217 -10.97 9.12 8.40
CA PRO D 217 -10.28 10.29 8.96
C PRO D 217 -9.53 10.01 10.26
N PRO D 218 -8.38 10.68 10.47
CA PRO D 218 -7.57 10.49 11.68
C PRO D 218 -8.39 10.58 12.96
N ARG D 219 -7.88 9.94 14.01
CA ARG D 219 -8.53 9.91 15.31
C ARG D 219 -7.54 10.28 16.39
N VAL D 220 -7.79 11.40 17.05
CA VAL D 220 -6.92 11.87 18.12
C VAL D 220 -7.73 12.05 19.39
N PHE D 221 -7.13 11.67 20.51
CA PHE D 221 -7.78 11.78 21.80
C PHE D 221 -6.80 12.34 22.82
N TRP D 222 -5.51 12.20 22.52
CA TRP D 222 -4.47 12.71 23.41
C TRP D 222 -4.62 14.23 23.51
N PRO D 223 -4.77 14.76 24.74
CA PRO D 223 -4.94 16.19 24.99
C PRO D 223 -3.83 17.15 24.52
N ARG D 224 -4.22 18.04 23.61
CA ARG D 224 -3.33 19.06 23.05
C ARG D 224 -2.38 19.57 24.14
N GLU D 225 -2.95 19.82 25.31
CA GLU D 225 -2.18 20.31 26.45
C GLU D 225 -0.97 19.44 26.77
N ILE D 226 -1.18 18.12 26.86
CA ILE D 226 -0.09 17.20 27.19
C ILE D 226 0.97 17.06 26.10
N TRP D 227 0.55 17.02 24.83
CA TRP D 227 1.52 16.85 23.74
C TRP D 227 1.99 18.15 23.11
N GLU D 228 1.44 19.28 23.54
CA GLU D 228 1.86 20.57 22.99
C GLU D 228 3.28 20.80 23.51
N LYS D 229 3.51 20.33 24.74
CA LYS D 229 4.79 20.49 25.43
C LYS D 229 5.86 19.49 24.99
N TYR D 230 5.50 18.56 24.11
CA TYR D 230 6.46 17.56 23.66
C TYR D 230 6.82 17.60 22.17
N THR D 231 5.84 17.87 21.32
CA THR D 231 6.09 17.93 19.89
C THR D 231 5.31 19.09 19.29
N ASP D 232 5.48 19.29 17.99
CA ASP D 232 4.80 20.36 17.29
C ASP D 232 3.47 19.83 16.74
N ASP D 233 3.53 18.68 16.09
CA ASP D 233 2.35 18.02 15.52
C ASP D 233 2.25 16.60 16.08
N LEU D 234 1.03 16.12 16.27
CA LEU D 234 0.81 14.79 16.82
C LEU D 234 1.14 13.65 15.86
N HIS D 235 0.73 13.76 14.59
CA HIS D 235 1.02 12.72 13.61
C HIS D 235 2.53 12.52 13.51
N ALA D 236 3.28 13.52 13.96
CA ALA D 236 4.73 13.49 13.92
C ALA D 236 5.36 12.34 14.70
N PHE D 237 4.63 11.82 15.68
CA PHE D 237 5.16 10.73 16.51
C PHE D 237 5.29 9.38 15.80
N LYS D 238 4.76 9.27 14.60
CA LYS D 238 4.85 8.03 13.84
C LYS D 238 6.31 7.79 13.42
N ASP D 239 7.02 8.87 13.15
CA ASP D 239 8.40 8.80 12.70
C ASP D 239 9.38 8.34 13.79
N GLU D 240 10.22 7.37 13.45
CA GLU D 240 11.19 6.83 14.39
C GLU D 240 12.15 7.92 14.88
N LEU D 241 12.32 8.96 14.07
CA LEU D 241 13.22 10.05 14.44
C LEU D 241 12.81 10.66 15.77
N HIS D 242 11.52 10.57 16.08
CA HIS D 242 11.01 11.18 17.30
C HIS D 242 10.61 10.25 18.45
N GLU D 243 11.16 9.04 18.50
CA GLU D 243 10.83 8.14 19.59
C GLU D 243 11.20 8.86 20.88
N ALA D 244 12.28 9.62 20.82
CA ALA D 244 12.78 10.38 21.97
C ALA D 244 11.69 11.16 22.69
N LYS D 245 10.99 12.02 21.95
CA LYS D 245 9.93 12.85 22.53
C LYS D 245 8.55 12.21 22.42
N ALA D 246 8.42 11.20 21.58
CA ALA D 246 7.15 10.50 21.43
C ALA D 246 6.94 9.69 22.70
N VAL D 247 8.02 9.07 23.17
CA VAL D 247 8.01 8.27 24.39
C VAL D 247 7.83 9.19 25.60
N GLU D 248 8.59 10.28 25.65
CA GLU D 248 8.48 11.23 26.74
C GLU D 248 7.03 11.67 26.87
N CYS D 249 6.38 11.85 25.73
CA CYS D 249 4.99 12.26 25.71
C CYS D 249 4.13 11.10 26.22
N LEU D 250 4.44 9.90 25.74
CA LEU D 250 3.74 8.69 26.14
C LEU D 250 3.76 8.61 27.67
N ASN D 251 4.96 8.70 28.25
CA ASN D 251 5.12 8.65 29.70
C ASN D 251 4.22 9.64 30.43
N ALA D 252 4.08 10.85 29.88
CA ALA D 252 3.24 11.85 30.52
C ALA D 252 1.78 11.44 30.39
N MET D 253 1.49 10.62 29.37
CA MET D 253 0.14 10.12 29.16
C MET D 253 -0.14 9.08 30.25
N VAL D 254 0.84 8.20 30.45
CA VAL D 254 0.74 7.17 31.47
C VAL D 254 0.64 7.85 32.83
N ALA D 255 1.58 8.77 33.09
CA ALA D 255 1.58 9.50 34.36
C ALA D 255 0.19 10.04 34.63
N ASP D 256 -0.46 10.55 33.60
CA ASP D 256 -1.81 11.09 33.77
C ASP D 256 -2.75 9.98 34.22
N ALA D 257 -2.71 8.85 33.51
CA ALA D 257 -3.57 7.71 33.81
C ALA D 257 -3.42 7.22 35.25
N LEU D 258 -2.18 7.11 35.71
CA LEU D 258 -1.86 6.67 37.05
C LEU D 258 -2.58 7.41 38.16
N VAL D 259 -3.07 8.60 37.87
CA VAL D 259 -3.79 9.41 38.86
C VAL D 259 -5.05 8.70 39.34
N HIS D 260 -5.63 7.88 38.48
CA HIS D 260 -6.87 7.19 38.81
C HIS D 260 -6.75 5.91 39.62
N VAL D 261 -5.55 5.34 39.65
CA VAL D 261 -5.32 4.09 40.36
C VAL D 261 -5.81 4.05 41.80
N PRO D 262 -5.33 4.97 42.66
CA PRO D 262 -5.77 4.98 44.05
C PRO D 262 -7.27 4.80 44.23
N HIS D 263 -8.05 5.46 43.38
CA HIS D 263 -9.49 5.40 43.43
C HIS D 263 -10.07 4.08 42.88
N VAL D 264 -9.31 3.39 42.03
CA VAL D 264 -9.75 2.11 41.50
C VAL D 264 -9.63 1.10 42.64
N VAL D 265 -8.55 1.20 43.40
CA VAL D 265 -8.33 0.32 44.54
C VAL D 265 -9.47 0.55 45.54
N GLU D 266 -9.65 1.81 45.93
CA GLU D 266 -10.69 2.21 46.87
C GLU D 266 -12.04 1.59 46.49
N TYR D 267 -12.38 1.67 45.21
CA TYR D 267 -13.64 1.12 44.72
C TYR D 267 -13.75 -0.40 44.80
N LEU D 268 -12.70 -1.11 44.41
CA LEU D 268 -12.73 -2.58 44.43
C LEU D 268 -12.80 -3.12 45.85
N ALA D 269 -12.17 -2.40 46.78
CA ALA D 269 -12.15 -2.80 48.17
C ALA D 269 -13.52 -2.68 48.83
N SER D 270 -14.43 -1.95 48.19
CA SER D 270 -15.77 -1.76 48.76
C SER D 270 -16.81 -2.78 48.31
N LEU D 271 -16.47 -3.59 47.32
CA LEU D 271 -17.40 -4.59 46.79
C LEU D 271 -17.47 -5.83 47.67
N ARG D 272 -18.66 -6.41 47.81
CA ARG D 272 -18.85 -7.59 48.66
C ARG D 272 -19.25 -8.87 47.91
N ASP D 273 -19.92 -8.73 46.78
CA ASP D 273 -20.33 -9.91 46.02
C ASP D 273 -19.24 -10.46 45.11
N PRO D 274 -18.94 -11.77 45.25
CA PRO D 274 -17.91 -12.40 44.42
C PRO D 274 -18.03 -12.13 42.93
N SER D 275 -19.25 -12.17 42.40
CA SER D 275 -19.46 -11.95 40.98
C SER D 275 -19.17 -10.53 40.54
N VAL D 276 -19.75 -9.57 41.25
CA VAL D 276 -19.56 -8.16 40.92
C VAL D 276 -18.09 -7.79 41.01
N PHE D 277 -17.40 -8.32 42.00
CA PHE D 277 -15.98 -8.02 42.18
C PHE D 277 -15.12 -8.53 41.04
N ALA D 278 -15.40 -9.75 40.59
CA ALA D 278 -14.64 -10.34 39.50
C ALA D 278 -14.88 -9.52 38.22
N PHE D 279 -16.15 -9.31 37.87
CA PHE D 279 -16.49 -8.54 36.68
C PHE D 279 -15.89 -7.14 36.73
N SER D 280 -15.79 -6.59 37.94
CA SER D 280 -15.27 -5.24 38.16
C SER D 280 -13.74 -5.13 38.19
N ALA D 281 -13.08 -6.15 38.74
CA ALA D 281 -11.64 -6.11 38.87
C ALA D 281 -10.82 -6.52 37.63
N ILE D 282 -11.25 -7.59 36.97
CA ILE D 282 -10.52 -8.07 35.81
C ILE D 282 -10.19 -7.00 34.77
N PRO D 283 -11.17 -6.19 34.37
CA PRO D 283 -10.87 -5.16 33.37
C PRO D 283 -9.82 -4.20 33.91
N GLN D 284 -9.97 -3.84 35.19
CA GLN D 284 -9.05 -2.92 35.83
C GLN D 284 -7.63 -3.45 35.86
N VAL D 285 -7.46 -4.72 36.22
CA VAL D 285 -6.12 -5.31 36.28
C VAL D 285 -5.53 -5.46 34.88
N MET D 286 -6.38 -5.71 33.90
CA MET D 286 -5.93 -5.84 32.52
C MET D 286 -5.36 -4.48 32.07
N ALA D 287 -6.10 -3.42 32.36
CA ALA D 287 -5.68 -2.06 32.03
C ALA D 287 -4.33 -1.73 32.66
N MET D 288 -4.19 -2.06 33.94
CA MET D 288 -2.93 -1.81 34.63
C MET D 288 -1.78 -2.54 33.96
N ALA D 289 -2.00 -3.81 33.62
CA ALA D 289 -0.97 -4.62 32.97
C ALA D 289 -0.58 -4.05 31.61
N THR D 290 -1.55 -3.53 30.87
CA THR D 290 -1.26 -2.94 29.56
C THR D 290 -0.46 -1.66 29.82
N LEU D 291 -0.94 -0.86 30.77
CA LEU D 291 -0.28 0.38 31.14
C LEU D 291 1.20 0.13 31.48
N SER D 292 1.47 -0.94 32.22
CA SER D 292 2.85 -1.24 32.59
C SER D 292 3.63 -1.69 31.37
N LEU D 293 2.92 -2.04 30.32
CA LEU D 293 3.56 -2.53 29.10
C LEU D 293 3.90 -1.39 28.14
N VAL D 294 2.94 -0.48 27.94
CA VAL D 294 3.10 0.65 27.03
C VAL D 294 4.04 1.73 27.56
N PHE D 295 4.12 1.83 28.89
CA PHE D 295 4.98 2.82 29.51
C PHE D 295 6.41 2.70 29.02
N ASN D 296 6.97 3.84 28.57
CA ASN D 296 8.34 3.91 28.07
C ASN D 296 8.68 2.88 27.01
N ASN D 297 7.75 2.68 26.08
CA ASN D 297 7.93 1.72 25.00
C ASN D 297 7.48 2.32 23.66
N LYS D 298 8.44 2.65 22.81
CA LYS D 298 8.13 3.26 21.52
C LYS D 298 7.33 2.36 20.56
N ASP D 299 7.18 1.09 20.90
CA ASP D 299 6.42 0.20 20.03
C ASP D 299 4.97 0.65 19.96
N VAL D 300 4.58 1.50 20.91
CA VAL D 300 3.23 2.03 20.97
C VAL D 300 2.93 2.85 19.71
N PHE D 301 3.99 3.36 19.08
CA PHE D 301 3.87 4.20 17.90
C PHE D 301 3.97 3.51 16.54
N HIS D 302 3.66 2.23 16.49
CA HIS D 302 3.70 1.50 15.23
C HIS D 302 3.15 0.08 15.35
N THR D 303 2.52 -0.21 16.48
CA THR D 303 1.94 -1.53 16.71
C THR D 303 1.12 -1.58 18.00
N LYS D 304 0.12 -2.45 18.00
CA LYS D 304 -0.75 -2.61 19.17
C LYS D 304 -0.04 -3.43 20.23
N VAL D 305 0.42 -2.76 21.28
CA VAL D 305 1.10 -3.42 22.38
C VAL D 305 0.07 -4.09 23.28
N LYS D 306 0.26 -5.37 23.59
CA LYS D 306 -0.69 -6.07 24.45
C LYS D 306 -0.13 -7.22 25.27
N THR D 307 -0.80 -7.49 26.39
CA THR D 307 -0.43 -8.57 27.30
C THR D 307 -0.39 -9.89 26.55
N THR D 308 0.56 -10.75 26.91
CA THR D 308 0.68 -12.07 26.29
C THR D 308 -0.51 -12.91 26.74
N ARG D 309 -0.77 -14.01 26.02
CA ARG D 309 -1.90 -14.87 26.35
C ARG D 309 -1.80 -15.43 27.77
N GLY D 310 -0.57 -15.78 28.17
CA GLY D 310 -0.37 -16.33 29.49
C GLY D 310 -0.71 -15.32 30.57
N ALA D 311 -0.26 -14.09 30.37
CA ALA D 311 -0.51 -13.04 31.34
C ALA D 311 -2.00 -12.78 31.52
N THR D 312 -2.78 -12.78 30.45
CA THR D 312 -4.22 -12.51 30.63
C THR D 312 -4.96 -13.70 31.22
N ALA D 313 -4.48 -14.90 30.97
CA ALA D 313 -5.12 -16.08 31.55
C ALA D 313 -4.97 -15.96 33.07
N ARG D 314 -3.78 -15.57 33.51
CA ARG D 314 -3.55 -15.41 34.95
C ARG D 314 -4.40 -14.30 35.56
N ILE D 315 -4.58 -13.22 34.81
CA ILE D 315 -5.38 -12.09 35.27
C ILE D 315 -6.83 -12.53 35.51
N PHE D 316 -7.41 -13.23 34.55
CA PHE D 316 -8.78 -13.72 34.68
C PHE D 316 -8.92 -14.74 35.80
N HIS D 317 -7.90 -15.57 35.97
CA HIS D 317 -7.91 -16.61 36.97
C HIS D 317 -7.78 -16.13 38.41
N TYR D 318 -6.90 -15.16 38.66
CA TYR D 318 -6.66 -14.68 40.01
C TYR D 318 -7.44 -13.48 40.54
N SER D 319 -7.91 -12.62 39.65
CA SER D 319 -8.63 -11.43 40.09
C SER D 319 -10.05 -11.69 40.56
N THR D 320 -10.22 -12.65 41.49
CA THR D 320 -11.56 -12.98 42.00
C THR D 320 -11.78 -12.49 43.43
N GLU D 321 -10.73 -12.01 44.08
CA GLU D 321 -10.86 -11.50 45.44
C GLU D 321 -9.86 -10.39 45.69
N LEU D 322 -10.23 -9.46 46.57
CA LEU D 322 -9.39 -8.31 46.86
C LEU D 322 -7.89 -8.55 46.99
N GLN D 323 -7.49 -9.40 47.94
CA GLN D 323 -6.08 -9.64 48.17
C GLN D 323 -5.28 -10.08 46.95
N ALA D 324 -5.74 -11.10 46.25
CA ALA D 324 -5.03 -11.54 45.05
C ALA D 324 -5.02 -10.41 44.01
N THR D 325 -6.14 -9.70 43.91
CA THR D 325 -6.25 -8.59 42.97
C THR D 325 -5.25 -7.48 43.31
N LEU D 326 -5.12 -7.16 44.58
CA LEU D 326 -4.20 -6.14 45.05
C LEU D 326 -2.76 -6.53 44.74
N GLN D 327 -2.44 -7.81 44.92
CA GLN D 327 -1.10 -8.30 44.64
C GLN D 327 -0.77 -8.17 43.16
N MET D 328 -1.74 -8.43 42.30
CA MET D 328 -1.50 -8.32 40.88
C MET D 328 -1.35 -6.88 40.45
N LEU D 329 -2.18 -5.99 41.00
CA LEU D 329 -2.10 -4.59 40.65
C LEU D 329 -0.77 -4.03 41.11
N LYS D 330 -0.32 -4.47 42.29
CA LYS D 330 0.94 -4.00 42.82
C LYS D 330 2.07 -4.43 41.92
N THR D 331 2.11 -5.72 41.59
CA THR D 331 3.14 -6.28 40.74
C THR D 331 3.29 -5.48 39.45
N TYR D 332 2.19 -5.29 38.74
CA TYR D 332 2.24 -4.54 37.49
C TYR D 332 2.71 -3.10 37.74
N THR D 333 2.17 -2.48 38.78
CA THR D 333 2.53 -1.11 39.14
C THR D 333 4.04 -1.00 39.39
N LEU D 334 4.61 -2.05 39.96
CA LEU D 334 6.03 -2.08 40.25
C LEU D 334 6.88 -2.35 39.01
N ARG D 335 6.27 -2.89 37.97
CA ARG D 335 7.00 -3.14 36.73
C ARG D 335 6.94 -1.82 35.95
N LEU D 336 5.86 -1.08 36.17
CA LEU D 336 5.65 0.21 35.52
C LEU D 336 6.82 1.10 35.93
N ALA D 337 7.13 1.13 37.22
CA ALA D 337 8.21 1.95 37.76
C ALA D 337 9.61 1.43 37.41
N ALA D 338 9.77 0.11 37.42
CA ALA D 338 11.06 -0.50 37.12
C ALA D 338 11.56 -0.27 35.70
N ARG D 339 10.79 0.46 34.91
CA ARG D 339 11.15 0.73 33.52
C ARG D 339 11.66 2.16 33.30
N MET D 340 12.19 2.77 34.36
CA MET D 340 12.71 4.14 34.25
C MET D 340 13.83 4.41 35.27
N ASN D 341 14.81 5.21 34.85
CA ASN D 341 15.93 5.57 35.72
C ASN D 341 15.76 7.01 36.17
N ALA D 342 16.63 7.45 37.08
CA ALA D 342 16.57 8.83 37.56
C ALA D 342 16.91 9.66 36.33
N GLN D 343 17.23 8.95 35.27
CA GLN D 343 17.60 9.49 33.97
C GLN D 343 16.44 10.22 33.30
N ASP D 344 15.29 9.54 33.25
CA ASP D 344 14.07 10.03 32.61
C ASP D 344 13.51 11.35 33.16
N ALA D 345 12.67 11.99 32.34
CA ALA D 345 12.05 13.28 32.67
C ALA D 345 10.78 13.19 33.53
N CYS D 346 10.05 12.10 33.37
CA CYS D 346 8.81 11.90 34.13
C CYS D 346 9.07 11.13 35.42
N TYR D 347 10.33 10.74 35.62
CA TYR D 347 10.75 9.98 36.79
C TYR D 347 10.14 10.45 38.11
N ASP D 348 10.25 11.74 38.39
CA ASP D 348 9.71 12.31 39.63
C ASP D 348 8.19 12.22 39.72
N ARG D 349 7.50 12.67 38.69
CA ARG D 349 6.04 12.62 38.69
C ARG D 349 5.58 11.17 38.78
N ILE D 350 6.36 10.26 38.18
CA ILE D 350 6.05 8.83 38.19
C ILE D 350 6.28 8.19 39.55
N GLU D 351 7.51 8.31 40.04
CA GLU D 351 7.87 7.71 41.32
C GLU D 351 6.81 8.07 42.35
N HIS D 352 6.38 9.32 42.35
CA HIS D 352 5.36 9.75 43.29
C HIS D 352 4.06 8.98 43.00
N LEU D 353 3.53 9.16 41.80
CA LEU D 353 2.29 8.50 41.38
C LEU D 353 2.26 7.01 41.66
N VAL D 354 3.37 6.33 41.42
CA VAL D 354 3.46 4.90 41.67
C VAL D 354 3.24 4.68 43.17
N ASN D 355 3.84 5.55 43.98
CA ASN D 355 3.71 5.47 45.44
C ASN D 355 2.27 5.63 45.91
N ASP D 356 1.59 6.69 45.47
CA ASP D 356 0.21 6.93 45.86
C ASP D 356 -0.61 5.67 45.64
N ALA D 357 -0.42 5.03 44.49
CA ALA D 357 -1.15 3.82 44.14
C ALA D 357 -0.80 2.63 45.03
N ILE D 358 0.48 2.45 45.31
CA ILE D 358 0.91 1.36 46.16
C ILE D 358 0.43 1.53 47.61
N ARG D 359 0.37 2.77 48.08
CA ARG D 359 -0.08 3.04 49.45
C ARG D 359 -1.53 2.63 49.55
N ALA D 360 -2.31 3.06 48.55
CA ALA D 360 -3.72 2.75 48.48
C ALA D 360 -3.91 1.24 48.56
N MET D 361 -3.10 0.52 47.81
CA MET D 361 -3.15 -0.93 47.80
C MET D 361 -2.81 -1.48 49.17
N GLU D 362 -1.66 -1.06 49.71
CA GLU D 362 -1.23 -1.50 51.02
C GLU D 362 -2.24 -1.12 52.09
N SER D 363 -3.02 -0.08 51.83
CA SER D 363 -4.02 0.37 52.78
C SER D 363 -5.20 -0.59 52.95
N HIS D 364 -5.32 -1.56 52.04
CA HIS D 364 -6.40 -2.54 52.11
C HIS D 364 -5.87 -3.96 52.27
N GLN D 365 -4.54 -4.08 52.34
CA GLN D 365 -3.90 -5.37 52.51
C GLN D 365 -3.70 -5.70 53.98
CAO E5S E . -14.68 -34.94 -7.92
CAM E5S E . -16.06 -34.99 -7.21
CBB E5S E . -17.09 -34.27 -8.11
CAN E5S E . -17.16 -35.01 -9.49
CAP E5S E . -15.75 -34.89 -10.15
NBD E5S E . -14.79 -34.19 -9.23
CAT E5S E . -15.26 -32.78 -8.99
CBF E5S E . -16.67 -32.79 -8.34
OAC E5S E . -17.61 -32.15 -9.22
CAE E5S E . -16.59 -32.06 -7.04
CAD E5S E . -16.49 -31.38 -6.00
CAX E5S E . -16.29 -30.56 -4.83
CAK E5S E . -17.31 -29.66 -4.43
CAL E5S E . -17.14 -28.84 -3.28
CAY E5S E . -15.91 -28.93 -2.58
NBE E5S E . -15.64 -28.19 -1.49
CAS E5S E . -16.57 -27.29 -0.72
CAR E5S E . -14.33 -28.24 -0.76
CBA E5S E . -14.52 -27.22 0.34
OAB E5S E . -14.24 -25.88 -0.11
CBC E5S E . -15.95 -27.49 0.66
OAV E5S E . -16.42 -26.58 1.68
CAA E5S E . -17.62 -27.07 2.30
NAU E5S E . -14.97 -29.80 -2.99
CAZ E5S E . -15.08 -30.61 -4.07
CAQ E5S E . -14.01 -31.49 -4.36
CAW E5S E . -14.05 -32.59 -3.47
CAI E5S E . -13.40 -32.53 -2.20
CAG E5S E . -13.46 -33.64 -1.30
CAF E5S E . -14.17 -34.82 -1.65
CAH E5S E . -14.82 -34.87 -2.91
CAJ E5S E . -14.76 -33.79 -3.81
CAO E5S F . 16.03 -2.57 -19.53
CAM E5S F . 16.19 -1.72 -18.24
CBB E5S F . 17.69 -1.35 -18.11
CAN E5S F . 18.13 -0.57 -19.38
CAP E5S F . 18.00 -1.53 -20.60
NBD E5S F . 17.36 -2.82 -20.18
CAT E5S F . 18.29 -3.54 -19.22
CBF E5S F . 18.54 -2.65 -17.97
OAC E5S F . 19.93 -2.27 -17.89
CAE E5S F . 18.15 -3.44 -16.76
CAD E5S F . 17.89 -4.13 -15.77
CAX E5S F . 17.60 -5.00 -14.63
CAK E5S F . 18.44 -4.91 -13.49
CAL E5S F . 18.20 -5.73 -12.35
CAY E5S F . 17.11 -6.64 -12.40
NBE E5S F . 16.82 -7.46 -11.37
CAS E5S F . 17.41 -7.50 -9.99
CAR E5S F . 15.69 -8.47 -11.43
CBA E5S F . 15.79 -9.16 -10.08
OAB E5S F . 16.75 -10.28 -10.09
CBC E5S F . 16.17 -7.97 -9.25
OAV E5S F . 16.38 -8.34 -7.87
CAA E5S F . 15.94 -7.29 -7.00
NAU E5S F . 16.32 -6.69 -13.51
CAZ E5S F . 16.51 -5.93 -14.62
CAQ E5S F . 15.58 -6.08 -15.70
CAW E5S F . 14.36 -5.46 -15.36
CAI E5S F . 13.33 -6.19 -14.73
CAG E5S F . 12.11 -5.56 -14.38
CAF E5S F . 11.90 -4.19 -14.66
CAH E5S F . 12.92 -3.45 -15.31
CAJ E5S F . 14.14 -4.09 -15.65
CAO E5S G . 1.13 31.92 -7.06
CAM E5S G . 1.67 30.81 -7.97
CBB E5S G . 2.53 29.84 -7.09
CAN E5S G . 1.63 29.26 -5.96
CAP E5S G . 1.20 30.45 -5.06
NBD E5S G . 1.65 31.76 -5.64
CAT E5S G . 3.16 31.80 -5.62
CBF E5S G . 3.72 30.62 -6.45
OAC E5S G . 4.48 29.73 -5.61
CAE E5S G . 4.60 31.18 -7.51
CAD E5S G . 5.35 31.66 -8.34
CAX E5S G . 6.26 32.26 -9.27
CAK E5S G . 7.43 31.56 -9.60
CAL E5S G . 8.35 32.09 -10.51
CAY E5S G . 8.05 33.36 -11.11
NBE E5S G . 8.89 33.94 -11.97
CAS E5S G . 10.10 33.33 -12.62
CAR E5S G . 8.64 35.29 -12.59
CBA E5S G . 9.88 35.47 -13.46
OAB E5S G . 11.02 35.99 -12.67
CBC E5S G . 10.02 34.06 -13.94
OAV E5S G . 11.17 33.90 -14.77
CAA E5S G . 10.82 33.20 -15.97
NAU E5S G . 6.94 34.01 -10.77
CAZ E5S G . 6.01 33.54 -9.90
CAQ E5S G . 4.85 34.33 -9.66
CAW E5S G . 4.03 34.35 -10.82
CAI E5S G . 4.07 35.45 -11.72
CAG E5S G . 3.25 35.47 -12.88
CAF E5S G . 2.38 34.38 -13.17
CAH E5S G . 2.34 33.28 -12.28
CAJ E5S G . 3.16 33.27 -11.11
CAO E5S H . -18.63 0.25 24.77
CAM E5S H . -19.40 1.12 25.79
CBB E5S H . -18.78 2.56 25.76
CAN E5S H . -18.92 3.13 24.33
CAP E5S H . -18.11 2.22 23.36
NBD E5S H . -17.52 1.04 24.11
CAT E5S H . -16.55 1.55 25.15
CBF E5S H . -17.27 2.49 26.15
OAC E5S H . -16.71 3.81 26.07
CAE E5S H . -17.12 1.92 27.50
CAD E5S H . -16.94 1.43 28.60
CAX E5S H . -16.69 0.83 29.89
CAK E5S H . -16.25 1.67 30.94
CAL E5S H . -16.00 1.13 32.23
CAY E5S H . -16.19 -0.27 32.42
NBE E5S H . -15.97 -0.86 33.60
CAS E5S H . -15.63 -0.21 34.92
CAR E5S H . -16.15 -2.33 33.84
CBA E5S H . -15.78 -2.49 35.31
OAB E5S H . -14.35 -2.67 35.49
CBC E5S H . -16.37 -1.18 35.81
OAV E5S H . -16.14 -1.01 37.22
CAA E5S H . -17.37 -0.73 37.87
NAU E5S H . -16.61 -1.04 31.39
CAZ E5S H . -16.88 -0.57 30.14
CAQ E5S H . -17.33 -1.50 29.16
CAW E5S H . -18.63 -1.95 29.48
CAI E5S H . -18.83 -3.13 30.25
CAG E5S H . -20.15 -3.56 30.57
CAF E5S H . -21.29 -2.84 30.13
CAH E5S H . -21.08 -1.67 29.35
CAJ E5S H . -19.78 -1.22 29.03
#